data_1YQ9
#
_entry.id   1YQ9
#
_cell.length_a   62.750
_cell.length_b   93.440
_cell.length_c   69.030
_cell.angle_alpha   89.33
_cell.angle_beta   102.41
_cell.angle_gamma   90.95
#
_symmetry.space_group_name_H-M   'P 1'
#
loop_
_entity.id
_entity.type
_entity.pdbx_description
1 polymer 'Periplasmic [NiFe] hydrogenase small subunit'
2 polymer 'Periplasmic [NiFe] hydrogenase large subunit'
3 non-polymer 'IRON/SULFUR CLUSTER'
4 non-polymer 'FE3-S4 CLUSTER'
5 non-polymer 'HYDROSULFURIC ACID'
6 non-polymer GLYCEROL
7 non-polymer 'NICKEL (II) ION'
8 non-polymer 'MAGNESIUM ION'
9 non-polymer 'CARBONMONOXIDE-(DICYANO) IRON'
10 non-polymer 'PEROXIDE ION'
11 water water
#
loop_
_entity_poly.entity_id
_entity_poly.type
_entity_poly.pdbx_seq_one_letter_code
_entity_poly.pdbx_strand_id
1 'polypeptide(L)'
;LTAKKRPSVVYLHNAECTGCSESVLRTVDPYVDELILDVISMDYHETLMAGAGHAVEEALHEAIKGDFVCVIEGGIPMGD
GGYWGKVGGRNMYDICAEVAPKAKAVIAIGTCATYGGVQAAKPNPTGTVGVNEALGKLGVKAINIAGCPPNPMNFVGTVV
HLLTKGMPELDKQGRPVMFFGETVHDNCPRLKHFEAGEFATSFGSPEAKKGYCLYELGCKGPDTYNNCPKQLFNQVNWPV
QAGHPCIACSEPNFWDLYSPFYSA
;
A,B
2 'polypeptide(L)'
;MSEMQGNKIVVDPITRIEGHLRIEVEVEGGKIKNAWSMSTLFRGLEMILKGRDPRDAQHFTQRACGVCTYVHALASVRAV
DNCVGVKIPENATLMRNLTMGAQYMHDHLVHFYHLHALDWVNVANALNADPAKAARLANDLSPRKTTTESLKAVQAKVKA
LVESGQLGIFTNAYFLGGHPAYVLPAEVDLIATAHYLEALRVQVKAARAMAIFGAKNPHTQFTVVGGCTNYDSLRPERIA
EFRKLYKEVREFIEQVYITDLLAVAGFYKNWAGIGKTSNFLTCGEFPTDEYDLNSRYTPQGVIWGNDLSKVDDFNPDLIE
EHVKYSWYEGADAHHPYKGVTKPKWTEFHGEDRYSWMKAPRYKGEAFEVGPLASVLVAYAKKHEPTVKAVDLVLKTLGVG
PEALFSTLGRTAARGIQCLTAAQEVEVWLDKLEANVKAGKDDLYTDWQYPTESQGVGFVNAPRGMLSHWIVQRGGKIENF
QLVVPSTWNLGPRCAEGKLSAVEQALIGTPIADPKRPVEILRTVHSYDPCIACGVH
;
H,I
#
loop_
_chem_comp.id
_chem_comp.type
_chem_comp.name
_chem_comp.formula
F3S non-polymer 'FE3-S4 CLUSTER' 'Fe3 S4'
FCO non-polymer 'CARBONMONOXIDE-(DICYANO) IRON' 'C3 Fe N2 O'
GOL non-polymer GLYCEROL 'C3 H8 O3'
H2S non-polymer 'HYDROSULFURIC ACID' 'H2 S'
MG non-polymer 'MAGNESIUM ION' 'Mg 2'
NI non-polymer 'NICKEL (II) ION' 'Ni 2'
PER non-polymer 'PEROXIDE ION' 'O2 -2'
SF4 non-polymer 'IRON/SULFUR CLUSTER' 'Fe4 S4'
#
# COMPACT_ATOMS: atom_id res chain seq x y z
N LYS A 4 15.91 -34.52 14.80
CA LYS A 4 14.92 -34.24 13.73
C LYS A 4 13.88 -33.23 14.21
N LYS A 5 14.38 -32.21 14.92
CA LYS A 5 13.53 -31.32 15.67
C LYS A 5 12.97 -30.12 14.89
N ARG A 6 13.80 -29.50 14.05
CA ARG A 6 13.36 -28.28 13.36
C ARG A 6 12.46 -28.59 12.16
N PRO A 7 11.47 -27.73 11.93
CA PRO A 7 10.59 -27.87 10.77
C PRO A 7 11.37 -27.87 9.45
N SER A 8 11.02 -28.80 8.58
CA SER A 8 11.73 -29.00 7.33
C SER A 8 11.24 -28.03 6.26
N VAL A 9 12.19 -27.45 5.52
CA VAL A 9 11.91 -26.52 4.42
C VAL A 9 12.64 -27.02 3.17
N VAL A 10 11.92 -27.14 2.06
CA VAL A 10 12.52 -27.51 0.79
C VAL A 10 12.40 -26.32 -0.16
N TYR A 11 13.53 -25.94 -0.76
CA TYR A 11 13.64 -24.69 -1.50
C TYR A 11 14.06 -24.98 -2.94
N LEU A 12 13.20 -24.64 -3.88
CA LEU A 12 13.43 -24.97 -5.30
C LEU A 12 13.78 -23.73 -6.11
N HIS A 13 14.74 -23.86 -7.03
CA HIS A 13 15.11 -22.77 -7.94
C HIS A 13 14.67 -23.08 -9.36
N ASN A 14 13.87 -22.20 -9.96
CA ASN A 14 13.40 -22.38 -11.33
C ASN A 14 13.94 -21.34 -12.32
N ALA A 15 13.06 -20.61 -12.98
CA ALA A 15 13.53 -19.56 -13.88
C ALA A 15 13.71 -18.27 -13.09
N GLU A 16 14.93 -18.04 -12.61
CA GLU A 16 15.20 -16.97 -11.65
C GLU A 16 16.57 -16.36 -11.83
N CYS A 17 16.78 -15.22 -11.17
CA CYS A 17 18.10 -14.56 -11.18
C CYS A 17 18.81 -14.79 -9.87
N THR A 18 18.14 -15.44 -8.93
CA THR A 18 18.73 -15.76 -7.62
C THR A 18 18.79 -14.54 -6.68
N GLY A 19 18.20 -13.43 -7.10
CA GLY A 19 18.12 -12.25 -6.23
C GLY A 19 17.22 -12.49 -5.03
N CYS A 20 16.25 -13.38 -5.22
CA CYS A 20 15.38 -13.73 -4.10
C CYS A 20 16.15 -14.54 -3.02
N SER A 21 16.91 -15.57 -3.43
CA SER A 21 17.79 -16.28 -2.49
C SER A 21 18.70 -15.30 -1.77
N GLU A 22 19.35 -14.41 -2.52
CA GLU A 22 20.20 -13.38 -1.91
C GLU A 22 19.44 -12.51 -0.91
N SER A 23 18.18 -12.18 -1.18
CA SER A 23 17.48 -11.29 -0.25
C SER A 23 17.30 -12.00 1.11
N VAL A 24 17.03 -13.31 1.05
CA VAL A 24 16.92 -14.11 2.26
C VAL A 24 18.19 -14.05 3.13
N LEU A 25 19.35 -14.03 2.47
CA LEU A 25 20.63 -13.93 3.17
C LEU A 25 20.74 -12.60 3.90
N ARG A 26 19.93 -11.63 3.53
CA ARG A 26 20.00 -10.31 4.18
C ARG A 26 19.16 -10.20 5.45
N THR A 27 18.48 -11.28 5.82
CA THR A 27 17.62 -11.25 7.01
C THR A 27 18.38 -10.91 8.30
N VAL A 28 17.71 -10.19 9.18
CA VAL A 28 18.23 -9.80 10.48
C VAL A 28 17.17 -10.14 11.52
N ASP A 29 17.59 -10.62 12.69
CA ASP A 29 16.65 -10.95 13.77
C ASP A 29 15.42 -11.70 13.26
N PRO A 30 15.60 -12.95 12.85
CA PRO A 30 16.89 -13.63 12.94
C PRO A 30 17.81 -13.38 11.75
N TYR A 31 19.11 -13.60 11.95
CA TYR A 31 20.09 -13.65 10.87
C TYR A 31 20.02 -15.03 10.21
N VAL A 32 20.59 -15.14 9.02
CA VAL A 32 20.45 -16.37 8.25
C VAL A 32 21.00 -17.63 8.97
N ASP A 33 22.08 -17.46 9.75
CA ASP A 33 22.61 -18.59 10.52
C ASP A 33 21.63 -19.06 11.58
N GLU A 34 21.04 -18.09 12.30
CA GLU A 34 19.99 -18.42 13.26
C GLU A 34 18.81 -19.08 12.55
N LEU A 35 18.41 -18.55 11.40
CA LEU A 35 17.29 -19.10 10.68
C LEU A 35 17.48 -20.60 10.41
N ILE A 36 18.65 -20.98 9.91
CA ILE A 36 18.83 -22.36 9.43
C ILE A 36 19.50 -23.31 10.43
N LEU A 37 19.98 -22.75 11.55
CA LEU A 37 20.50 -23.57 12.63
C LEU A 37 19.49 -23.76 13.78
N ASP A 38 18.61 -22.77 13.98
CA ASP A 38 17.74 -22.75 15.16
C ASP A 38 16.23 -22.70 14.86
N VAL A 39 15.85 -22.15 13.70
CA VAL A 39 14.44 -21.92 13.41
C VAL A 39 13.86 -23.01 12.51
N ILE A 40 14.47 -23.18 11.34
CA ILE A 40 14.05 -24.23 10.41
C ILE A 40 15.20 -25.13 10.07
N SER A 41 14.90 -26.21 9.36
CA SER A 41 15.93 -27.05 8.77
C SER A 41 15.84 -26.90 7.24
N MET A 42 16.90 -26.33 6.66
CA MET A 42 16.98 -26.11 5.22
C MET A 42 17.44 -27.41 4.56
N ASP A 43 16.48 -28.22 4.13
CA ASP A 43 16.80 -29.57 3.71
C ASP A 43 17.16 -29.68 2.23
N TYR A 44 16.88 -28.63 1.47
CA TYR A 44 17.27 -28.58 0.06
C TYR A 44 17.38 -27.12 -0.35
N HIS A 45 18.55 -26.75 -0.87
CA HIS A 45 18.77 -25.42 -1.39
C HIS A 45 20.06 -25.43 -2.23
N GLU A 46 19.90 -25.40 -3.55
CA GLU A 46 21.01 -25.61 -4.49
C GLU A 46 22.20 -24.65 -4.34
N THR A 47 21.93 -23.41 -4.00
CA THR A 47 22.98 -22.40 -3.86
C THR A 47 23.99 -22.69 -2.75
N LEU A 48 23.58 -23.48 -1.75
CA LEU A 48 24.30 -23.50 -0.49
C LEU A 48 24.86 -24.89 -0.19
N MET A 49 24.21 -25.91 -0.75
CA MET A 49 24.56 -27.28 -0.40
C MET A 49 25.95 -27.78 -0.75
N ALA A 50 26.53 -28.52 0.22
CA ALA A 50 27.91 -29.03 0.12
C ALA A 50 28.07 -30.12 -0.92
N GLY A 51 27.11 -31.04 -0.98
CA GLY A 51 27.20 -32.09 -1.98
C GLY A 51 26.73 -31.53 -3.30
N ALA A 52 26.79 -32.35 -4.36
CA ALA A 52 26.25 -31.98 -5.67
C ALA A 52 25.70 -33.17 -6.46
N GLY A 53 25.13 -32.92 -7.63
CA GLY A 53 24.74 -34.00 -8.52
C GLY A 53 23.80 -34.96 -7.83
N HIS A 54 24.06 -36.25 -7.99
CA HIS A 54 23.17 -37.29 -7.49
C HIS A 54 22.93 -37.18 -5.96
N ALA A 55 23.92 -36.68 -5.24
CA ALA A 55 23.85 -36.68 -3.77
C ALA A 55 22.74 -35.78 -3.25
N VAL A 56 22.56 -34.61 -3.85
CA VAL A 56 21.52 -33.69 -3.42
C VAL A 56 20.13 -34.09 -3.95
N GLU A 57 20.07 -34.67 -5.14
CA GLU A 57 18.78 -35.19 -5.64
C GLU A 57 18.22 -36.31 -4.75
N GLU A 58 19.10 -37.16 -4.23
CA GLU A 58 18.72 -38.12 -3.18
C GLU A 58 18.23 -37.42 -1.90
N ALA A 59 18.90 -36.34 -1.50
CA ALA A 59 18.47 -35.59 -0.31
C ALA A 59 17.03 -35.05 -0.50
N LEU A 60 16.76 -34.50 -1.68
CA LEU A 60 15.42 -33.99 -2.00
C LEU A 60 14.38 -35.12 -1.96
N HIS A 61 14.70 -36.24 -2.60
CA HIS A 61 13.80 -37.39 -2.56
C HIS A 61 13.39 -37.79 -1.12
N GLU A 62 14.35 -37.81 -0.20
CA GLU A 62 14.02 -38.21 1.17
C GLU A 62 13.20 -37.14 1.87
N ALA A 63 13.58 -35.88 1.65
CA ALA A 63 12.99 -34.77 2.37
C ALA A 63 11.49 -34.61 2.07
N ILE A 64 11.09 -34.83 0.82
CA ILE A 64 9.69 -34.69 0.45
C ILE A 64 8.81 -35.88 0.87
N LYS A 65 9.36 -36.83 1.62
CA LYS A 65 8.52 -37.87 2.21
C LYS A 65 7.89 -37.41 3.53
N GLY A 66 8.47 -36.38 4.14
CA GLY A 66 8.02 -35.95 5.45
C GLY A 66 7.03 -34.81 5.41
N ASP A 67 6.90 -34.12 6.55
CA ASP A 67 6.10 -32.93 6.69
C ASP A 67 7.02 -31.77 6.41
N PHE A 68 6.73 -30.99 5.37
CA PHE A 68 7.65 -29.92 4.99
C PHE A 68 6.93 -28.74 4.36
N VAL A 69 7.57 -27.57 4.41
CA VAL A 69 7.10 -26.41 3.69
C VAL A 69 7.94 -26.24 2.43
N CYS A 70 7.28 -25.98 1.30
CA CYS A 70 7.93 -25.83 0.01
C CYS A 70 8.08 -24.36 -0.34
N VAL A 71 9.29 -23.95 -0.72
CA VAL A 71 9.54 -22.57 -1.14
C VAL A 71 10.00 -22.60 -2.62
N ILE A 72 9.33 -21.84 -3.48
CA ILE A 72 9.66 -21.82 -4.89
C ILE A 72 10.13 -20.44 -5.32
N GLU A 73 11.33 -20.38 -5.90
CA GLU A 73 11.90 -19.15 -6.45
C GLU A 73 11.89 -19.24 -7.99
N GLY A 74 11.45 -18.18 -8.66
CA GLY A 74 11.54 -18.13 -10.11
C GLY A 74 10.29 -18.65 -10.77
N GLY A 75 10.09 -18.28 -12.02
CA GLY A 75 8.91 -18.69 -12.76
C GLY A 75 9.05 -20.13 -13.21
N ILE A 76 7.96 -20.70 -13.70
CA ILE A 76 7.97 -22.05 -14.26
C ILE A 76 7.72 -22.01 -15.77
N PRO A 77 8.73 -22.33 -16.57
CA PRO A 77 8.56 -22.33 -18.03
C PRO A 77 7.60 -23.44 -18.47
N MET A 78 6.60 -23.09 -19.27
CA MET A 78 5.66 -24.08 -19.76
C MET A 78 5.50 -24.03 -21.27
N GLY A 79 6.13 -23.04 -21.91
CA GLY A 79 6.05 -22.92 -23.34
C GLY A 79 6.57 -24.15 -24.05
N ASP A 80 5.88 -24.57 -25.10
CA ASP A 80 6.37 -25.62 -25.98
C ASP A 80 6.83 -26.92 -25.29
N GLY A 81 6.24 -27.26 -24.15
CA GLY A 81 6.61 -28.48 -23.46
C GLY A 81 7.48 -28.28 -22.23
N GLY A 82 8.02 -27.08 -22.06
CA GLY A 82 8.72 -26.70 -20.84
C GLY A 82 10.20 -27.04 -20.71
N TYR A 83 10.88 -27.34 -21.82
CA TYR A 83 12.30 -27.72 -21.80
C TYR A 83 13.26 -26.55 -21.56
N TRP A 84 12.74 -25.33 -21.57
CA TRP A 84 13.55 -24.11 -21.43
C TRP A 84 14.35 -24.07 -20.13
N GLY A 85 13.82 -24.73 -19.10
CA GLY A 85 14.47 -24.82 -17.80
C GLY A 85 14.52 -26.27 -17.31
N LYS A 86 15.73 -26.79 -17.12
CA LYS A 86 15.94 -28.17 -16.67
C LYS A 86 16.90 -28.24 -15.46
N VAL A 87 16.65 -29.18 -14.55
CA VAL A 87 17.57 -29.51 -13.45
C VAL A 87 17.79 -31.03 -13.43
N GLY A 88 19.05 -31.46 -13.49
CA GLY A 88 19.31 -32.89 -13.64
C GLY A 88 18.53 -33.57 -14.76
N GLY A 89 18.30 -32.86 -15.87
CA GLY A 89 17.62 -33.48 -16.99
C GLY A 89 16.10 -33.33 -16.94
N ARG A 90 15.58 -32.96 -15.77
CA ARG A 90 14.13 -32.84 -15.61
C ARG A 90 13.64 -31.44 -15.94
N ASN A 91 12.52 -31.32 -16.66
CA ASN A 91 11.89 -29.99 -16.81
C ASN A 91 11.45 -29.44 -15.45
N MET A 92 11.66 -28.15 -15.22
CA MET A 92 11.31 -27.57 -13.93
C MET A 92 9.84 -27.80 -13.52
N TYR A 93 8.92 -27.81 -14.50
CA TYR A 93 7.51 -28.08 -14.22
C TYR A 93 7.34 -29.41 -13.51
N ASP A 94 8.01 -30.44 -14.01
CA ASP A 94 7.89 -31.78 -13.44
C ASP A 94 8.43 -31.84 -12.02
N ILE A 95 9.54 -31.15 -11.75
CA ILE A 95 10.07 -31.09 -10.41
C ILE A 95 9.06 -30.47 -9.44
N CYS A 96 8.54 -29.30 -9.79
CA CYS A 96 7.56 -28.60 -8.96
C CYS A 96 6.25 -29.39 -8.79
N ALA A 97 5.80 -30.03 -9.87
CA ALA A 97 4.59 -30.83 -9.84
C ALA A 97 4.73 -32.00 -8.89
N GLU A 98 5.96 -32.48 -8.74
CA GLU A 98 6.21 -33.58 -7.82
C GLU A 98 6.28 -33.08 -6.37
N VAL A 99 7.01 -32.00 -6.15
CA VAL A 99 7.30 -31.54 -4.80
C VAL A 99 6.17 -30.72 -4.16
N ALA A 100 5.73 -29.67 -4.84
CA ALA A 100 4.77 -28.71 -4.25
C ALA A 100 3.47 -29.30 -3.65
N PRO A 101 2.77 -30.18 -4.37
CA PRO A 101 1.54 -30.78 -3.83
C PRO A 101 1.75 -31.62 -2.56
N LYS A 102 2.98 -31.96 -2.24
CA LYS A 102 3.26 -32.79 -1.08
C LYS A 102 3.46 -31.93 0.18
N ALA A 103 3.80 -30.67 0.01
CA ALA A 103 4.08 -29.79 1.15
C ALA A 103 2.84 -29.49 1.99
N LYS A 104 3.07 -29.16 3.25
CA LYS A 104 2.00 -28.73 4.14
C LYS A 104 1.60 -27.30 3.79
N ALA A 105 2.53 -26.59 3.16
CA ALA A 105 2.29 -25.21 2.71
C ALA A 105 3.35 -24.85 1.67
N VAL A 106 2.96 -24.00 0.71
CA VAL A 106 3.85 -23.55 -0.34
C VAL A 106 4.02 -22.03 -0.32
N ILE A 107 5.27 -21.59 -0.42
CA ILE A 107 5.52 -20.16 -0.55
C ILE A 107 6.17 -19.85 -1.90
N ALA A 108 5.55 -18.96 -2.64
CA ALA A 108 6.15 -18.44 -3.86
C ALA A 108 6.94 -17.17 -3.50
N ILE A 109 8.25 -17.20 -3.64
CA ILE A 109 9.03 -16.03 -3.28
C ILE A 109 9.48 -15.24 -4.49
N GLY A 110 9.16 -13.96 -4.48
CA GLY A 110 9.49 -13.08 -5.58
C GLY A 110 8.47 -13.08 -6.68
N THR A 111 8.38 -11.92 -7.36
CA THR A 111 7.43 -11.72 -8.43
C THR A 111 7.50 -12.77 -9.56
N CYS A 112 8.68 -13.34 -9.80
CA CYS A 112 8.79 -14.38 -10.82
C CYS A 112 7.93 -15.58 -10.40
N ALA A 113 8.11 -16.03 -9.18
CA ALA A 113 7.39 -17.20 -8.68
C ALA A 113 5.90 -16.92 -8.49
N THR A 114 5.55 -15.70 -8.06
CA THR A 114 4.15 -15.34 -7.86
C THR A 114 3.38 -15.15 -9.14
N TYR A 115 3.90 -14.34 -10.05
CA TYR A 115 3.12 -13.92 -11.23
C TYR A 115 3.77 -14.23 -12.60
N GLY A 116 5.05 -14.55 -12.61
CA GLY A 116 5.73 -14.88 -13.87
C GLY A 116 7.04 -14.12 -14.04
N GLY A 117 7.02 -12.85 -13.63
CA GLY A 117 8.25 -12.07 -13.57
C GLY A 117 8.86 -11.63 -14.89
N VAL A 118 10.17 -11.33 -14.82
CA VAL A 118 10.89 -10.69 -15.90
C VAL A 118 10.86 -11.47 -17.21
N GLN A 119 11.05 -12.79 -17.14
CA GLN A 119 11.04 -13.61 -18.36
C GLN A 119 9.64 -13.80 -18.96
N ALA A 120 8.61 -13.43 -18.20
CA ALA A 120 7.21 -13.59 -18.66
C ALA A 120 6.73 -12.32 -19.38
N ALA A 121 7.61 -11.33 -19.41
CA ALA A 121 7.37 -10.06 -20.10
C ALA A 121 7.37 -10.31 -21.59
N LYS A 122 6.64 -9.50 -22.35
CA LYS A 122 6.52 -9.73 -23.79
C LYS A 122 7.89 -9.78 -24.46
N PRO A 123 8.04 -10.69 -25.42
CA PRO A 123 6.96 -11.60 -25.83
C PRO A 123 6.99 -12.97 -25.15
N ASN A 124 7.61 -13.07 -23.97
CA ASN A 124 7.59 -14.33 -23.23
C ASN A 124 7.94 -15.59 -24.02
N PRO A 125 9.14 -15.66 -24.58
CA PRO A 125 9.51 -16.81 -25.42
C PRO A 125 9.50 -18.18 -24.76
N THR A 126 9.69 -18.26 -23.44
CA THR A 126 9.70 -19.57 -22.77
C THR A 126 8.32 -20.00 -22.24
N GLY A 127 7.34 -19.12 -22.37
CA GLY A 127 5.99 -19.40 -21.87
C GLY A 127 5.97 -19.60 -20.36
N THR A 128 6.68 -18.72 -19.65
CA THR A 128 6.85 -18.86 -18.21
C THR A 128 5.65 -18.29 -17.47
N VAL A 129 5.18 -18.98 -16.45
CA VAL A 129 4.05 -18.52 -15.67
C VAL A 129 4.43 -18.66 -14.20
N GLY A 130 3.58 -18.12 -13.33
CA GLY A 130 3.78 -18.26 -11.89
C GLY A 130 3.24 -19.57 -11.30
N VAL A 131 3.51 -19.75 -10.02
CA VAL A 131 3.22 -20.97 -9.30
C VAL A 131 1.76 -21.36 -9.29
N ASN A 132 0.88 -20.46 -8.85
CA ASN A 132 -0.51 -20.84 -8.74
C ASN A 132 -1.10 -21.06 -10.13
N GLU A 133 -0.59 -20.34 -11.13
CA GLU A 133 -1.08 -20.58 -12.49
C GLU A 133 -0.64 -21.93 -13.04
N ALA A 134 0.58 -22.35 -12.71
CA ALA A 134 1.09 -23.64 -13.20
C ALA A 134 0.54 -24.82 -12.43
N LEU A 135 0.40 -24.67 -11.11
CA LEU A 135 0.15 -25.81 -10.23
C LEU A 135 -1.21 -25.76 -9.53
N GLY A 136 -2.00 -24.75 -9.83
CA GLY A 136 -3.32 -24.64 -9.23
C GLY A 136 -4.19 -25.87 -9.47
N LYS A 137 -4.09 -26.45 -10.67
CA LYS A 137 -4.91 -27.62 -10.99
C LYS A 137 -4.50 -28.83 -10.16
N LEU A 138 -3.33 -28.78 -9.56
CA LEU A 138 -2.88 -29.91 -8.76
C LEU A 138 -3.27 -29.74 -7.31
N GLY A 139 -3.93 -28.64 -6.99
CA GLY A 139 -4.35 -28.37 -5.62
C GLY A 139 -3.42 -27.45 -4.85
N VAL A 140 -2.34 -26.99 -5.49
CA VAL A 140 -1.41 -26.05 -4.85
C VAL A 140 -2.03 -24.67 -4.69
N LYS A 141 -1.96 -24.13 -3.48
CA LYS A 141 -2.41 -22.76 -3.24
C LYS A 141 -1.32 -21.97 -2.51
N ALA A 142 -0.46 -21.33 -3.27
CA ALA A 142 0.75 -20.74 -2.69
C ALA A 142 0.50 -19.36 -2.09
N ILE A 143 1.21 -19.07 -1.02
CA ILE A 143 1.31 -17.72 -0.50
C ILE A 143 2.29 -16.92 -1.37
N ASN A 144 1.84 -15.81 -1.92
CA ASN A 144 2.68 -14.98 -2.80
C ASN A 144 3.44 -13.87 -2.07
N ILE A 145 4.75 -14.08 -1.88
CA ILE A 145 5.60 -13.02 -1.35
C ILE A 145 6.21 -12.22 -2.51
N ALA A 146 5.52 -11.14 -2.90
CA ALA A 146 5.87 -10.41 -4.12
C ALA A 146 6.94 -9.33 -3.87
N GLY A 147 7.57 -8.87 -4.95
CA GLY A 147 8.75 -8.01 -4.84
C GLY A 147 9.87 -8.60 -5.69
N CYS A 148 10.82 -7.77 -6.09
CA CYS A 148 11.84 -8.19 -7.06
C CYS A 148 13.21 -7.63 -6.64
N PRO A 149 13.77 -8.12 -5.53
CA PRO A 149 13.13 -9.16 -4.71
C PRO A 149 12.32 -8.59 -3.55
N PRO A 150 11.58 -9.42 -2.80
CA PRO A 150 10.80 -8.92 -1.67
C PRO A 150 11.69 -8.51 -0.52
N ASN A 151 11.10 -7.80 0.42
CA ASN A 151 11.76 -7.50 1.66
C ASN A 151 11.96 -8.80 2.43
N PRO A 152 13.19 -9.06 2.87
CA PRO A 152 13.49 -10.30 3.59
C PRO A 152 12.49 -10.55 4.76
N MET A 153 12.03 -9.49 5.40
CA MET A 153 11.07 -9.61 6.49
C MET A 153 9.73 -10.16 6.04
N ASN A 154 9.33 -9.87 4.81
CA ASN A 154 8.06 -10.42 4.31
C ASN A 154 8.13 -11.94 4.07
N PHE A 155 9.32 -12.46 3.81
CA PHE A 155 9.45 -13.89 3.61
C PHE A 155 9.61 -14.57 4.95
N VAL A 156 10.58 -14.11 5.73
CA VAL A 156 10.86 -14.76 7.01
C VAL A 156 9.69 -14.58 7.98
N GLY A 157 9.09 -13.39 7.98
CA GLY A 157 7.92 -13.16 8.81
C GLY A 157 6.81 -14.14 8.45
N THR A 158 6.68 -14.46 7.16
CA THR A 158 5.64 -15.37 6.73
C THR A 158 5.94 -16.81 7.17
N VAL A 159 7.19 -17.23 7.04
CA VAL A 159 7.56 -18.55 7.55
C VAL A 159 7.29 -18.66 9.06
N VAL A 160 7.75 -17.70 9.84
CA VAL A 160 7.46 -17.71 11.27
C VAL A 160 5.95 -17.82 11.53
N HIS A 161 5.17 -16.95 10.90
CA HIS A 161 3.71 -16.96 11.04
C HIS A 161 3.11 -18.35 10.76
N LEU A 162 3.58 -18.98 9.68
CA LEU A 162 3.09 -20.29 9.29
C LEU A 162 3.38 -21.31 10.38
N LEU A 163 4.56 -21.19 10.98
CA LEU A 163 5.03 -22.16 11.97
C LEU A 163 4.28 -22.02 13.29
N THR A 164 3.85 -20.81 13.62
CA THR A 164 3.31 -20.54 14.94
C THR A 164 1.82 -20.23 14.97
N LYS A 165 1.31 -19.60 13.92
CA LYS A 165 -0.10 -19.19 13.88
C LYS A 165 -0.92 -19.83 12.76
N GLY A 166 -0.26 -20.36 11.74
CA GLY A 166 -0.99 -20.92 10.61
C GLY A 166 -0.95 -20.07 9.35
N MET A 167 -1.93 -20.29 8.47
CA MET A 167 -2.06 -19.53 7.24
C MET A 167 -2.52 -18.10 7.52
N PRO A 168 -1.73 -17.13 7.09
CA PRO A 168 -2.12 -15.73 7.19
C PRO A 168 -3.24 -15.34 6.19
N GLU A 169 -3.92 -14.23 6.44
CA GLU A 169 -4.94 -13.72 5.53
C GLU A 169 -4.29 -13.11 4.30
N LEU A 170 -4.82 -13.45 3.11
CA LEU A 170 -4.25 -12.97 1.85
C LEU A 170 -5.17 -12.00 1.13
N ASP A 171 -4.59 -11.14 0.30
CA ASP A 171 -5.37 -10.27 -0.59
C ASP A 171 -5.76 -11.03 -1.86
N LYS A 172 -6.35 -10.32 -2.81
CA LYS A 172 -6.82 -10.96 -4.03
C LYS A 172 -5.70 -11.58 -4.87
N GLN A 173 -4.49 -11.03 -4.75
CA GLN A 173 -3.35 -11.56 -5.51
C GLN A 173 -2.51 -12.55 -4.70
N GLY A 174 -3.05 -13.03 -3.58
CA GLY A 174 -2.38 -14.01 -2.76
C GLY A 174 -1.31 -13.50 -1.81
N ARG A 175 -1.22 -12.19 -1.63
CA ARG A 175 -0.19 -11.62 -0.75
C ARG A 175 -0.69 -11.41 0.67
N PRO A 176 0.15 -11.78 1.66
CA PRO A 176 -0.19 -11.57 3.06
C PRO A 176 -0.54 -10.11 3.37
N VAL A 177 -1.78 -9.89 3.77
CA VAL A 177 -2.28 -8.57 4.06
C VAL A 177 -1.47 -7.86 5.16
N MET A 178 -0.81 -8.63 6.02
CA MET A 178 -0.06 -8.02 7.12
C MET A 178 1.16 -7.26 6.63
N PHE A 179 1.56 -7.49 5.38
CA PHE A 179 2.74 -6.86 4.79
C PHE A 179 2.39 -6.07 3.54
N PHE A 180 1.36 -6.51 2.81
CA PHE A 180 1.03 -5.92 1.53
C PHE A 180 -0.30 -5.16 1.53
N GLY A 181 -0.83 -4.85 2.73
CA GLY A 181 -2.13 -4.18 2.88
C GLY A 181 -2.27 -2.72 2.43
N GLU A 182 -1.16 -1.99 2.33
CA GLU A 182 -1.19 -0.61 1.85
C GLU A 182 -0.20 -0.35 0.73
N THR A 183 -0.45 0.69 -0.06
CA THR A 183 0.46 1.08 -1.13
C THR A 183 1.71 1.73 -0.57
N VAL A 184 2.75 1.76 -1.39
CA VAL A 184 3.98 2.43 -1.03
C VAL A 184 3.67 3.92 -0.78
N HIS A 185 2.83 4.45 -1.66
CA HIS A 185 2.43 5.84 -1.67
C HIS A 185 1.76 6.25 -0.35
N ASP A 186 0.88 5.40 0.19
CA ASP A 186 0.21 5.71 1.47
C ASP A 186 1.20 6.01 2.59
N ASN A 187 2.41 5.49 2.50
CA ASN A 187 3.36 5.64 3.60
C ASN A 187 4.62 6.41 3.22
N CYS A 188 4.58 7.02 2.03
CA CYS A 188 5.74 7.73 1.52
C CYS A 188 5.89 9.10 2.18
N PRO A 189 7.09 9.40 2.66
CA PRO A 189 7.41 10.72 3.25
C PRO A 189 7.23 11.89 2.27
N ARG A 190 7.25 11.62 0.97
CA ARG A 190 7.01 12.67 -0.01
C ARG A 190 5.50 12.88 -0.32
N LEU A 191 4.62 12.20 0.41
CA LEU A 191 3.17 12.31 0.19
C LEU A 191 2.68 13.75 0.35
N LYS A 192 3.28 14.47 1.29
CA LYS A 192 2.92 15.86 1.52
C LYS A 192 3.19 16.71 0.28
N HIS A 193 4.28 16.43 -0.42
CA HIS A 193 4.60 17.16 -1.65
C HIS A 193 3.58 16.83 -2.74
N PHE A 194 3.28 15.54 -2.88
CA PHE A 194 2.35 15.06 -3.92
C PHE A 194 1.01 15.77 -3.79
N GLU A 195 0.45 15.79 -2.58
CA GLU A 195 -0.86 16.40 -2.37
C GLU A 195 -0.83 17.90 -2.61
N ALA A 196 0.32 18.51 -2.31
CA ALA A 196 0.53 19.94 -2.52
C ALA A 196 0.87 20.32 -3.97
N GLY A 197 1.16 19.32 -4.80
CA GLY A 197 1.51 19.59 -6.20
C GLY A 197 2.98 19.97 -6.36
N GLU A 198 3.83 19.49 -5.45
CA GLU A 198 5.25 19.82 -5.49
C GLU A 198 6.08 18.67 -6.08
N PHE A 199 6.34 18.77 -7.37
CA PHE A 199 6.97 17.69 -8.12
C PHE A 199 8.33 18.06 -8.67
N ALA A 200 9.25 17.11 -8.73
CA ALA A 200 10.46 17.30 -9.52
C ALA A 200 10.15 17.01 -10.99
N THR A 201 10.52 17.91 -11.90
CA THR A 201 10.31 17.63 -13.32
C THR A 201 11.56 17.11 -14.05
N SER A 202 12.70 17.11 -13.36
CA SER A 202 13.90 16.53 -13.94
C SER A 202 14.81 16.12 -12.79
N PHE A 203 15.68 15.15 -13.03
CA PHE A 203 16.52 14.60 -11.96
C PHE A 203 17.59 15.57 -11.47
N GLY A 204 17.84 16.63 -12.24
CA GLY A 204 18.89 17.60 -11.92
C GLY A 204 18.38 18.94 -11.38
N SER A 205 17.05 19.09 -11.33
CA SER A 205 16.45 20.34 -10.89
C SER A 205 16.59 20.56 -9.41
N PRO A 206 16.51 21.82 -8.98
CA PRO A 206 16.50 22.16 -7.56
C PRO A 206 15.42 21.39 -6.80
N GLU A 207 14.29 21.13 -7.45
CA GLU A 207 13.18 20.40 -6.84
C GLU A 207 13.54 18.95 -6.49
N ALA A 208 14.27 18.29 -7.38
CA ALA A 208 14.78 16.95 -7.06
C ALA A 208 15.78 17.01 -5.91
N LYS A 209 16.68 18.00 -5.92
CA LYS A 209 17.64 18.14 -4.84
C LYS A 209 16.94 18.38 -3.51
N LYS A 210 15.82 19.10 -3.55
CA LYS A 210 14.95 19.31 -2.37
C LYS A 210 14.12 18.08 -1.95
N GLY A 211 14.12 17.01 -2.72
CA GLY A 211 13.32 15.84 -2.36
C GLY A 211 11.81 15.97 -2.61
N TYR A 212 11.43 16.62 -3.72
CA TYR A 212 10.02 16.72 -4.10
C TYR A 212 9.53 15.40 -4.66
N CYS A 213 8.21 15.24 -4.72
CA CYS A 213 7.60 14.00 -5.18
C CYS A 213 8.04 13.66 -6.61
N LEU A 214 8.21 12.37 -6.87
CA LEU A 214 8.75 11.89 -8.14
C LEU A 214 7.64 11.41 -9.09
N TYR A 215 6.40 11.70 -8.77
CA TYR A 215 5.29 11.19 -9.58
C TYR A 215 5.42 11.52 -11.06
N GLU A 216 5.83 12.73 -11.38
CA GLU A 216 5.93 13.16 -12.77
C GLU A 216 7.15 12.57 -13.46
N LEU A 217 8.06 12.00 -12.69
CA LEU A 217 9.20 11.29 -13.27
C LEU A 217 8.97 9.77 -13.38
N GLY A 218 7.72 9.30 -13.16
CA GLY A 218 7.38 7.90 -13.40
C GLY A 218 6.95 7.06 -12.20
N CYS A 219 7.14 7.58 -10.99
CA CYS A 219 6.89 6.82 -9.77
C CYS A 219 5.55 6.09 -9.75
N LYS A 220 5.58 4.78 -9.51
CA LYS A 220 4.34 4.00 -9.52
C LYS A 220 3.85 3.66 -8.10
N GLY A 221 4.39 4.35 -7.10
CA GLY A 221 3.98 4.15 -5.73
C GLY A 221 2.47 4.09 -5.50
N PRO A 222 1.72 5.00 -6.14
CA PRO A 222 0.27 5.07 -5.93
C PRO A 222 -0.46 3.78 -6.31
N ASP A 223 0.16 2.92 -7.11
CA ASP A 223 -0.50 1.69 -7.56
C ASP A 223 0.17 0.43 -7.03
N THR A 224 1.07 0.59 -6.06
CA THR A 224 1.97 -0.49 -5.68
C THR A 224 1.83 -0.90 -4.22
N TYR A 225 1.48 -2.16 -3.97
CA TYR A 225 1.31 -2.66 -2.60
C TYR A 225 2.58 -3.31 -2.04
N ASN A 226 3.21 -2.65 -1.05
CA ASN A 226 4.43 -3.15 -0.43
C ASN A 226 4.71 -2.33 0.86
N ASN A 227 5.70 -2.70 1.65
CA ASN A 227 5.97 -1.95 2.90
C ASN A 227 7.33 -1.26 2.92
N CYS A 228 7.81 -0.88 1.75
CA CYS A 228 9.14 -0.33 1.56
C CYS A 228 9.47 0.89 2.44
N PRO A 229 8.59 1.88 2.46
CA PRO A 229 8.85 3.12 3.21
C PRO A 229 9.01 2.92 4.72
N LYS A 230 8.19 2.06 5.31
CA LYS A 230 8.24 1.87 6.77
C LYS A 230 9.28 0.85 7.19
N GLN A 231 9.44 -0.19 6.38
CA GLN A 231 10.39 -1.26 6.71
C GLN A 231 11.82 -0.91 6.30
N LEU A 232 11.97 -0.25 5.16
CA LEU A 232 13.28 0.02 4.56
C LEU A 232 13.92 -1.31 4.09
N PHE A 233 14.97 -1.20 3.29
CA PHE A 233 15.78 -2.34 2.92
C PHE A 233 17.15 -2.26 3.60
N ASN A 234 17.73 -3.39 3.98
CA ASN A 234 19.07 -3.39 4.57
C ASN A 234 19.15 -2.44 5.79
N GLN A 235 17.98 -2.12 6.33
CA GLN A 235 17.87 -1.30 7.54
C GLN A 235 18.30 0.14 7.30
N VAL A 236 18.45 0.55 6.03
CA VAL A 236 18.96 1.90 5.78
C VAL A 236 18.26 2.75 4.71
N ASN A 237 17.59 2.14 3.74
CA ASN A 237 17.20 2.92 2.57
C ASN A 237 16.03 2.31 1.79
N TRP A 238 15.51 3.06 0.84
CA TRP A 238 14.57 2.52 -0.15
C TRP A 238 14.59 3.45 -1.37
N PRO A 239 14.12 2.95 -2.51
CA PRO A 239 14.27 3.67 -3.80
C PRO A 239 13.93 5.16 -3.77
N VAL A 240 12.75 5.53 -3.28
CA VAL A 240 12.34 6.93 -3.27
C VAL A 240 13.22 7.78 -2.34
N GLN A 241 13.61 7.23 -1.19
CA GLN A 241 14.57 7.94 -0.36
C GLN A 241 15.87 8.20 -1.13
N ALA A 242 16.21 7.28 -2.04
CA ALA A 242 17.43 7.45 -2.83
C ALA A 242 17.14 8.22 -4.11
N GLY A 243 16.00 8.89 -4.15
CA GLY A 243 15.69 9.80 -5.25
C GLY A 243 15.14 9.17 -6.52
N HIS A 244 14.93 7.86 -6.52
CA HIS A 244 14.48 7.18 -7.72
C HIS A 244 13.02 6.76 -7.59
N PRO A 245 12.25 6.92 -8.65
CA PRO A 245 10.87 6.43 -8.67
C PRO A 245 10.72 4.92 -8.40
N CYS A 246 9.63 4.54 -7.74
CA CYS A 246 9.21 3.16 -7.61
C CYS A 246 8.79 2.65 -8.98
N ILE A 247 9.20 1.43 -9.32
CA ILE A 247 8.85 0.83 -10.62
C ILE A 247 7.78 -0.26 -10.49
N ALA A 248 7.13 -0.33 -9.32
CA ALA A 248 5.99 -1.26 -9.10
C ALA A 248 6.37 -2.75 -9.02
N CYS A 249 7.52 -3.04 -8.39
CA CYS A 249 8.11 -4.38 -8.56
C CYS A 249 7.36 -5.52 -7.86
N SER A 250 6.34 -5.18 -7.06
CA SER A 250 5.56 -6.21 -6.37
C SER A 250 4.18 -6.41 -7.00
N GLU A 251 3.96 -5.79 -8.16
CA GLU A 251 2.66 -5.90 -8.86
C GLU A 251 2.71 -6.92 -10.01
N PRO A 252 1.64 -7.70 -10.17
CA PRO A 252 1.55 -8.66 -11.28
C PRO A 252 1.79 -7.97 -12.62
N ASN A 253 2.67 -8.53 -13.45
CA ASN A 253 2.94 -8.02 -14.80
C ASN A 253 3.53 -6.61 -14.85
N PHE A 254 4.26 -6.21 -13.81
CA PHE A 254 4.73 -4.83 -13.73
C PHE A 254 5.63 -4.47 -14.92
N TRP A 255 6.37 -5.45 -15.41
CA TRP A 255 7.30 -5.22 -16.52
C TRP A 255 6.64 -4.58 -17.75
N ASP A 256 5.39 -4.95 -18.03
CA ASP A 256 4.67 -4.37 -19.17
C ASP A 256 3.62 -3.35 -18.77
N LEU A 257 3.07 -3.49 -17.57
CA LEU A 257 1.93 -2.68 -17.18
C LEU A 257 2.38 -1.34 -16.60
N TYR A 258 3.61 -1.27 -16.12
CA TYR A 258 4.06 -0.05 -15.45
C TYR A 258 5.28 0.62 -16.11
N SER A 259 5.73 0.10 -17.24
CA SER A 259 6.77 0.74 -18.03
C SER A 259 6.06 1.33 -19.25
N PRO A 260 6.61 2.36 -19.89
CA PRO A 260 7.90 2.99 -19.55
C PRO A 260 8.04 3.46 -18.11
N PHE A 261 9.17 3.14 -17.50
CA PHE A 261 9.31 3.40 -16.08
C PHE A 261 9.35 4.88 -15.72
N TYR A 262 9.87 5.72 -16.62
CA TYR A 262 10.03 7.16 -16.32
C TYR A 262 8.90 8.08 -16.82
N SER A 263 7.76 7.52 -17.16
CA SER A 263 6.60 8.37 -17.39
C SER A 263 5.43 7.87 -16.56
N ALA A 264 4.56 8.80 -16.19
CA ALA A 264 3.42 8.47 -15.35
C ALA A 264 2.45 7.58 -16.14
N ASN B 7 34.34 -43.66 -20.21
CA ASN B 7 33.78 -43.59 -18.84
C ASN B 7 33.23 -42.19 -18.55
N LYS B 8 31.94 -42.11 -18.26
CA LYS B 8 31.23 -40.84 -18.16
C LYS B 8 30.88 -40.46 -16.73
N ILE B 9 31.20 -39.24 -16.33
CA ILE B 9 30.72 -38.70 -15.08
C ILE B 9 29.83 -37.49 -15.36
N VAL B 10 28.71 -37.40 -14.66
CA VAL B 10 27.84 -36.26 -14.81
C VAL B 10 27.50 -35.66 -13.46
N VAL B 11 27.67 -34.34 -13.36
CA VAL B 11 27.31 -33.62 -12.15
C VAL B 11 26.23 -32.61 -12.49
N ASP B 12 25.00 -32.91 -12.06
CA ASP B 12 23.82 -32.11 -12.41
C ASP B 12 22.76 -32.35 -11.33
N PRO B 13 22.48 -31.37 -10.48
CA PRO B 13 22.98 -30.01 -10.60
C PRO B 13 24.31 -29.71 -9.92
N ILE B 14 25.08 -28.82 -10.52
CA ILE B 14 26.19 -28.19 -9.84
C ILE B 14 25.62 -27.21 -8.82
N THR B 15 26.00 -27.37 -7.56
CA THR B 15 25.48 -26.54 -6.49
C THR B 15 26.53 -25.52 -6.14
N ARG B 16 26.20 -24.65 -5.19
CA ARG B 16 27.10 -23.56 -4.78
C ARG B 16 27.59 -22.68 -5.94
N ILE B 17 26.72 -22.47 -6.93
CA ILE B 17 26.92 -21.46 -7.98
C ILE B 17 25.59 -20.73 -8.10
N GLU B 18 25.53 -19.74 -8.98
CA GLU B 18 24.25 -19.18 -9.40
C GLU B 18 23.78 -19.92 -10.63
N GLY B 19 22.56 -20.42 -10.61
CA GLY B 19 21.94 -20.90 -11.83
C GLY B 19 22.09 -22.38 -12.12
N HIS B 20 21.74 -22.76 -13.35
CA HIS B 20 21.56 -24.15 -13.70
C HIS B 20 22.61 -24.70 -14.64
N LEU B 21 23.60 -25.36 -14.03
CA LEU B 21 24.72 -25.94 -14.75
C LEU B 21 24.80 -27.47 -14.63
N ARG B 22 25.15 -28.10 -15.74
CA ARG B 22 25.38 -29.52 -15.74
C ARG B 22 26.78 -29.73 -16.32
N ILE B 23 27.63 -30.50 -15.62
CA ILE B 23 28.92 -30.88 -16.18
C ILE B 23 28.94 -32.34 -16.63
N GLU B 24 29.32 -32.57 -17.89
CA GLU B 24 29.61 -33.93 -18.34
C GLU B 24 31.09 -34.07 -18.65
N VAL B 25 31.74 -35.09 -18.09
CA VAL B 25 33.15 -35.33 -18.35
C VAL B 25 33.41 -36.79 -18.72
N GLU B 26 34.46 -36.99 -19.52
CA GLU B 26 34.96 -38.31 -19.90
C GLU B 26 36.25 -38.55 -19.12
N VAL B 27 36.37 -39.74 -18.57
CA VAL B 27 37.52 -40.07 -17.74
C VAL B 27 38.22 -41.32 -18.26
N GLU B 28 39.54 -41.33 -18.11
CA GLU B 28 40.37 -42.44 -18.56
C GLU B 28 41.60 -42.43 -17.67
N GLY B 29 41.92 -43.57 -17.07
CA GLY B 29 43.05 -43.63 -16.15
C GLY B 29 42.90 -42.74 -14.93
N GLY B 30 41.66 -42.41 -14.58
CA GLY B 30 41.42 -41.58 -13.41
C GLY B 30 41.73 -40.10 -13.61
N LYS B 31 41.72 -39.64 -14.86
CA LYS B 31 41.86 -38.21 -15.17
C LYS B 31 40.84 -37.83 -16.23
N ILE B 32 40.35 -36.59 -16.19
CA ILE B 32 39.38 -36.13 -17.17
C ILE B 32 40.03 -35.99 -18.55
N LYS B 33 39.44 -36.62 -19.56
CA LYS B 33 40.02 -36.51 -20.90
C LYS B 33 39.24 -35.60 -21.86
N ASN B 34 38.00 -35.29 -21.50
CA ASN B 34 37.20 -34.38 -22.30
C ASN B 34 36.08 -33.82 -21.44
N ALA B 35 35.44 -32.74 -21.87
CA ALA B 35 34.49 -32.06 -21.00
C ALA B 35 33.49 -31.24 -21.78
N TRP B 36 32.30 -31.11 -21.21
CA TRP B 36 31.24 -30.29 -21.80
C TRP B 36 30.57 -29.47 -20.70
N SER B 37 30.48 -28.17 -20.93
CA SER B 37 29.85 -27.24 -20.00
C SER B 37 28.43 -26.98 -20.49
N MET B 38 27.44 -27.48 -19.75
CA MET B 38 26.05 -27.45 -20.21
C MET B 38 25.16 -26.55 -19.35
N SER B 39 24.76 -25.40 -19.88
CA SER B 39 23.86 -24.48 -19.18
C SER B 39 22.43 -24.82 -19.57
N THR B 40 21.57 -25.01 -18.58
CA THR B 40 20.25 -25.56 -18.87
C THR B 40 19.00 -24.70 -18.56
N LEU B 41 19.17 -23.39 -18.38
CA LEU B 41 18.03 -22.45 -18.37
C LEU B 41 18.22 -21.33 -19.37
N PHE B 42 17.19 -21.07 -20.16
CA PHE B 42 17.14 -19.90 -21.04
C PHE B 42 15.96 -19.02 -20.66
N ARG B 43 16.18 -17.71 -20.64
CA ARG B 43 15.14 -16.73 -20.29
C ARG B 43 14.79 -15.79 -21.47
N GLY B 44 15.82 -15.31 -22.16
CA GLY B 44 15.64 -14.49 -23.36
C GLY B 44 15.43 -12.99 -23.13
N LEU B 45 16.22 -12.39 -22.24
CA LEU B 45 16.12 -10.97 -21.96
C LEU B 45 16.34 -10.08 -23.20
N GLU B 46 17.27 -10.46 -24.07
CA GLU B 46 17.49 -9.70 -25.30
C GLU B 46 16.24 -9.68 -26.19
N MET B 47 15.52 -10.80 -26.26
CA MET B 47 14.28 -10.84 -27.03
C MET B 47 13.22 -9.90 -26.44
N ILE B 48 13.18 -9.86 -25.11
CA ILE B 48 12.21 -9.03 -24.41
C ILE B 48 12.49 -7.53 -24.58
N LEU B 49 13.77 -7.17 -24.67
CA LEU B 49 14.17 -5.77 -24.79
C LEU B 49 13.82 -5.10 -26.14
N LYS B 50 13.73 -5.90 -27.19
CA LYS B 50 13.54 -5.36 -28.54
C LYS B 50 12.32 -4.46 -28.66
N GLY B 51 12.53 -3.27 -29.21
CA GLY B 51 11.44 -2.33 -29.42
C GLY B 51 11.09 -1.51 -28.20
N ARG B 52 11.77 -1.71 -27.07
CA ARG B 52 11.40 -1.00 -25.84
C ARG B 52 12.14 0.33 -25.72
N ASP B 53 11.80 1.11 -24.69
CA ASP B 53 12.44 2.39 -24.38
C ASP B 53 13.85 2.13 -23.82
N PRO B 54 14.88 2.72 -24.41
CA PRO B 54 16.26 2.58 -23.90
C PRO B 54 16.40 2.84 -22.38
N ARG B 55 15.60 3.76 -21.84
CA ARG B 55 15.62 4.06 -20.41
C ARG B 55 15.10 2.90 -19.53
N ASP B 56 14.27 2.03 -20.09
CA ASP B 56 13.79 0.88 -19.35
C ASP B 56 14.89 -0.20 -19.25
N ALA B 57 15.87 -0.15 -20.16
CA ALA B 57 16.83 -1.25 -20.30
C ALA B 57 17.50 -1.66 -18.99
N GLN B 58 18.08 -0.70 -18.27
CA GLN B 58 18.80 -1.02 -17.03
C GLN B 58 17.92 -1.78 -16.02
N HIS B 59 16.61 -1.57 -16.07
CA HIS B 59 15.75 -2.22 -15.11
C HIS B 59 15.54 -3.70 -15.46
N PHE B 60 15.38 -3.99 -16.75
CA PHE B 60 15.25 -5.37 -17.19
C PHE B 60 16.61 -6.07 -17.05
N THR B 61 17.68 -5.46 -17.55
CA THR B 61 18.98 -6.15 -17.55
C THR B 61 19.54 -6.35 -16.15
N GLN B 62 19.22 -5.48 -15.18
CA GLN B 62 19.67 -5.79 -13.82
C GLN B 62 19.17 -7.18 -13.41
N ARG B 63 17.99 -7.57 -13.88
CA ARG B 63 17.45 -8.86 -13.53
C ARG B 63 18.06 -10.05 -14.29
N ALA B 64 19.07 -9.79 -15.12
CA ALA B 64 19.94 -10.86 -15.61
C ALA B 64 20.47 -11.71 -14.44
N CYS B 65 20.77 -11.05 -13.31
CA CYS B 65 21.32 -11.76 -12.16
C CYS B 65 21.23 -10.97 -10.85
N GLY B 66 20.80 -11.64 -9.78
CA GLY B 66 20.70 -11.01 -8.47
C GLY B 66 21.89 -11.23 -7.55
N VAL B 67 22.85 -12.05 -8.01
CA VAL B 67 24.10 -12.24 -7.27
C VAL B 67 25.10 -11.13 -7.61
N CYS B 68 25.42 -10.97 -8.90
CA CYS B 68 26.11 -9.77 -9.31
C CYS B 68 25.04 -8.69 -9.59
N THR B 69 24.32 -8.30 -8.55
CA THR B 69 23.35 -7.24 -8.68
C THR B 69 24.11 -5.93 -8.97
N TYR B 70 23.40 -4.94 -9.51
CA TYR B 70 23.96 -3.64 -9.85
C TYR B 70 24.76 -3.64 -11.15
N VAL B 71 25.68 -4.60 -11.30
CA VAL B 71 26.61 -4.57 -12.44
C VAL B 71 25.94 -4.48 -13.82
N HIS B 72 24.83 -5.18 -14.04
CA HIS B 72 24.12 -5.01 -15.31
C HIS B 72 23.42 -3.66 -15.44
N ALA B 73 22.94 -3.11 -14.33
CA ALA B 73 22.38 -1.76 -14.43
C ALA B 73 23.49 -0.77 -14.83
N LEU B 74 24.65 -0.85 -14.18
CA LEU B 74 25.81 -0.05 -14.57
C LEU B 74 26.14 -0.19 -16.06
N ALA B 75 26.24 -1.42 -16.56
CA ALA B 75 26.61 -1.63 -17.95
C ALA B 75 25.60 -1.01 -18.89
N SER B 76 24.32 -1.06 -18.52
CA SER B 76 23.25 -0.50 -19.35
C SER B 76 23.25 1.03 -19.37
N VAL B 77 23.38 1.68 -18.21
CA VAL B 77 23.41 3.14 -18.25
C VAL B 77 24.70 3.66 -18.89
N ARG B 78 25.77 2.87 -18.76
CA ARG B 78 27.01 3.20 -19.48
C ARG B 78 26.82 3.10 -21.02
N ALA B 79 26.17 2.04 -21.48
CA ALA B 79 25.87 1.88 -22.91
C ALA B 79 24.91 2.96 -23.42
N VAL B 80 23.84 3.25 -22.68
CA VAL B 80 22.94 4.31 -23.10
C VAL B 80 23.56 5.72 -22.91
N ASP B 81 24.26 5.95 -21.79
CA ASP B 81 25.05 7.18 -21.65
C ASP B 81 25.88 7.38 -22.93
N ASN B 82 26.51 6.29 -23.39
CA ASN B 82 27.44 6.31 -24.52
C ASN B 82 26.77 6.58 -25.88
N CYS B 83 25.59 6.00 -26.10
CA CYS B 83 25.00 6.10 -27.43
C CYS B 83 24.35 7.47 -27.58
N VAL B 84 24.31 8.20 -26.48
CA VAL B 84 23.62 9.48 -26.40
C VAL B 84 24.65 10.62 -26.22
N GLY B 85 25.88 10.25 -25.87
CA GLY B 85 26.99 11.18 -25.81
C GLY B 85 27.03 12.06 -24.58
N VAL B 86 26.36 11.66 -23.51
CA VAL B 86 26.30 12.49 -22.31
C VAL B 86 27.55 12.31 -21.43
N LYS B 87 27.96 13.40 -20.79
CA LYS B 87 29.07 13.39 -19.83
C LYS B 87 28.51 13.60 -18.44
N ILE B 88 28.45 12.52 -17.66
CA ILE B 88 27.90 12.58 -16.31
C ILE B 88 28.89 13.31 -15.40
N PRO B 89 28.37 13.93 -14.34
CA PRO B 89 29.21 14.73 -13.46
C PRO B 89 30.15 13.87 -12.63
N GLU B 90 31.17 14.50 -12.03
CA GLU B 90 32.15 13.74 -11.26
C GLU B 90 31.54 12.97 -10.12
N ASN B 91 30.58 13.59 -9.42
CA ASN B 91 29.94 12.91 -8.30
C ASN B 91 29.19 11.63 -8.73
N ALA B 92 28.60 11.63 -9.93
CA ALA B 92 27.96 10.39 -10.41
C ALA B 92 29.01 9.30 -10.66
N THR B 93 30.13 9.67 -11.30
CA THR B 93 31.22 8.74 -11.51
C THR B 93 31.71 8.20 -10.17
N LEU B 94 32.00 9.09 -9.21
CA LEU B 94 32.40 8.64 -7.87
C LEU B 94 31.37 7.72 -7.22
N MET B 95 30.10 8.11 -7.23
CA MET B 95 29.06 7.30 -6.60
C MET B 95 28.98 5.91 -7.23
N ARG B 96 29.05 5.85 -8.56
CA ARG B 96 28.94 4.57 -9.25
C ARG B 96 30.12 3.65 -8.92
N ASN B 97 31.30 4.25 -8.75
CA ASN B 97 32.53 3.51 -8.47
C ASN B 97 32.46 2.98 -7.06
N LEU B 98 31.96 3.81 -6.14
CA LEU B 98 31.82 3.41 -4.74
C LEU B 98 30.92 2.20 -4.63
N THR B 99 29.83 2.21 -5.38
CA THR B 99 28.82 1.15 -5.30
C THR B 99 29.43 -0.14 -5.86
N MET B 100 30.22 -0.02 -6.92
CA MET B 100 30.91 -1.18 -7.49
C MET B 100 31.97 -1.74 -6.54
N GLY B 101 32.64 -0.87 -5.80
CA GLY B 101 33.63 -1.30 -4.84
C GLY B 101 32.99 -2.15 -3.76
N ALA B 102 31.87 -1.67 -3.22
CA ALA B 102 31.09 -2.41 -2.23
C ALA B 102 30.61 -3.77 -2.76
N GLN B 103 30.19 -3.81 -4.02
CA GLN B 103 29.82 -5.07 -4.66
C GLN B 103 31.00 -6.06 -4.71
N TYR B 104 32.18 -5.58 -5.09
CA TYR B 104 33.37 -6.45 -5.10
C TYR B 104 33.60 -7.03 -3.72
N MET B 105 33.49 -6.18 -2.70
CA MET B 105 33.71 -6.59 -1.34
C MET B 105 32.68 -7.62 -0.89
N HIS B 106 31.43 -7.38 -1.20
CA HIS B 106 30.38 -8.31 -0.82
C HIS B 106 30.50 -9.62 -1.63
N ASP B 107 30.66 -9.49 -2.94
CA ASP B 107 30.57 -10.65 -3.82
C ASP B 107 31.69 -11.67 -3.52
N HIS B 108 32.92 -11.19 -3.39
CA HIS B 108 34.03 -12.11 -3.23
C HIS B 108 34.07 -12.78 -1.86
N LEU B 109 33.68 -12.04 -0.82
CA LEU B 109 33.52 -12.64 0.50
C LEU B 109 32.53 -13.81 0.48
N VAL B 110 31.35 -13.59 -0.08
CA VAL B 110 30.35 -14.66 -0.08
C VAL B 110 30.84 -15.83 -0.96
N HIS B 111 31.50 -15.54 -2.07
CA HIS B 111 31.97 -16.64 -2.89
C HIS B 111 32.94 -17.55 -2.16
N PHE B 112 33.98 -16.97 -1.56
CA PHE B 112 35.00 -17.78 -0.90
C PHE B 112 34.43 -18.67 0.19
N TYR B 113 33.74 -18.07 1.15
CA TYR B 113 33.26 -18.84 2.29
C TYR B 113 32.08 -19.75 1.96
N HIS B 114 31.08 -19.18 1.31
CA HIS B 114 29.80 -19.86 1.20
C HIS B 114 29.61 -20.66 -0.09
N LEU B 115 30.33 -20.30 -1.14
CA LEU B 115 30.24 -21.06 -2.39
C LEU B 115 31.46 -21.97 -2.65
N HIS B 116 32.66 -21.53 -2.29
CA HIS B 116 33.87 -22.26 -2.65
C HIS B 116 34.45 -23.13 -1.52
N ALA B 117 34.55 -22.59 -0.32
CA ALA B 117 35.24 -23.27 0.78
C ALA B 117 34.84 -24.74 1.01
N LEU B 118 33.56 -25.06 0.83
CA LEU B 118 33.07 -26.41 1.13
C LEU B 118 33.65 -27.50 0.18
N ASP B 119 34.39 -27.07 -0.85
CA ASP B 119 35.15 -27.99 -1.70
C ASP B 119 36.47 -28.39 -1.05
N TRP B 120 36.90 -27.62 -0.06
CA TRP B 120 38.23 -27.79 0.53
C TRP B 120 38.18 -28.14 2.00
N VAL B 121 37.07 -27.76 2.64
CA VAL B 121 36.91 -27.86 4.08
C VAL B 121 35.95 -28.97 4.47
N ASN B 122 36.40 -29.86 5.35
CA ASN B 122 35.54 -30.91 5.88
C ASN B 122 34.92 -30.46 7.20
N VAL B 123 33.70 -29.92 7.13
CA VAL B 123 33.02 -29.38 8.31
C VAL B 123 32.87 -30.44 9.40
N ALA B 124 32.48 -31.66 9.03
CA ALA B 124 32.31 -32.73 10.01
C ALA B 124 33.61 -33.03 10.79
N ASN B 125 34.74 -33.02 10.10
CA ASN B 125 36.03 -33.23 10.76
C ASN B 125 36.35 -32.14 11.78
N ALA B 126 35.59 -31.05 11.75
CA ALA B 126 35.78 -29.97 12.71
C ALA B 126 35.46 -30.43 14.12
N LEU B 127 34.62 -31.45 14.23
CA LEU B 127 34.27 -31.99 15.54
C LEU B 127 35.45 -32.70 16.22
N ASN B 128 36.48 -33.01 15.43
CA ASN B 128 37.67 -33.68 15.95
C ASN B 128 38.78 -32.71 16.33
N ALA B 129 38.57 -31.41 16.08
CA ALA B 129 39.59 -30.41 16.38
C ALA B 129 39.76 -30.22 17.87
N ASP B 130 41.01 -30.00 18.28
CA ASP B 130 41.32 -29.52 19.63
C ASP B 130 41.19 -28.01 19.55
N PRO B 131 40.24 -27.44 20.28
CA PRO B 131 39.85 -26.02 20.09
C PRO B 131 40.93 -25.04 20.57
N ALA B 132 41.54 -25.33 21.70
CA ALA B 132 42.66 -24.53 22.20
C ALA B 132 43.77 -24.44 21.16
N LYS B 133 44.08 -25.57 20.52
CA LYS B 133 45.10 -25.62 19.47
C LYS B 133 44.65 -24.86 18.22
N ALA B 134 43.35 -24.93 17.92
CA ALA B 134 42.83 -24.22 16.76
C ALA B 134 42.90 -22.71 16.99
N ALA B 135 42.61 -22.29 18.22
CA ALA B 135 42.64 -20.86 18.55
C ALA B 135 44.05 -20.31 18.44
N ARG B 136 45.03 -21.09 18.90
CA ARG B 136 46.42 -20.66 18.82
C ARG B 136 46.84 -20.50 17.37
N LEU B 137 46.42 -21.43 16.53
CA LEU B 137 46.72 -21.36 15.11
C LEU B 137 46.04 -20.14 14.52
N ALA B 138 44.80 -19.90 14.92
CA ALA B 138 44.09 -18.71 14.46
C ALA B 138 44.89 -17.45 14.80
N ASN B 139 45.46 -17.41 16.00
CA ASN B 139 46.21 -16.23 16.43
C ASN B 139 47.53 -16.03 15.69
N ASP B 140 48.12 -17.10 15.18
CA ASP B 140 49.31 -16.98 14.34
C ASP B 140 48.92 -16.46 12.95
N LEU B 141 47.74 -16.82 12.47
CA LEU B 141 47.34 -16.49 11.09
C LEU B 141 46.91 -15.04 10.89
N SER B 142 46.29 -14.44 11.90
CA SER B 142 45.70 -13.11 11.77
C SER B 142 46.01 -12.22 12.97
N PRO B 143 45.94 -10.91 12.79
CA PRO B 143 46.21 -9.96 13.88
C PRO B 143 45.10 -9.86 14.94
N ARG B 144 43.85 -10.06 14.55
CA ARG B 144 42.79 -10.00 15.55
C ARG B 144 42.86 -11.22 16.48
N LYS B 145 42.33 -11.07 17.69
CA LYS B 145 42.44 -12.14 18.67
C LYS B 145 41.22 -13.07 18.68
N THR B 146 41.50 -14.37 18.69
CA THR B 146 40.48 -15.40 18.77
C THR B 146 40.61 -16.11 20.11
N THR B 147 39.48 -16.48 20.70
CA THR B 147 39.54 -17.24 21.96
C THR B 147 39.25 -18.72 21.73
N THR B 148 39.72 -19.54 22.66
CA THR B 148 39.41 -20.95 22.66
C THR B 148 37.90 -21.10 22.73
N GLU B 149 37.30 -20.30 23.61
CA GLU B 149 35.88 -20.34 23.93
C GLU B 149 34.94 -20.16 22.74
N SER B 150 35.27 -19.24 21.84
CA SER B 150 34.42 -19.01 20.67
C SER B 150 34.52 -20.18 19.69
N LEU B 151 35.67 -20.82 19.67
CA LEU B 151 35.86 -21.98 18.79
C LEU B 151 35.16 -23.22 19.34
N LYS B 152 35.05 -23.28 20.67
CA LYS B 152 34.34 -24.35 21.34
C LYS B 152 32.87 -24.23 21.01
N ALA B 153 32.39 -22.99 20.96
CA ALA B 153 30.98 -22.72 20.71
C ALA B 153 30.62 -23.17 19.30
N VAL B 154 31.47 -22.81 18.35
CA VAL B 154 31.27 -23.21 16.97
C VAL B 154 31.21 -24.73 16.92
N GLN B 155 32.17 -25.36 17.59
CA GLN B 155 32.22 -26.82 17.62
C GLN B 155 30.91 -27.38 18.18
N ALA B 156 30.41 -26.75 19.24
CA ALA B 156 29.13 -27.15 19.82
C ALA B 156 27.99 -27.05 18.82
N LYS B 157 27.97 -25.97 18.03
CA LYS B 157 26.92 -25.80 17.03
C LYS B 157 26.97 -26.89 15.96
N VAL B 158 28.15 -27.18 15.43
CA VAL B 158 28.26 -28.27 14.47
C VAL B 158 27.77 -29.57 15.11
N LYS B 159 28.08 -29.76 16.39
CA LYS B 159 27.66 -30.98 17.11
C LYS B 159 26.14 -31.15 17.18
N ALA B 160 25.44 -30.10 17.59
CA ALA B 160 23.98 -30.12 17.66
C ALA B 160 23.37 -30.52 16.32
N LEU B 161 24.00 -30.04 15.26
CA LEU B 161 23.52 -30.30 13.91
C LEU B 161 23.63 -31.77 13.58
N VAL B 162 24.82 -32.35 13.80
CA VAL B 162 25.10 -33.75 13.48
C VAL B 162 24.28 -34.71 14.34
N GLU B 163 24.22 -34.43 15.64
CA GLU B 163 23.43 -35.25 16.55
C GLU B 163 21.92 -35.14 16.29
N SER B 164 21.46 -34.01 15.76
CA SER B 164 20.04 -33.86 15.47
C SER B 164 19.62 -34.77 14.32
N GLY B 165 20.60 -35.29 13.59
CA GLY B 165 20.31 -36.04 12.37
C GLY B 165 19.80 -35.20 11.21
N GLN B 166 19.61 -33.90 11.40
CA GLN B 166 19.24 -33.02 10.29
C GLN B 166 20.46 -32.21 9.82
N LEU B 167 21.19 -32.75 8.86
CA LEU B 167 22.39 -32.08 8.38
C LEU B 167 22.07 -30.88 7.49
N GLY B 168 20.84 -30.82 6.98
CA GLY B 168 20.43 -29.69 6.16
C GLY B 168 21.23 -29.56 4.87
N ILE B 169 21.96 -28.45 4.75
CA ILE B 169 22.76 -28.20 3.55
C ILE B 169 24.03 -29.08 3.48
N PHE B 170 24.39 -29.69 4.61
CA PHE B 170 25.50 -30.66 4.67
C PHE B 170 25.07 -32.12 4.39
N THR B 171 23.80 -32.32 4.05
CA THR B 171 23.28 -33.65 3.78
C THR B 171 23.97 -34.29 2.56
N ASN B 172 24.52 -35.48 2.75
CA ASN B 172 25.22 -36.20 1.67
C ASN B 172 26.42 -35.46 1.09
N ALA B 173 27.05 -34.61 1.90
CA ALA B 173 28.30 -33.98 1.48
C ALA B 173 29.37 -34.99 1.03
N TYR B 174 30.16 -34.58 0.05
CA TYR B 174 31.23 -35.41 -0.48
C TYR B 174 32.26 -35.74 0.61
N PHE B 175 32.34 -34.91 1.65
CA PHE B 175 33.34 -35.17 2.69
C PHE B 175 32.87 -36.06 3.84
N LEU B 176 31.58 -36.41 3.85
CA LEU B 176 31.06 -37.27 4.91
C LEU B 176 31.68 -38.65 4.79
N GLY B 177 32.11 -39.21 5.91
CA GLY B 177 32.74 -40.52 5.91
C GLY B 177 34.14 -40.51 5.31
N GLY B 178 34.78 -39.34 5.36
CA GLY B 178 36.13 -39.17 4.85
C GLY B 178 36.14 -39.09 3.33
N HIS B 179 37.16 -38.41 2.79
CA HIS B 179 37.33 -38.29 1.35
C HIS B 179 38.80 -38.01 1.08
N PRO B 180 39.41 -38.82 0.22
CA PRO B 180 40.85 -38.75 -0.06
C PRO B 180 41.34 -37.38 -0.55
N ALA B 181 40.45 -36.57 -1.10
CA ALA B 181 40.82 -35.25 -1.62
C ALA B 181 40.73 -34.10 -0.59
N TYR B 182 40.06 -34.35 0.55
CA TYR B 182 40.02 -33.37 1.64
C TYR B 182 41.13 -33.68 2.63
N VAL B 183 42.14 -32.81 2.70
CA VAL B 183 43.34 -33.14 3.47
C VAL B 183 43.66 -32.15 4.59
N LEU B 184 42.75 -31.21 4.81
CA LEU B 184 42.93 -30.23 5.88
C LEU B 184 42.96 -30.90 7.24
N PRO B 185 43.87 -30.46 8.11
CA PRO B 185 43.88 -30.89 9.51
C PRO B 185 42.63 -30.38 10.21
N ALA B 186 42.15 -31.11 11.21
CA ALA B 186 40.91 -30.74 11.89
C ALA B 186 40.91 -29.28 12.41
N GLU B 187 42.02 -28.83 12.98
CA GLU B 187 42.13 -27.45 13.48
C GLU B 187 41.77 -26.40 12.41
N VAL B 188 42.28 -26.60 11.19
CA VAL B 188 42.00 -25.71 10.08
C VAL B 188 40.55 -25.80 9.61
N ASP B 189 40.00 -27.01 9.54
CA ASP B 189 38.57 -27.20 9.26
C ASP B 189 37.68 -26.41 10.25
N LEU B 190 38.08 -26.33 11.51
CA LEU B 190 37.31 -25.64 12.54
C LEU B 190 37.37 -24.11 12.38
N ILE B 191 38.57 -23.59 12.16
CA ILE B 191 38.77 -22.17 11.90
C ILE B 191 38.00 -21.71 10.65
N ALA B 192 38.03 -22.53 9.60
CA ALA B 192 37.33 -22.19 8.38
C ALA B 192 35.83 -22.16 8.65
N THR B 193 35.34 -23.14 9.42
CA THR B 193 33.92 -23.23 9.73
C THR B 193 33.44 -22.02 10.56
N ALA B 194 34.22 -21.67 11.58
CA ALA B 194 33.91 -20.51 12.41
C ALA B 194 33.84 -19.24 11.56
N HIS B 195 34.75 -19.12 10.60
CA HIS B 195 34.81 -17.92 9.79
C HIS B 195 33.69 -17.89 8.76
N TYR B 196 33.28 -19.10 8.34
CA TYR B 196 32.14 -19.30 7.42
C TYR B 196 30.89 -18.70 8.07
N LEU B 197 30.64 -19.07 9.32
CA LEU B 197 29.51 -18.53 10.07
C LEU B 197 29.61 -16.99 10.29
N GLU B 198 30.80 -16.53 10.66
CA GLU B 198 31.03 -15.09 10.85
C GLU B 198 30.80 -14.29 9.54
N ALA B 199 31.30 -14.80 8.42
CA ALA B 199 31.10 -14.14 7.14
C ALA B 199 29.60 -13.95 6.76
N LEU B 200 28.74 -14.82 7.26
CA LEU B 200 27.30 -14.64 7.03
C LEU B 200 26.77 -13.32 7.63
N ARG B 201 27.37 -12.89 8.74
CA ARG B 201 27.01 -11.61 9.34
C ARG B 201 27.77 -10.45 8.70
N VAL B 202 28.99 -10.70 8.26
CA VAL B 202 29.77 -9.64 7.64
C VAL B 202 29.14 -9.27 6.29
N GLN B 203 28.66 -10.25 5.54
CA GLN B 203 28.12 -9.95 4.23
C GLN B 203 26.92 -9.01 4.36
N VAL B 204 26.21 -9.10 5.48
CA VAL B 204 25.04 -8.26 5.74
C VAL B 204 25.46 -6.81 5.85
N LYS B 205 26.63 -6.56 6.44
CA LYS B 205 27.20 -5.21 6.52
C LYS B 205 27.71 -4.69 5.18
N ALA B 206 28.33 -5.54 4.36
CA ALA B 206 28.76 -5.14 3.01
C ALA B 206 27.57 -4.68 2.15
N ALA B 207 26.48 -5.45 2.16
CA ALA B 207 25.28 -5.12 1.40
C ALA B 207 24.56 -3.85 1.91
N ARG B 208 24.64 -3.59 3.21
CA ARG B 208 24.09 -2.36 3.79
C ARG B 208 24.88 -1.14 3.30
N ALA B 209 26.20 -1.25 3.31
CA ALA B 209 27.06 -0.18 2.79
C ALA B 209 26.63 0.13 1.36
N MET B 210 26.53 -0.91 0.54
CA MET B 210 26.10 -0.74 -0.84
C MET B 210 24.74 -0.02 -0.93
N ALA B 211 23.81 -0.37 -0.05
CA ALA B 211 22.45 0.20 -0.11
C ALA B 211 22.37 1.68 0.26
N ILE B 212 23.38 2.18 0.96
CA ILE B 212 23.38 3.60 1.33
C ILE B 212 23.43 4.45 0.07
N PHE B 213 24.26 4.07 -0.89
CA PHE B 213 24.23 4.73 -2.19
C PHE B 213 23.23 4.10 -3.16
N GLY B 214 23.06 2.78 -3.08
CA GLY B 214 22.28 2.05 -4.07
C GLY B 214 20.78 1.90 -3.81
N ALA B 215 20.29 2.43 -2.69
CA ALA B 215 18.87 2.34 -2.33
C ALA B 215 18.49 1.01 -1.66
N LYS B 216 19.00 -0.10 -2.22
CA LYS B 216 18.70 -1.43 -1.67
C LYS B 216 19.60 -2.47 -2.28
N ASN B 217 19.72 -3.60 -1.58
CA ASN B 217 20.45 -4.78 -2.06
C ASN B 217 19.69 -6.03 -1.58
N PRO B 218 19.37 -6.95 -2.49
CA PRO B 218 19.72 -6.89 -3.93
C PRO B 218 18.91 -5.93 -4.80
N HIS B 219 19.47 -5.62 -5.97
CA HIS B 219 18.85 -4.82 -7.03
C HIS B 219 18.74 -3.32 -6.73
N THR B 220 19.84 -2.61 -6.98
CA THR B 220 19.90 -1.19 -6.67
C THR B 220 18.92 -0.39 -7.52
N GLN B 221 18.70 0.86 -7.11
CA GLN B 221 17.77 1.73 -7.80
C GLN B 221 18.17 3.18 -7.58
N PHE B 222 19.31 3.57 -8.16
CA PHE B 222 19.84 4.93 -7.98
C PHE B 222 20.50 5.51 -9.25
N THR B 223 20.56 4.72 -10.33
CA THR B 223 21.24 5.17 -11.55
C THR B 223 20.21 5.56 -12.58
N VAL B 224 20.57 6.53 -13.43
CA VAL B 224 19.74 6.91 -14.54
C VAL B 224 20.71 7.28 -15.63
N VAL B 225 20.25 7.28 -16.88
CA VAL B 225 21.05 7.84 -17.97
C VAL B 225 21.37 9.28 -17.59
N GLY B 226 22.63 9.68 -17.68
CA GLY B 226 23.02 11.01 -17.24
C GLY B 226 23.60 11.11 -15.82
N GLY B 227 23.52 10.03 -15.04
CA GLY B 227 24.17 9.99 -13.73
C GLY B 227 23.41 9.22 -12.66
N CYS B 228 23.14 9.87 -11.53
CA CYS B 228 22.56 9.21 -10.35
C CYS B 228 21.49 10.11 -9.76
N THR B 229 20.65 9.56 -8.87
CA THR B 229 19.52 10.29 -8.30
C THR B 229 19.67 10.56 -6.80
N ASN B 230 20.65 9.93 -6.16
CA ASN B 230 20.69 9.84 -4.70
C ASN B 230 21.30 11.04 -3.96
N TYR B 231 20.60 12.17 -3.96
CA TYR B 231 21.09 13.36 -3.26
C TYR B 231 21.14 13.13 -1.75
N ASP B 232 20.18 12.36 -1.25
CA ASP B 232 20.09 12.06 0.18
C ASP B 232 21.39 11.48 0.73
N SER B 233 22.10 10.70 -0.08
CA SER B 233 23.31 10.02 0.36
C SER B 233 24.48 10.99 0.48
N LEU B 234 24.27 12.22 0.03
CA LEU B 234 25.32 13.22 0.05
C LEU B 234 25.46 13.89 1.43
N ARG B 235 24.57 13.54 2.37
CA ARG B 235 24.62 14.13 3.71
C ARG B 235 25.78 13.53 4.53
N PRO B 236 26.48 14.37 5.28
CA PRO B 236 27.61 13.95 6.12
C PRO B 236 27.28 12.67 6.89
N GLU B 237 26.08 12.62 7.43
CA GLU B 237 25.61 11.46 8.19
C GLU B 237 25.64 10.17 7.37
N ARG B 238 25.14 10.24 6.14
CA ARG B 238 25.08 9.03 5.33
C ARG B 238 26.48 8.62 4.93
N ILE B 239 27.30 9.61 4.59
CA ILE B 239 28.67 9.34 4.20
C ILE B 239 29.46 8.70 5.34
N ALA B 240 29.25 9.21 6.56
CA ALA B 240 29.90 8.66 7.73
C ALA B 240 29.43 7.23 8.00
N GLU B 241 28.15 6.96 7.71
CA GLU B 241 27.64 5.64 7.99
C GLU B 241 28.20 4.61 6.99
N PHE B 242 28.30 4.99 5.72
CA PHE B 242 29.01 4.18 4.74
C PHE B 242 30.44 3.91 5.22
N ARG B 243 31.13 4.96 5.66
CA ARG B 243 32.53 4.85 5.98
C ARG B 243 32.79 3.79 7.06
N LYS B 244 31.95 3.81 8.10
CA LYS B 244 32.09 2.90 9.23
C LYS B 244 31.85 1.43 8.87
N LEU B 245 30.78 1.16 8.13
CA LEU B 245 30.53 -0.20 7.64
C LEU B 245 31.69 -0.62 6.73
N TYR B 246 32.11 0.29 5.84
CA TYR B 246 33.16 -0.02 4.87
C TYR B 246 34.46 -0.42 5.56
N LYS B 247 34.77 0.20 6.70
CA LYS B 247 36.01 -0.14 7.43
C LYS B 247 35.93 -1.50 8.10
N GLU B 248 34.77 -1.85 8.65
CA GLU B 248 34.60 -3.16 9.27
C GLU B 248 34.77 -4.27 8.23
N VAL B 249 34.11 -4.12 7.08
CA VAL B 249 34.16 -5.16 6.06
C VAL B 249 35.57 -5.28 5.51
N ARG B 250 36.21 -4.13 5.32
CA ARG B 250 37.58 -4.09 4.85
C ARG B 250 38.53 -4.82 5.81
N GLU B 251 38.44 -4.52 7.10
CA GLU B 251 39.27 -5.20 8.10
C GLU B 251 39.07 -6.72 8.09
N PHE B 252 37.82 -7.16 7.93
CA PHE B 252 37.53 -8.59 7.92
C PHE B 252 38.18 -9.21 6.67
N ILE B 253 38.12 -8.49 5.55
CA ILE B 253 38.73 -8.98 4.33
C ILE B 253 40.22 -9.12 4.53
N GLU B 254 40.82 -8.05 5.06
CA GLU B 254 42.27 -8.01 5.24
C GLU B 254 42.74 -9.04 6.28
N GLN B 255 41.99 -9.21 7.35
CA GLN B 255 42.49 -9.93 8.51
C GLN B 255 41.99 -11.38 8.62
N VAL B 256 40.91 -11.70 7.91
CA VAL B 256 40.32 -13.00 8.03
C VAL B 256 40.26 -13.71 6.67
N TYR B 257 39.64 -13.06 5.69
CA TYR B 257 39.50 -13.63 4.36
C TYR B 257 40.84 -13.97 3.73
N ILE B 258 41.69 -12.96 3.57
CA ILE B 258 42.96 -13.17 2.92
C ILE B 258 43.83 -14.19 3.67
N THR B 259 43.84 -14.12 5.00
CA THR B 259 44.69 -15.04 5.76
C THR B 259 44.16 -16.48 5.75
N ASP B 260 42.83 -16.63 5.75
CA ASP B 260 42.19 -17.93 5.60
C ASP B 260 42.52 -18.52 4.23
N LEU B 261 42.40 -17.70 3.19
CA LEU B 261 42.72 -18.12 1.82
C LEU B 261 44.14 -18.68 1.72
N LEU B 262 45.12 -17.94 2.24
CA LEU B 262 46.51 -18.42 2.16
C LEU B 262 46.73 -19.68 3.00
N ALA B 263 46.15 -19.70 4.19
CA ALA B 263 46.23 -20.87 5.06
C ALA B 263 45.77 -22.15 4.32
N VAL B 264 44.57 -22.13 3.75
CA VAL B 264 43.99 -23.29 3.08
C VAL B 264 44.77 -23.64 1.80
N ALA B 265 45.05 -22.63 0.98
CA ALA B 265 45.88 -22.83 -0.21
C ALA B 265 47.16 -23.60 0.13
N GLY B 266 47.80 -23.25 1.23
CA GLY B 266 49.04 -23.91 1.63
C GLY B 266 48.97 -25.43 1.65
N PHE B 267 47.80 -25.98 1.98
CA PHE B 267 47.63 -27.42 2.10
C PHE B 267 47.25 -28.07 0.77
N TYR B 268 46.98 -27.23 -0.23
CA TYR B 268 46.59 -27.69 -1.56
C TYR B 268 47.53 -27.16 -2.66
N LYS B 269 48.80 -27.03 -2.33
CA LYS B 269 49.77 -26.49 -3.27
C LYS B 269 49.80 -27.24 -4.61
N ASN B 270 49.40 -28.51 -4.59
CA ASN B 270 49.33 -29.28 -5.82
C ASN B 270 48.30 -28.71 -6.82
N TRP B 271 47.32 -27.98 -6.34
CA TRP B 271 46.33 -27.39 -7.24
C TRP B 271 46.90 -26.25 -8.08
N ALA B 272 48.17 -25.94 -7.83
CA ALA B 272 48.92 -24.98 -8.64
C ALA B 272 49.32 -25.60 -9.97
N GLY B 273 49.22 -26.92 -10.08
CA GLY B 273 49.55 -27.61 -11.33
C GLY B 273 48.30 -28.11 -12.05
N ILE B 274 47.13 -27.68 -11.57
CA ILE B 274 45.87 -28.15 -12.12
C ILE B 274 45.05 -26.95 -12.64
N GLY B 275 44.31 -27.17 -13.73
CA GLY B 275 43.39 -26.16 -14.26
C GLY B 275 44.07 -25.00 -14.98
N LYS B 276 45.17 -25.30 -15.68
CA LYS B 276 45.90 -24.28 -16.43
C LYS B 276 45.15 -23.83 -17.68
N THR B 277 45.12 -22.51 -17.91
CA THR B 277 44.55 -21.93 -19.10
C THR B 277 45.54 -20.88 -19.66
N SER B 278 45.21 -20.28 -20.81
CA SER B 278 46.23 -19.48 -21.52
C SER B 278 45.97 -18.02 -21.91
N ASN B 279 44.77 -17.70 -22.40
CA ASN B 279 44.49 -16.32 -22.83
C ASN B 279 43.64 -15.55 -21.81
N PHE B 280 43.99 -14.29 -21.56
CA PHE B 280 43.33 -13.49 -20.54
C PHE B 280 42.99 -12.07 -21.04
N LEU B 281 41.84 -11.53 -20.63
CA LEU B 281 41.53 -10.16 -20.97
C LEU B 281 40.68 -9.44 -19.94
N THR B 282 40.77 -8.12 -19.95
CA THR B 282 39.91 -7.29 -19.13
C THR B 282 39.77 -5.90 -19.72
N CYS B 283 38.63 -5.26 -19.46
CA CYS B 283 38.37 -3.89 -19.91
C CYS B 283 38.74 -2.87 -18.84
N GLY B 284 39.10 -3.31 -17.64
CA GLY B 284 39.44 -2.39 -16.56
C GLY B 284 38.18 -1.90 -15.87
N GLU B 285 38.33 -1.35 -14.66
CA GLU B 285 37.17 -0.81 -13.94
C GLU B 285 37.52 0.45 -13.16
N PHE B 286 36.49 1.19 -12.73
CA PHE B 286 36.65 2.39 -11.91
C PHE B 286 37.33 3.55 -12.64
N PRO B 287 36.63 4.14 -13.62
CA PRO B 287 37.19 5.22 -14.42
C PRO B 287 37.14 6.61 -13.76
N THR B 288 38.05 7.50 -14.17
CA THR B 288 37.87 8.94 -13.96
C THR B 288 37.25 9.59 -15.19
N ASP B 289 37.37 8.92 -16.34
CA ASP B 289 36.85 9.44 -17.60
C ASP B 289 36.01 8.34 -18.26
N GLU B 290 34.71 8.56 -18.36
CA GLU B 290 33.79 7.51 -18.80
C GLU B 290 33.99 7.18 -20.28
N TYR B 291 34.79 7.97 -20.98
CA TYR B 291 35.05 7.70 -22.39
C TYR B 291 36.47 7.17 -22.67
N ASP B 292 37.21 6.83 -21.62
CA ASP B 292 38.61 6.40 -21.79
C ASP B 292 39.01 5.27 -20.83
N LEU B 293 39.03 4.05 -21.36
CA LEU B 293 39.39 2.87 -20.57
C LEU B 293 40.73 3.02 -19.83
N ASN B 294 41.66 3.80 -20.37
CA ASN B 294 42.97 3.95 -19.74
C ASN B 294 42.92 4.89 -18.53
N SER B 295 41.77 5.50 -18.31
CA SER B 295 41.57 6.33 -17.14
C SER B 295 41.18 5.44 -15.96
N ARG B 296 41.05 4.14 -16.18
CA ARG B 296 40.52 3.26 -15.14
C ARG B 296 41.55 2.84 -14.06
N TYR B 297 41.10 2.76 -12.81
CA TYR B 297 41.98 2.39 -11.70
C TYR B 297 42.65 1.01 -11.89
N THR B 298 41.87 -0.01 -12.23
CA THR B 298 42.46 -1.28 -12.69
C THR B 298 42.44 -1.27 -14.22
N PRO B 299 43.59 -1.56 -14.83
CA PRO B 299 43.80 -1.30 -16.27
C PRO B 299 43.23 -2.33 -17.25
N GLN B 300 42.93 -1.88 -18.46
CA GLN B 300 42.51 -2.76 -19.53
C GLN B 300 43.77 -3.40 -20.12
N GLY B 301 43.61 -4.57 -20.74
CA GLY B 301 44.75 -5.28 -21.29
C GLY B 301 44.40 -6.69 -21.75
N VAL B 302 45.24 -7.24 -22.61
CA VAL B 302 45.04 -8.56 -23.20
C VAL B 302 46.34 -9.34 -23.13
N ILE B 303 46.29 -10.54 -22.56
CA ILE B 303 47.47 -11.38 -22.50
C ILE B 303 47.29 -12.62 -23.36
N TRP B 304 48.23 -12.86 -24.28
CA TRP B 304 48.24 -14.06 -25.10
C TRP B 304 49.16 -15.15 -24.52
N GLY B 305 48.68 -16.39 -24.59
CA GLY B 305 49.46 -17.58 -24.25
C GLY B 305 50.42 -17.50 -23.08
N ASN B 306 49.92 -17.10 -21.92
CA ASN B 306 50.70 -17.08 -20.67
C ASN B 306 51.89 -16.13 -20.62
N ASP B 307 51.99 -15.22 -21.58
CA ASP B 307 53.19 -14.39 -21.73
C ASP B 307 53.00 -13.01 -21.09
N LEU B 308 53.62 -12.80 -19.93
CA LEU B 308 53.42 -11.58 -19.13
C LEU B 308 54.29 -10.40 -19.53
N SER B 309 55.14 -10.57 -20.53
CA SER B 309 56.07 -9.49 -20.90
C SER B 309 55.47 -8.55 -21.95
N LYS B 310 54.30 -8.91 -22.46
CA LYS B 310 53.66 -8.14 -23.52
C LYS B 310 52.14 -8.07 -23.30
N VAL B 311 51.63 -6.87 -23.04
CA VAL B 311 50.20 -6.67 -22.85
C VAL B 311 49.62 -5.83 -23.99
N ASP B 312 48.69 -6.41 -24.75
CA ASP B 312 48.08 -5.69 -25.85
C ASP B 312 46.90 -4.86 -25.38
N ASP B 313 46.49 -3.89 -26.17
CA ASP B 313 45.33 -3.07 -25.82
C ASP B 313 44.07 -3.86 -26.14
N PHE B 314 43.08 -3.74 -25.26
CA PHE B 314 41.79 -4.37 -25.45
C PHE B 314 41.09 -3.77 -26.66
N ASN B 315 40.68 -4.61 -27.62
CA ASN B 315 40.01 -4.13 -28.83
C ASN B 315 38.64 -4.78 -29.04
N PRO B 316 37.59 -4.05 -28.70
CA PRO B 316 36.26 -4.65 -28.68
C PRO B 316 35.73 -4.94 -30.10
N ASP B 317 36.43 -4.45 -31.11
CA ASP B 317 36.09 -4.78 -32.50
C ASP B 317 36.35 -6.26 -32.80
N LEU B 318 37.12 -6.93 -31.94
CA LEU B 318 37.53 -8.31 -32.20
C LEU B 318 36.62 -9.37 -31.56
N ILE B 319 35.50 -8.94 -30.98
CA ILE B 319 34.60 -9.88 -30.31
C ILE B 319 33.53 -10.43 -31.26
N GLU B 320 33.35 -11.75 -31.26
CA GLU B 320 32.24 -12.40 -31.99
C GLU B 320 31.67 -13.50 -31.12
N GLU B 321 30.35 -13.69 -31.19
CA GLU B 321 29.71 -14.77 -30.44
C GLU B 321 29.25 -15.87 -31.37
N HIS B 322 29.64 -17.10 -31.04
CA HIS B 322 29.29 -18.29 -31.81
C HIS B 322 28.08 -19.04 -31.25
N VAL B 323 27.38 -19.77 -32.13
CA VAL B 323 26.22 -20.59 -31.70
C VAL B 323 26.25 -22.02 -32.25
N LYS B 324 27.28 -22.38 -33.00
CA LYS B 324 27.35 -23.72 -33.60
C LYS B 324 27.06 -24.86 -32.63
N TYR B 325 27.54 -24.72 -31.40
CA TYR B 325 27.33 -25.75 -30.39
C TYR B 325 26.35 -25.37 -29.29
N SER B 326 25.49 -24.39 -29.60
CA SER B 326 24.48 -23.89 -28.64
C SER B 326 23.08 -24.03 -29.23
N TRP B 327 22.07 -23.79 -28.41
CA TRP B 327 20.70 -23.98 -28.88
C TRP B 327 20.11 -22.74 -29.57
N TYR B 328 20.74 -22.32 -30.66
CA TYR B 328 20.26 -21.19 -31.44
C TYR B 328 20.25 -21.58 -32.91
N GLU B 329 19.58 -20.77 -33.72
CA GLU B 329 19.47 -21.06 -35.14
C GLU B 329 20.82 -21.01 -35.84
N GLY B 330 21.09 -22.04 -36.63
CA GLY B 330 22.25 -22.03 -37.50
C GLY B 330 23.60 -22.02 -36.81
N ALA B 331 24.60 -21.43 -37.45
CA ALA B 331 25.97 -21.55 -36.98
C ALA B 331 26.82 -20.29 -37.19
N ASP B 332 26.20 -19.16 -37.52
CA ASP B 332 26.99 -17.93 -37.77
C ASP B 332 27.43 -17.28 -36.46
N ALA B 333 28.55 -16.56 -36.51
CA ALA B 333 28.99 -15.76 -35.37
C ALA B 333 28.83 -14.26 -35.66
N HIS B 334 28.51 -13.48 -34.63
CA HIS B 334 28.30 -12.05 -34.81
C HIS B 334 28.98 -11.21 -33.73
N HIS B 335 29.56 -10.10 -34.17
CA HIS B 335 29.91 -9.01 -33.26
C HIS B 335 28.60 -8.51 -32.66
N PRO B 336 28.61 -8.16 -31.38
CA PRO B 336 27.38 -7.84 -30.64
C PRO B 336 26.51 -6.70 -31.21
N TYR B 337 27.09 -5.71 -31.90
CA TYR B 337 26.26 -4.68 -32.56
C TYR B 337 25.33 -5.30 -33.60
N LYS B 338 25.69 -6.49 -34.07
CA LYS B 338 24.86 -7.25 -35.00
C LYS B 338 24.44 -8.59 -34.40
N GLY B 339 24.41 -8.67 -33.08
CA GLY B 339 24.05 -9.90 -32.40
C GLY B 339 22.65 -10.37 -32.78
N VAL B 340 22.47 -11.68 -32.84
CA VAL B 340 21.17 -12.29 -33.12
C VAL B 340 20.80 -13.30 -32.01
N THR B 341 19.56 -13.25 -31.54
CA THR B 341 19.13 -14.18 -30.50
C THR B 341 17.88 -14.93 -30.91
N LYS B 342 18.08 -16.08 -31.54
CA LYS B 342 16.99 -16.88 -32.10
C LYS B 342 17.07 -18.30 -31.56
N PRO B 343 16.38 -18.54 -30.45
CA PRO B 343 16.52 -19.82 -29.75
C PRO B 343 16.00 -20.99 -30.57
N LYS B 344 16.68 -22.13 -30.48
CA LYS B 344 16.24 -23.35 -31.17
C LYS B 344 16.79 -24.59 -30.49
N TRP B 345 15.93 -25.26 -29.72
CA TRP B 345 16.25 -26.42 -28.91
C TRP B 345 16.34 -27.70 -29.72
N THR B 346 17.33 -28.54 -29.41
CA THR B 346 17.53 -29.82 -30.09
C THR B 346 17.83 -30.99 -29.15
N GLU B 347 17.59 -30.84 -27.85
CA GLU B 347 17.90 -31.88 -26.84
C GLU B 347 19.42 -31.94 -26.58
N PHE B 348 19.80 -32.57 -25.47
CA PHE B 348 21.20 -32.70 -25.07
C PHE B 348 22.06 -33.35 -26.15
N HIS B 349 22.96 -32.57 -26.73
CA HIS B 349 23.84 -33.07 -27.81
C HIS B 349 23.15 -33.31 -29.15
N GLY B 350 21.89 -32.90 -29.27
CA GLY B 350 21.21 -32.97 -30.57
C GLY B 350 21.97 -32.07 -31.53
N GLU B 351 22.35 -32.60 -32.68
CA GLU B 351 23.22 -31.88 -33.60
C GLU B 351 24.47 -31.43 -32.86
N ASP B 352 24.83 -32.17 -31.82
CA ASP B 352 26.06 -31.88 -31.08
C ASP B 352 25.98 -30.64 -30.21
N ARG B 353 24.79 -30.02 -30.15
CA ARG B 353 24.59 -28.81 -29.36
C ARG B 353 24.32 -29.17 -27.90
N TYR B 354 24.91 -28.42 -26.97
CA TYR B 354 24.83 -28.78 -25.56
C TYR B 354 24.71 -27.63 -24.58
N SER B 355 24.29 -26.44 -25.03
CA SER B 355 24.19 -25.31 -24.11
C SER B 355 23.36 -24.10 -24.60
N TRP B 356 22.71 -23.41 -23.65
CA TRP B 356 21.98 -22.16 -23.92
C TRP B 356 22.89 -20.93 -23.93
N MET B 357 24.15 -21.09 -23.55
CA MET B 357 25.14 -20.01 -23.73
C MET B 357 25.65 -19.93 -25.18
N LYS B 358 25.84 -18.71 -25.67
CA LYS B 358 26.61 -18.50 -26.88
C LYS B 358 28.09 -18.65 -26.52
N ALA B 359 28.97 -18.65 -27.52
CA ALA B 359 30.39 -18.87 -27.30
C ALA B 359 31.24 -17.69 -27.80
N PRO B 360 31.52 -16.75 -26.88
CA PRO B 360 32.31 -15.56 -27.22
C PRO B 360 33.75 -15.91 -27.50
N ARG B 361 34.27 -15.39 -28.61
CA ARG B 361 35.69 -15.56 -28.99
C ARG B 361 36.34 -14.20 -29.33
N TYR B 362 37.61 -14.06 -28.97
CA TYR B 362 38.32 -12.81 -29.20
C TYR B 362 39.36 -13.06 -30.28
N LYS B 363 39.15 -12.46 -31.45
CA LYS B 363 39.98 -12.73 -32.61
C LYS B 363 40.01 -14.23 -32.93
N GLY B 364 38.89 -14.91 -32.73
CA GLY B 364 38.79 -16.32 -33.06
C GLY B 364 39.28 -17.28 -31.98
N GLU B 365 39.89 -16.73 -30.92
CA GLU B 365 40.44 -17.54 -29.84
C GLU B 365 39.58 -17.53 -28.58
N ALA B 366 39.68 -18.60 -27.78
CA ALA B 366 38.99 -18.69 -26.51
C ALA B 366 39.78 -17.96 -25.42
N PHE B 367 39.08 -17.21 -24.58
CA PHE B 367 39.72 -16.42 -23.52
C PHE B 367 39.13 -16.72 -22.14
N GLU B 368 39.92 -16.44 -21.12
CA GLU B 368 39.41 -16.42 -19.75
C GLU B 368 39.31 -14.98 -19.27
N VAL B 369 38.23 -14.65 -18.56
CA VAL B 369 38.07 -13.35 -17.91
C VAL B 369 37.83 -13.53 -16.43
N GLY B 370 37.87 -12.44 -15.66
CA GLY B 370 37.66 -12.52 -14.22
C GLY B 370 38.86 -12.09 -13.42
N PRO B 371 38.85 -12.35 -12.12
CA PRO B 371 39.90 -11.88 -11.21
C PRO B 371 41.32 -12.26 -11.64
N LEU B 372 41.54 -13.52 -11.96
CA LEU B 372 42.88 -13.94 -12.33
C LEU B 372 43.33 -13.13 -13.55
N ALA B 373 42.45 -13.06 -14.55
CA ALA B 373 42.75 -12.35 -15.78
C ALA B 373 43.01 -10.89 -15.48
N SER B 374 42.24 -10.33 -14.57
CA SER B 374 42.37 -8.92 -14.21
C SER B 374 43.66 -8.65 -13.42
N VAL B 375 43.97 -9.55 -12.50
CA VAL B 375 45.16 -9.45 -11.67
C VAL B 375 46.45 -9.66 -12.50
N LEU B 376 46.37 -10.52 -13.51
CA LEU B 376 47.53 -10.81 -14.37
C LEU B 376 47.91 -9.60 -15.21
N VAL B 377 46.90 -8.99 -15.83
CA VAL B 377 47.09 -7.77 -16.63
C VAL B 377 47.63 -6.64 -15.75
N ALA B 378 47.01 -6.38 -14.61
CA ALA B 378 47.50 -5.33 -13.71
C ALA B 378 48.93 -5.63 -13.21
N TYR B 379 49.23 -6.90 -12.98
CA TYR B 379 50.59 -7.29 -12.57
C TYR B 379 51.57 -7.05 -13.70
N ALA B 380 51.19 -7.45 -14.92
CA ALA B 380 52.03 -7.23 -16.08
C ALA B 380 52.28 -5.74 -16.32
N LYS B 381 51.29 -4.91 -16.00
CA LYS B 381 51.42 -3.47 -16.24
C LYS B 381 51.97 -2.72 -15.03
N LYS B 382 52.37 -3.46 -14.01
CA LYS B 382 53.02 -2.87 -12.84
C LYS B 382 52.13 -1.95 -12.00
N HIS B 383 50.84 -2.25 -11.96
CA HIS B 383 49.92 -1.67 -10.99
C HIS B 383 50.41 -2.00 -9.58
N GLU B 384 50.99 -1.01 -8.90
CA GLU B 384 51.69 -1.27 -7.62
C GLU B 384 50.89 -2.00 -6.53
N PRO B 385 49.63 -1.62 -6.32
CA PRO B 385 48.80 -2.33 -5.34
C PRO B 385 48.71 -3.83 -5.67
N THR B 386 48.60 -4.17 -6.95
CA THR B 386 48.52 -5.56 -7.38
C THR B 386 49.87 -6.28 -7.25
N VAL B 387 50.95 -5.57 -7.59
CA VAL B 387 52.29 -6.09 -7.42
C VAL B 387 52.54 -6.53 -5.98
N LYS B 388 52.26 -5.66 -5.02
CA LYS B 388 52.39 -6.00 -3.60
C LYS B 388 51.51 -7.16 -3.15
N ALA B 389 50.27 -7.22 -3.62
CA ALA B 389 49.38 -8.29 -3.22
C ALA B 389 49.87 -9.61 -3.79
N VAL B 390 50.20 -9.61 -5.07
CA VAL B 390 50.70 -10.82 -5.71
C VAL B 390 51.97 -11.32 -5.02
N ASP B 391 52.93 -10.43 -4.80
CA ASP B 391 54.22 -10.81 -4.21
C ASP B 391 53.98 -11.50 -2.89
N LEU B 392 53.03 -10.99 -2.11
CA LEU B 392 52.68 -11.59 -0.82
C LEU B 392 52.14 -13.02 -0.95
N VAL B 393 51.21 -13.24 -1.87
CA VAL B 393 50.67 -14.57 -2.09
C VAL B 393 51.82 -15.51 -2.46
N LEU B 394 52.69 -15.03 -3.35
CA LEU B 394 53.74 -15.86 -3.92
C LEU B 394 54.77 -16.24 -2.88
N LYS B 395 55.16 -15.26 -2.07
CA LYS B 395 56.14 -15.49 -1.02
C LYS B 395 55.56 -16.36 0.08
N THR B 396 54.29 -16.14 0.39
CA THR B 396 53.61 -16.93 1.41
C THR B 396 53.51 -18.41 1.02
N LEU B 397 53.14 -18.68 -0.24
CA LEU B 397 53.03 -20.06 -0.70
C LEU B 397 54.36 -20.70 -1.13
N GLY B 398 55.42 -19.90 -1.23
CA GLY B 398 56.70 -20.38 -1.73
C GLY B 398 56.73 -20.76 -3.20
N VAL B 399 55.99 -20.03 -4.04
CA VAL B 399 55.93 -20.36 -5.46
C VAL B 399 56.31 -19.17 -6.34
N GLY B 400 56.68 -19.44 -7.58
CA GLY B 400 56.88 -18.37 -8.58
C GLY B 400 55.59 -18.02 -9.28
N PRO B 401 55.61 -16.98 -10.12
CA PRO B 401 54.41 -16.51 -10.82
C PRO B 401 53.76 -17.55 -11.73
N GLU B 402 54.49 -18.58 -12.12
CA GLU B 402 53.92 -19.62 -12.97
C GLU B 402 52.75 -20.35 -12.29
N ALA B 403 52.75 -20.34 -10.96
CA ALA B 403 51.70 -21.00 -10.19
C ALA B 403 50.33 -20.35 -10.34
N LEU B 404 50.32 -19.10 -10.80
CA LEU B 404 49.08 -18.37 -10.95
C LEU B 404 48.20 -18.92 -12.07
N PHE B 405 48.80 -19.51 -13.10
CA PHE B 405 48.01 -20.05 -14.22
C PHE B 405 47.43 -21.40 -13.85
N SER B 406 46.43 -21.39 -12.96
CA SER B 406 45.95 -22.63 -12.37
C SER B 406 44.67 -22.40 -11.58
N THR B 407 44.07 -23.48 -11.10
CA THR B 407 42.89 -23.37 -10.26
C THR B 407 43.23 -22.72 -8.93
N LEU B 408 44.34 -23.12 -8.31
CA LEU B 408 44.79 -22.46 -7.10
C LEU B 408 45.01 -20.95 -7.32
N GLY B 409 45.58 -20.59 -8.48
CA GLY B 409 45.86 -19.19 -8.80
C GLY B 409 44.60 -18.38 -9.04
N ARG B 410 43.61 -19.01 -9.67
CA ARG B 410 42.33 -18.40 -9.93
C ARG B 410 41.65 -18.05 -8.61
N THR B 411 41.83 -18.91 -7.62
CA THR B 411 41.24 -18.70 -6.29
C THR B 411 41.96 -17.58 -5.53
N ALA B 412 43.28 -17.62 -5.52
CA ALA B 412 44.09 -16.56 -4.91
C ALA B 412 43.82 -15.20 -5.52
N ALA B 413 43.64 -15.18 -6.85
CA ALA B 413 43.44 -13.91 -7.57
C ALA B 413 42.12 -13.22 -7.22
N ARG B 414 41.08 -14.01 -6.96
CA ARG B 414 39.83 -13.45 -6.45
C ARG B 414 40.09 -12.67 -5.14
N GLY B 415 40.93 -13.22 -4.28
CA GLY B 415 41.23 -12.56 -3.03
C GLY B 415 41.98 -11.24 -3.23
N ILE B 416 42.93 -11.26 -4.16
CA ILE B 416 43.67 -10.05 -4.48
C ILE B 416 42.79 -8.96 -5.06
N GLN B 417 41.94 -9.33 -6.02
CA GLN B 417 41.03 -8.39 -6.66
C GLN B 417 40.12 -7.73 -5.62
N CYS B 418 39.62 -8.53 -4.70
CA CYS B 418 38.83 -8.02 -3.60
C CYS B 418 39.61 -7.00 -2.78
N LEU B 419 40.86 -7.33 -2.47
CA LEU B 419 41.74 -6.48 -1.67
C LEU B 419 42.08 -5.14 -2.34
N THR B 420 42.51 -5.18 -3.60
CA THR B 420 42.87 -3.93 -4.27
C THR B 420 41.68 -2.98 -4.47
N ALA B 421 40.48 -3.53 -4.64
CA ALA B 421 39.30 -2.68 -4.73
C ALA B 421 38.98 -2.05 -3.38
N ALA B 422 38.94 -2.85 -2.33
CA ALA B 422 38.64 -2.37 -0.98
C ALA B 422 39.60 -1.24 -0.56
N GLN B 423 40.86 -1.35 -0.96
CA GLN B 423 41.87 -0.37 -0.55
C GLN B 423 41.66 0.99 -1.20
N GLU B 424 41.09 0.99 -2.40
CA GLU B 424 40.90 2.25 -3.13
C GLU B 424 39.60 2.97 -2.79
N VAL B 425 38.63 2.25 -2.23
CA VAL B 425 37.30 2.79 -1.99
C VAL B 425 37.33 4.08 -1.19
N GLU B 426 38.17 4.12 -0.18
CA GLU B 426 38.33 5.32 0.65
C GLU B 426 38.73 6.56 -0.15
N VAL B 427 39.57 6.38 -1.18
CA VAL B 427 39.91 7.49 -2.07
C VAL B 427 38.66 8.13 -2.73
N TRP B 428 37.79 7.32 -3.33
CA TRP B 428 36.65 7.87 -4.02
C TRP B 428 35.71 8.57 -3.04
N LEU B 429 35.61 7.99 -1.84
CA LEU B 429 34.71 8.50 -0.81
C LEU B 429 35.16 9.88 -0.30
N ASP B 430 36.47 10.03 -0.08
CA ASP B 430 37.03 11.32 0.32
C ASP B 430 36.82 12.37 -0.76
N LYS B 431 36.92 11.97 -2.02
CA LYS B 431 36.75 12.92 -3.12
C LYS B 431 35.29 13.38 -3.16
N LEU B 432 34.37 12.44 -3.03
CA LEU B 432 32.94 12.77 -3.06
C LEU B 432 32.61 13.74 -1.91
N GLU B 433 33.06 13.39 -0.72
CA GLU B 433 32.88 14.22 0.45
C GLU B 433 33.48 15.63 0.26
N ALA B 434 34.73 15.70 -0.19
CA ALA B 434 35.36 17.01 -0.41
C ALA B 434 34.56 17.83 -1.43
N ASN B 435 34.06 17.18 -2.49
CA ASN B 435 33.22 17.89 -3.45
C ASN B 435 31.98 18.46 -2.78
N VAL B 436 31.31 17.63 -1.99
CA VAL B 436 30.09 18.08 -1.33
C VAL B 436 30.37 19.24 -0.36
N LYS B 437 31.40 19.11 0.47
CA LYS B 437 31.71 20.16 1.44
C LYS B 437 31.89 21.50 0.73
N ALA B 438 32.51 21.45 -0.45
CA ALA B 438 32.74 22.65 -1.24
C ALA B 438 31.48 23.13 -1.97
N GLY B 439 30.33 22.57 -1.63
CA GLY B 439 29.08 22.96 -2.28
C GLY B 439 28.86 22.46 -3.70
N LYS B 440 29.63 21.45 -4.12
CA LYS B 440 29.44 20.86 -5.44
C LYS B 440 28.67 19.54 -5.35
N ASP B 441 27.35 19.62 -5.53
CA ASP B 441 26.51 18.45 -5.30
C ASP B 441 25.76 17.94 -6.53
N ASP B 442 26.31 18.17 -7.71
CA ASP B 442 25.67 17.74 -8.94
C ASP B 442 25.82 16.22 -9.12
N LEU B 443 24.74 15.58 -9.58
CA LEU B 443 24.73 14.14 -9.81
C LEU B 443 24.20 13.78 -11.20
N TYR B 444 23.66 14.76 -11.92
CA TYR B 444 22.91 14.47 -13.13
C TYR B 444 23.21 15.45 -14.26
N THR B 445 23.29 14.95 -15.49
CA THR B 445 23.49 15.80 -16.66
C THR B 445 22.36 15.52 -17.64
N ASP B 446 21.75 16.58 -18.14
CA ASP B 446 20.68 16.47 -19.15
C ASP B 446 21.25 15.92 -20.47
N TRP B 447 20.41 15.26 -21.24
CA TRP B 447 20.87 14.60 -22.46
C TRP B 447 19.69 14.53 -23.43
N GLN B 448 19.97 14.24 -24.70
CA GLN B 448 18.91 14.09 -25.71
C GLN B 448 19.27 12.93 -26.67
N TYR B 449 18.26 12.26 -27.20
CA TYR B 449 18.48 11.18 -28.15
C TYR B 449 18.96 11.74 -29.48
N PRO B 450 20.08 11.22 -30.00
CA PRO B 450 20.38 11.43 -31.41
C PRO B 450 19.28 10.80 -32.25
N THR B 451 19.11 11.27 -33.47
CA THR B 451 18.12 10.68 -34.36
C THR B 451 18.30 9.17 -34.34
N GLU B 452 19.56 8.75 -34.35
CA GLU B 452 19.92 7.36 -34.53
C GLU B 452 21.32 7.22 -33.97
N SER B 453 21.58 6.18 -33.20
CA SER B 453 22.92 6.02 -32.65
C SER B 453 23.18 4.60 -32.14
N GLN B 454 24.43 4.29 -31.85
CA GLN B 454 24.74 3.06 -31.14
C GLN B 454 25.69 3.37 -30.00
N GLY B 455 25.76 2.49 -29.00
CA GLY B 455 26.59 2.76 -27.83
C GLY B 455 26.97 1.45 -27.15
N VAL B 456 28.03 1.50 -26.35
CA VAL B 456 28.50 0.33 -25.63
C VAL B 456 28.99 0.66 -24.21
N GLY B 457 28.66 -0.18 -23.23
CA GLY B 457 29.14 0.01 -21.87
C GLY B 457 30.02 -1.16 -21.47
N PHE B 458 31.20 -0.83 -20.95
CA PHE B 458 32.15 -1.84 -20.45
C PHE B 458 32.23 -1.84 -18.94
N VAL B 459 32.05 -3.03 -18.36
CA VAL B 459 32.12 -3.17 -16.92
C VAL B 459 32.96 -4.39 -16.63
N ASN B 460 33.94 -4.21 -15.75
CA ASN B 460 34.65 -5.35 -15.21
C ASN B 460 34.00 -5.76 -13.90
N ALA B 461 33.03 -6.67 -14.02
CA ALA B 461 32.28 -7.18 -12.88
C ALA B 461 33.17 -8.12 -12.09
N PRO B 462 32.71 -8.54 -10.92
CA PRO B 462 33.49 -9.48 -10.09
C PRO B 462 33.85 -10.78 -10.83
N ARG B 463 33.04 -11.16 -11.82
CA ARG B 463 33.33 -12.35 -12.62
C ARG B 463 34.08 -12.05 -13.92
N GLY B 464 34.29 -10.75 -14.22
CA GLY B 464 35.04 -10.39 -15.43
C GLY B 464 34.42 -9.36 -16.39
N MET B 465 34.87 -9.39 -17.64
CA MET B 465 34.51 -8.36 -18.63
C MET B 465 33.05 -8.46 -19.08
N LEU B 466 32.26 -7.43 -18.75
CA LEU B 466 30.86 -7.34 -19.12
C LEU B 466 30.63 -6.20 -20.11
N SER B 467 29.83 -6.44 -21.13
CA SER B 467 29.53 -5.40 -22.11
C SER B 467 28.09 -5.49 -22.60
N HIS B 468 27.40 -4.34 -22.56
CA HIS B 468 26.06 -4.18 -23.12
C HIS B 468 26.15 -3.32 -24.36
N TRP B 469 25.41 -3.72 -25.41
CA TRP B 469 25.53 -3.08 -26.71
C TRP B 469 24.16 -2.69 -27.22
N ILE B 470 23.96 -1.39 -27.47
CA ILE B 470 22.66 -0.88 -27.93
C ILE B 470 22.68 -0.19 -29.30
N VAL B 471 21.67 -0.48 -30.11
CA VAL B 471 21.44 0.26 -31.34
C VAL B 471 20.03 0.86 -31.22
N GLN B 472 19.91 2.18 -31.34
CA GLN B 472 18.60 2.81 -31.18
C GLN B 472 18.25 3.79 -32.30
N ARG B 473 16.97 3.85 -32.62
CA ARG B 473 16.47 4.76 -33.64
C ARG B 473 15.21 5.42 -33.11
N GLY B 474 15.20 6.75 -33.09
CA GLY B 474 14.06 7.49 -32.57
C GLY B 474 13.70 7.20 -31.12
N GLY B 475 14.72 6.93 -30.29
CA GLY B 475 14.47 6.66 -28.88
C GLY B 475 13.80 5.33 -28.63
N LYS B 476 14.09 4.36 -29.50
CA LYS B 476 13.55 2.99 -29.43
C LYS B 476 14.71 2.03 -29.63
N ILE B 477 14.71 0.92 -28.91
CA ILE B 477 15.75 -0.08 -29.03
C ILE B 477 15.55 -0.88 -30.30
N GLU B 478 16.56 -0.90 -31.18
CA GLU B 478 16.56 -1.77 -32.36
C GLU B 478 17.31 -3.08 -32.09
N ASN B 479 18.36 -3.00 -31.29
CA ASN B 479 19.07 -4.21 -30.86
C ASN B 479 19.72 -3.92 -29.52
N PHE B 480 19.69 -4.93 -28.65
CA PHE B 480 20.33 -4.81 -27.36
C PHE B 480 20.89 -6.16 -26.98
N GLN B 481 22.21 -6.26 -26.90
CA GLN B 481 22.87 -7.54 -26.65
C GLN B 481 23.74 -7.50 -25.41
N LEU B 482 23.70 -8.56 -24.61
CA LEU B 482 24.67 -8.68 -23.53
C LEU B 482 25.68 -9.79 -23.81
N VAL B 483 26.94 -9.51 -23.48
CA VAL B 483 27.99 -10.51 -23.53
C VAL B 483 28.64 -10.45 -22.17
N VAL B 484 28.52 -11.53 -21.42
CA VAL B 484 28.82 -11.45 -19.98
C VAL B 484 29.90 -12.44 -19.54
N PRO B 485 30.62 -12.12 -18.47
CA PRO B 485 31.86 -12.86 -18.11
C PRO B 485 31.68 -14.38 -18.09
N SER B 486 30.62 -14.87 -17.48
CA SER B 486 30.38 -16.31 -17.48
C SER B 486 30.06 -16.82 -18.87
N THR B 487 29.58 -15.97 -19.77
CA THR B 487 29.40 -16.40 -21.17
C THR B 487 30.77 -16.79 -21.74
N TRP B 488 31.77 -15.94 -21.49
CA TRP B 488 33.12 -16.21 -21.93
C TRP B 488 33.64 -17.49 -21.23
N ASN B 489 33.56 -17.52 -19.90
CA ASN B 489 34.18 -18.61 -19.13
C ASN B 489 33.50 -19.97 -19.27
N LEU B 490 32.17 -19.99 -19.27
CA LEU B 490 31.45 -21.24 -19.22
C LEU B 490 30.64 -21.57 -20.50
N GLY B 491 30.73 -20.71 -21.50
CA GLY B 491 30.06 -20.99 -22.76
C GLY B 491 30.66 -22.26 -23.34
N PRO B 492 30.06 -22.79 -24.41
CA PRO B 492 30.55 -24.03 -25.02
C PRO B 492 31.61 -23.79 -26.10
N ARG B 493 31.91 -24.83 -26.87
CA ARG B 493 32.80 -24.72 -28.02
C ARG B 493 32.27 -23.71 -29.05
N CYS B 494 33.16 -23.12 -29.84
CA CYS B 494 32.77 -22.25 -30.96
C CYS B 494 32.77 -23.05 -32.26
N ALA B 495 32.52 -22.40 -33.38
CA ALA B 495 32.48 -23.09 -34.68
C ALA B 495 33.82 -23.72 -35.06
N GLU B 496 34.89 -23.28 -34.42
CA GLU B 496 36.21 -23.82 -34.73
C GLU B 496 36.50 -25.02 -33.80
N GLY B 497 35.51 -25.36 -32.97
CA GLY B 497 35.62 -26.52 -32.07
C GLY B 497 36.52 -26.33 -30.85
N LYS B 498 36.91 -25.09 -30.57
CA LYS B 498 37.79 -24.78 -29.46
C LYS B 498 37.06 -24.80 -28.11
N LEU B 499 37.63 -25.51 -27.15
CA LEU B 499 37.06 -25.57 -25.82
C LEU B 499 37.05 -24.19 -25.18
N SER B 500 36.10 -23.95 -24.27
CA SER B 500 36.07 -22.72 -23.48
C SER B 500 37.01 -22.84 -22.28
N ALA B 501 37.21 -21.73 -21.58
CA ALA B 501 38.16 -21.72 -20.45
C ALA B 501 37.89 -22.85 -19.47
N VAL B 502 36.62 -23.03 -19.08
CA VAL B 502 36.29 -24.03 -18.08
C VAL B 502 36.42 -25.45 -18.63
N GLU B 503 36.00 -25.66 -19.88
CA GLU B 503 36.13 -26.97 -20.49
C GLU B 503 37.61 -27.35 -20.56
N GLN B 504 38.44 -26.40 -20.97
CA GLN B 504 39.87 -26.62 -21.12
C GLN B 504 40.52 -26.80 -19.75
N ALA B 505 40.05 -26.04 -18.77
CA ALA B 505 40.63 -26.12 -17.42
C ALA B 505 40.42 -27.50 -16.79
N LEU B 506 39.32 -28.15 -17.16
CA LEU B 506 39.00 -29.47 -16.61
C LEU B 506 39.85 -30.63 -17.17
N ILE B 507 40.38 -30.49 -18.37
CA ILE B 507 41.26 -31.56 -18.92
C ILE B 507 42.44 -31.81 -18.00
N GLY B 508 42.72 -33.07 -17.70
CA GLY B 508 43.85 -33.42 -16.87
C GLY B 508 43.51 -33.61 -15.39
N THR B 509 42.34 -33.12 -14.99
CA THR B 509 41.91 -33.18 -13.59
C THR B 509 41.84 -34.63 -13.08
N PRO B 510 42.55 -34.90 -11.99
CA PRO B 510 42.53 -36.23 -11.38
C PRO B 510 41.28 -36.42 -10.54
N ILE B 511 40.72 -37.63 -10.61
CA ILE B 511 39.50 -37.92 -9.89
C ILE B 511 39.71 -39.08 -8.94
N ALA B 512 39.77 -38.81 -7.64
CA ALA B 512 40.01 -39.86 -6.65
C ALA B 512 38.81 -40.81 -6.53
N ASP B 513 37.61 -40.25 -6.49
CA ASP B 513 36.41 -41.05 -6.32
C ASP B 513 35.31 -40.59 -7.26
N PRO B 514 35.11 -41.35 -8.34
CA PRO B 514 34.16 -40.98 -9.39
C PRO B 514 32.73 -40.77 -8.88
N LYS B 515 32.38 -41.37 -7.75
CA LYS B 515 31.04 -41.20 -7.19
C LYS B 515 30.87 -39.86 -6.48
N ARG B 516 31.98 -39.26 -6.06
CA ARG B 516 31.98 -37.98 -5.35
C ARG B 516 33.10 -37.10 -5.90
N PRO B 517 32.92 -36.63 -7.13
CA PRO B 517 34.00 -35.96 -7.87
C PRO B 517 34.23 -34.51 -7.47
N VAL B 518 34.75 -34.30 -6.27
CA VAL B 518 34.94 -32.96 -5.75
C VAL B 518 35.94 -32.18 -6.57
N GLU B 519 36.88 -32.88 -7.21
CA GLU B 519 37.86 -32.22 -8.06
C GLU B 519 37.19 -31.43 -9.19
N ILE B 520 36.05 -31.90 -9.67
CA ILE B 520 35.31 -31.15 -10.68
C ILE B 520 34.79 -29.84 -10.09
N LEU B 521 34.12 -29.92 -8.95
CA LEU B 521 33.66 -28.72 -8.24
C LEU B 521 34.77 -27.68 -8.02
N ARG B 522 35.96 -28.13 -7.60
CA ARG B 522 37.03 -27.19 -7.25
C ARG B 522 37.36 -26.27 -8.42
N THR B 523 37.48 -26.85 -9.62
CA THR B 523 37.88 -26.10 -10.79
C THR B 523 36.73 -25.24 -11.28
N VAL B 524 35.54 -25.83 -11.36
CA VAL B 524 34.37 -25.08 -11.79
C VAL B 524 34.06 -23.88 -10.86
N HIS B 525 33.99 -24.11 -9.55
CA HIS B 525 33.83 -23.03 -8.59
C HIS B 525 34.90 -21.93 -8.66
N SER B 526 36.12 -22.27 -9.08
CA SER B 526 37.17 -21.25 -9.11
C SER B 526 36.87 -20.17 -10.16
N TYR B 527 36.05 -20.53 -11.15
CA TYR B 527 35.54 -19.56 -12.12
C TYR B 527 34.35 -18.75 -11.60
N ASP B 528 33.84 -19.11 -10.42
CA ASP B 528 32.67 -18.42 -9.86
C ASP B 528 31.53 -18.34 -10.88
N PRO B 529 31.03 -19.49 -11.34
CA PRO B 529 30.04 -19.51 -12.43
C PRO B 529 28.72 -18.82 -12.09
N CYS B 530 28.13 -18.12 -13.06
CA CYS B 530 26.80 -17.55 -12.93
C CYS B 530 26.03 -17.83 -14.23
N ILE B 531 25.07 -18.74 -14.17
CA ILE B 531 24.42 -19.21 -15.39
C ILE B 531 23.29 -18.28 -15.84
N ALA B 532 22.67 -17.56 -14.92
CA ALA B 532 21.68 -16.58 -15.32
C ALA B 532 22.38 -15.43 -16.06
N CYS B 533 23.53 -14.99 -15.52
CA CYS B 533 24.41 -14.07 -16.24
C CYS B 533 24.80 -14.59 -17.63
N GLY B 534 25.34 -15.80 -17.67
CA GLY B 534 25.91 -16.32 -18.91
C GLY B 534 24.93 -16.45 -20.06
N VAL B 535 23.69 -16.82 -19.74
CA VAL B 535 22.67 -17.07 -20.74
C VAL B 535 21.74 -15.85 -20.96
N HIS B 536 21.37 -15.19 -19.88
CA HIS B 536 20.35 -14.15 -19.91
C HIS B 536 19.17 -14.48 -20.86
N LYS C 5 -10.75 -9.42 26.42
CA LYS C 5 -9.30 -9.36 26.09
C LYS C 5 -8.90 -7.95 25.66
N ARG C 6 -9.79 -7.28 24.93
CA ARG C 6 -9.58 -5.89 24.50
C ARG C 6 -10.25 -4.89 25.44
N PRO C 7 -9.59 -3.78 25.71
CA PRO C 7 -10.13 -2.72 26.59
C PRO C 7 -11.49 -2.18 26.11
N SER C 8 -12.38 -1.97 27.07
CA SER C 8 -13.76 -1.62 26.84
C SER C 8 -13.94 -0.12 26.62
N VAL C 9 -14.72 0.25 25.60
CA VAL C 9 -15.04 1.67 25.38
C VAL C 9 -16.54 1.93 25.39
N VAL C 10 -16.95 2.92 26.16
CA VAL C 10 -18.35 3.33 26.21
C VAL C 10 -18.48 4.74 25.64
N TYR C 11 -19.30 4.84 24.59
CA TYR C 11 -19.37 6.06 23.79
C TYR C 11 -20.77 6.67 23.89
N LEU C 12 -20.85 7.89 24.39
CA LEU C 12 -22.12 8.57 24.62
C LEU C 12 -22.33 9.71 23.63
N HIS C 13 -23.56 9.84 23.13
CA HIS C 13 -23.94 10.93 22.23
C HIS C 13 -24.86 11.86 22.98
N ASN C 14 -24.50 13.14 23.04
CA ASN C 14 -25.32 14.14 23.73
C ASN C 14 -25.87 15.17 22.77
N ALA C 15 -25.66 16.46 23.05
CA ALA C 15 -26.06 17.49 22.11
C ALA C 15 -24.99 17.63 21.02
N GLU C 16 -25.19 16.90 19.92
CA GLU C 16 -24.17 16.74 18.89
C GLU C 16 -24.78 16.67 17.50
N CYS C 17 -23.92 16.71 16.49
CA CYS C 17 -24.40 16.65 15.13
C CYS C 17 -23.95 15.33 14.50
N THR C 18 -23.14 14.58 15.25
CA THR C 18 -22.64 13.28 14.81
C THR C 18 -21.46 13.37 13.82
N GLY C 19 -20.98 14.59 13.59
CA GLY C 19 -19.78 14.80 12.78
C GLY C 19 -18.53 14.24 13.42
N CYS C 20 -18.47 14.25 14.75
CA CYS C 20 -17.35 13.62 15.43
C CYS C 20 -17.35 12.09 15.24
N SER C 21 -18.51 11.45 15.42
CA SER C 21 -18.61 10.01 15.16
C SER C 21 -18.16 9.69 13.74
N GLU C 22 -18.62 10.46 12.77
CA GLU C 22 -18.21 10.24 11.38
C GLU C 22 -16.72 10.38 11.25
N SER C 23 -16.13 11.31 12.01
CA SER C 23 -14.70 11.56 11.91
C SER C 23 -13.90 10.32 12.31
N VAL C 24 -14.32 9.68 13.42
CA VAL C 24 -13.72 8.41 13.83
C VAL C 24 -13.79 7.36 12.73
N LEU C 25 -14.86 7.39 11.94
CA LEU C 25 -15.04 6.43 10.85
C LEU C 25 -14.00 6.62 9.74
N ARG C 26 -13.38 7.80 9.69
CA ARG C 26 -12.37 8.06 8.65
C ARG C 26 -10.95 7.70 9.07
N THR C 27 -10.79 7.16 10.26
CA THR C 27 -9.45 6.84 10.75
C THR C 27 -8.71 5.90 9.80
N VAL C 28 -7.39 6.03 9.76
CA VAL C 28 -6.54 5.12 8.98
C VAL C 28 -5.39 4.67 9.87
N ASP C 29 -4.91 3.44 9.70
CA ASP C 29 -3.84 2.92 10.56
C ASP C 29 -4.00 3.37 12.02
N PRO C 30 -4.95 2.77 12.72
CA PRO C 30 -5.76 1.68 12.18
C PRO C 30 -7.00 2.16 11.45
N TYR C 31 -7.45 1.40 10.46
CA TYR C 31 -8.79 1.58 9.92
C TYR C 31 -9.80 1.18 10.98
N VAL C 32 -11.01 1.68 10.85
CA VAL C 32 -12.00 1.49 11.91
C VAL C 32 -12.31 0.00 12.18
N ASP C 33 -12.56 -0.81 11.15
CA ASP C 33 -12.68 -2.25 11.37
C ASP C 33 -11.56 -2.81 12.26
N GLU C 34 -10.32 -2.49 11.93
CA GLU C 34 -9.19 -2.90 12.77
C GLU C 34 -9.35 -2.32 14.18
N LEU C 35 -9.80 -1.08 14.26
CA LEU C 35 -9.98 -0.44 15.56
C LEU C 35 -10.89 -1.25 16.50
N ILE C 36 -12.09 -1.61 16.03
CA ILE C 36 -13.07 -2.24 16.90
C ILE C 36 -13.06 -3.78 16.94
N LEU C 37 -12.34 -4.41 16.01
CA LEU C 37 -12.15 -5.86 16.07
C LEU C 37 -10.83 -6.28 16.75
N ASP C 38 -9.83 -5.40 16.73
CA ASP C 38 -8.48 -5.79 17.19
C ASP C 38 -7.90 -4.90 18.30
N VAL C 39 -8.27 -3.61 18.32
CA VAL C 39 -7.65 -2.70 19.29
C VAL C 39 -8.48 -2.45 20.55
N ILE C 40 -9.75 -2.10 20.39
CA ILE C 40 -10.62 -1.85 21.54
C ILE C 40 -11.91 -2.66 21.39
N SER C 41 -12.73 -2.66 22.44
CA SER C 41 -14.05 -3.23 22.38
C SER C 41 -15.08 -2.11 22.46
N MET C 42 -15.75 -1.84 21.36
CA MET C 42 -16.75 -0.79 21.32
C MET C 42 -18.06 -1.36 21.85
N ASP C 43 -18.28 -1.15 23.15
CA ASP C 43 -19.35 -1.84 23.88
C ASP C 43 -20.67 -1.09 23.91
N TYR C 44 -20.61 0.19 23.57
CA TYR C 44 -21.82 0.99 23.46
C TYR C 44 -21.59 2.14 22.50
N HIS C 45 -22.38 2.16 21.43
CA HIS C 45 -22.31 3.18 20.41
C HIS C 45 -23.62 3.17 19.63
N GLU C 46 -24.47 4.15 19.92
CA GLU C 46 -25.83 4.18 19.40
C GLU C 46 -25.92 4.13 17.87
N THR C 47 -24.93 4.71 17.20
CA THR C 47 -24.96 4.83 15.74
C THR C 47 -24.77 3.50 15.01
N LEU C 48 -24.09 2.55 15.66
CA LEU C 48 -23.59 1.35 15.02
C LEU C 48 -24.24 0.07 15.54
N MET C 49 -24.75 0.11 16.77
CA MET C 49 -25.28 -1.09 17.42
C MET C 49 -26.38 -1.85 16.66
N ALA C 50 -26.29 -3.18 16.74
CA ALA C 50 -27.18 -4.07 16.03
C ALA C 50 -28.55 -4.11 16.66
N GLY C 51 -28.59 -4.04 17.99
CA GLY C 51 -29.85 -4.07 18.73
C GLY C 51 -30.33 -2.67 19.00
N ALA C 52 -31.49 -2.55 19.62
CA ALA C 52 -32.08 -1.25 19.89
C ALA C 52 -32.88 -1.26 21.21
N GLY C 53 -33.32 -0.09 21.66
CA GLY C 53 -34.15 0.02 22.85
C GLY C 53 -33.60 -0.58 24.14
N HIS C 54 -34.41 -1.42 24.78
CA HIS C 54 -34.03 -2.07 26.03
C HIS C 54 -32.77 -2.91 25.87
N ALA C 55 -32.66 -3.63 24.77
CA ALA C 55 -31.48 -4.46 24.51
C ALA C 55 -30.22 -3.65 24.74
N VAL C 56 -30.14 -2.53 24.06
CA VAL C 56 -28.96 -1.67 24.09
C VAL C 56 -28.74 -1.03 25.44
N GLU C 57 -29.82 -0.69 26.12
CA GLU C 57 -29.74 -0.14 27.46
C GLU C 57 -29.13 -1.18 28.42
N GLU C 58 -29.53 -2.44 28.26
CA GLU C 58 -28.98 -3.51 29.08
C GLU C 58 -27.47 -3.67 28.82
N ALA C 59 -27.09 -3.57 27.55
CA ALA C 59 -25.69 -3.61 27.15
C ALA C 59 -24.85 -2.57 27.93
N LEU C 60 -25.36 -1.34 27.99
CA LEU C 60 -24.71 -0.25 28.71
C LEU C 60 -24.68 -0.49 30.23
N HIS C 61 -25.75 -1.06 30.77
CA HIS C 61 -25.86 -1.27 32.21
C HIS C 61 -24.79 -2.23 32.73
N GLU C 62 -24.46 -3.23 31.93
CA GLU C 62 -23.43 -4.20 32.28
C GLU C 62 -22.04 -3.62 32.02
N ALA C 63 -21.89 -2.93 30.90
CA ALA C 63 -20.58 -2.46 30.46
C ALA C 63 -19.89 -1.53 31.46
N ILE C 64 -20.66 -0.67 32.12
CA ILE C 64 -20.10 0.32 33.04
C ILE C 64 -19.87 -0.26 34.44
N LYS C 65 -19.96 -1.58 34.54
CA LYS C 65 -19.70 -2.28 35.79
C LYS C 65 -18.23 -2.73 35.81
N GLY C 66 -17.58 -2.62 34.67
CA GLY C 66 -16.20 -3.06 34.54
C GLY C 66 -15.21 -1.92 34.41
N ASP C 67 -14.07 -2.20 33.78
CA ASP C 67 -13.04 -1.19 33.54
C ASP C 67 -13.13 -0.70 32.10
N PHE C 68 -13.60 0.53 31.93
CA PHE C 68 -13.87 1.09 30.61
C PHE C 68 -13.39 2.53 30.49
N VAL C 69 -13.18 2.95 29.25
CA VAL C 69 -12.94 4.35 28.90
C VAL C 69 -14.25 4.93 28.37
N CYS C 70 -14.62 6.10 28.88
CA CYS C 70 -15.83 6.80 28.47
C CYS C 70 -15.48 7.92 27.51
N VAL C 71 -16.12 7.91 26.34
CA VAL C 71 -15.95 8.92 25.32
C VAL C 71 -17.26 9.67 25.20
N ILE C 72 -17.22 10.98 25.44
CA ILE C 72 -18.42 11.81 25.28
C ILE C 72 -18.36 12.69 24.04
N GLU C 73 -19.42 12.63 23.23
CA GLU C 73 -19.58 13.44 22.03
C GLU C 73 -20.79 14.38 22.19
N GLY C 74 -20.58 15.66 21.91
CA GLY C 74 -21.64 16.66 22.03
C GLY C 74 -21.64 17.31 23.40
N GLY C 75 -22.28 18.47 23.52
CA GLY C 75 -22.31 19.18 24.78
C GLY C 75 -23.46 18.71 25.66
N ILE C 76 -23.48 19.18 26.89
CA ILE C 76 -24.52 18.78 27.82
C ILE C 76 -25.48 19.92 28.13
N PRO C 77 -26.74 19.77 27.76
CA PRO C 77 -27.74 20.79 28.05
C PRO C 77 -28.03 20.88 29.55
N MET C 78 -28.01 22.10 30.10
CA MET C 78 -28.25 22.28 31.52
C MET C 78 -29.28 23.37 31.80
N GLY C 79 -29.73 24.06 30.77
CA GLY C 79 -30.72 25.11 30.96
C GLY C 79 -32.05 24.57 31.45
N ASP C 80 -32.64 25.28 32.40
CA ASP C 80 -33.98 24.97 32.88
C ASP C 80 -34.13 23.50 33.31
N GLY C 81 -33.10 22.93 33.91
CA GLY C 81 -33.18 21.55 34.40
C GLY C 81 -32.66 20.46 33.48
N GLY C 82 -32.45 20.79 32.20
CA GLY C 82 -31.75 19.90 31.28
C GLY C 82 -32.59 19.01 30.38
N TYR C 83 -33.89 19.25 30.33
CA TYR C 83 -34.81 18.38 29.59
C TYR C 83 -34.64 18.49 28.07
N TRP C 84 -33.77 19.40 27.65
CA TRP C 84 -33.59 19.72 26.25
C TRP C 84 -33.05 18.54 25.46
N GLY C 85 -32.30 17.68 26.13
CA GLY C 85 -31.75 16.50 25.51
C GLY C 85 -32.03 15.29 26.36
N LYS C 86 -32.75 14.32 25.80
CA LYS C 86 -33.11 13.11 26.54
C LYS C 86 -32.77 11.86 25.74
N VAL C 87 -32.39 10.81 26.44
CA VAL C 87 -32.24 9.51 25.80
C VAL C 87 -33.01 8.49 26.64
N GLY C 88 -33.87 7.72 25.99
CA GLY C 88 -34.69 6.78 26.74
C GLY C 88 -35.43 7.45 27.86
N GLY C 89 -35.76 8.73 27.69
CA GLY C 89 -36.51 9.47 28.71
C GLY C 89 -35.66 10.14 29.78
N ARG C 90 -34.36 9.82 29.85
CA ARG C 90 -33.45 10.44 30.81
C ARG C 90 -32.76 11.67 30.22
N ASN C 91 -32.68 12.75 30.99
CA ASN C 91 -31.87 13.91 30.62
C ASN C 91 -30.39 13.53 30.45
N MET C 92 -29.77 14.00 29.37
CA MET C 92 -28.37 13.67 29.08
C MET C 92 -27.42 13.90 30.26
N TYR C 93 -27.56 15.03 30.95
CA TYR C 93 -26.75 15.29 32.15
C TYR C 93 -26.79 14.09 33.10
N ASP C 94 -27.98 13.54 33.32
CA ASP C 94 -28.12 12.43 34.27
C ASP C 94 -27.36 11.19 33.82
N ILE C 95 -27.48 10.85 32.55
CA ILE C 95 -26.75 9.70 32.02
C ILE C 95 -25.25 9.91 32.16
N CYS C 96 -24.79 11.11 31.79
CA CYS C 96 -23.39 11.46 31.91
C CYS C 96 -22.94 11.46 33.38
N ALA C 97 -23.77 11.98 34.28
CA ALA C 97 -23.46 11.99 35.70
C ALA C 97 -23.25 10.57 36.26
N GLU C 98 -24.11 9.64 35.84
CA GLU C 98 -23.96 8.24 36.23
C GLU C 98 -22.69 7.64 35.63
N VAL C 99 -22.59 7.66 34.29
CA VAL C 99 -21.57 6.92 33.58
C VAL C 99 -20.14 7.44 33.72
N ALA C 100 -19.92 8.73 33.44
CA ALA C 100 -18.56 9.24 33.33
C ALA C 100 -17.70 9.07 34.59
N PRO C 101 -18.25 9.37 35.77
CA PRO C 101 -17.51 9.22 37.02
C PRO C 101 -17.10 7.77 37.36
N LYS C 102 -17.52 6.79 36.55
CA LYS C 102 -17.14 5.38 36.77
C LYS C 102 -16.03 4.93 35.82
N ALA C 103 -15.77 5.72 34.78
CA ALA C 103 -14.77 5.36 33.79
C ALA C 103 -13.38 5.44 34.38
N LYS C 104 -12.45 4.68 33.82
CA LYS C 104 -11.06 4.80 34.24
C LYS C 104 -10.45 6.07 33.64
N ALA C 105 -11.09 6.59 32.59
CA ALA C 105 -10.62 7.79 31.92
C ALA C 105 -11.70 8.30 30.97
N VAL C 106 -11.78 9.60 30.78
CA VAL C 106 -12.82 10.21 29.96
C VAL C 106 -12.22 11.07 28.87
N ILE C 107 -12.66 10.83 27.64
CA ILE C 107 -12.25 11.64 26.51
C ILE C 107 -13.46 12.39 25.99
N ALA C 108 -13.34 13.71 25.92
CA ALA C 108 -14.34 14.54 25.30
C ALA C 108 -13.94 14.75 23.85
N ILE C 109 -14.75 14.27 22.91
CA ILE C 109 -14.44 14.43 21.49
C ILE C 109 -15.26 15.53 20.83
N GLY C 110 -14.56 16.48 20.21
CA GLY C 110 -15.21 17.57 19.51
C GLY C 110 -15.35 18.78 20.41
N THR C 111 -15.30 19.94 19.78
CA THR C 111 -15.44 21.21 20.47
C THR C 111 -16.75 21.38 21.25
N CYS C 112 -17.82 20.71 20.83
CA CYS C 112 -19.06 20.71 21.61
C CYS C 112 -18.83 20.05 22.95
N ALA C 113 -18.26 18.85 22.94
CA ALA C 113 -17.98 18.13 24.16
C ALA C 113 -16.90 18.81 25.00
N THR C 114 -15.93 19.44 24.36
CA THR C 114 -14.84 20.04 25.13
C THR C 114 -15.26 21.34 25.77
N TYR C 115 -15.90 22.22 25.00
CA TYR C 115 -16.16 23.59 25.46
C TYR C 115 -17.59 24.11 25.29
N GLY C 116 -18.50 23.32 24.70
CA GLY C 116 -19.86 23.78 24.53
C GLY C 116 -20.40 23.74 23.10
N GLY C 117 -19.61 24.24 22.16
CA GLY C 117 -19.90 24.06 20.76
C GLY C 117 -20.99 24.94 20.17
N VAL C 118 -21.51 24.52 19.02
CA VAL C 118 -22.38 25.34 18.23
C VAL C 118 -23.67 25.72 18.95
N GLN C 119 -24.26 24.80 19.70
CA GLN C 119 -25.45 25.14 20.48
C GLN C 119 -25.17 26.00 21.74
N ALA C 120 -23.92 26.19 22.12
CA ALA C 120 -23.65 27.07 23.27
C ALA C 120 -23.38 28.53 22.88
N ALA C 121 -23.47 28.79 21.58
CA ALA C 121 -23.20 30.12 21.05
C ALA C 121 -24.40 31.00 21.40
N LYS C 122 -24.19 32.31 21.48
CA LYS C 122 -25.29 33.20 21.91
C LYS C 122 -26.51 33.01 21.02
N PRO C 123 -27.71 33.00 21.61
CA PRO C 123 -27.91 33.17 23.06
C PRO C 123 -27.99 31.87 23.89
N ASN C 124 -27.55 30.74 23.32
CA ASN C 124 -27.50 29.49 24.08
C ASN C 124 -28.83 29.13 24.74
N PRO C 125 -29.89 28.95 23.95
CA PRO C 125 -31.24 28.71 24.48
C PRO C 125 -31.39 27.47 25.38
N THR C 126 -30.54 26.45 25.19
CA THR C 126 -30.60 25.23 26.01
C THR C 126 -29.58 25.23 27.16
N GLY C 127 -28.85 26.31 27.33
CA GLY C 127 -27.81 26.39 28.37
C GLY C 127 -26.85 25.22 28.33
N THR C 128 -26.34 24.90 27.15
CA THR C 128 -25.40 23.80 26.96
C THR C 128 -23.98 24.20 27.35
N VAL C 129 -23.27 23.29 27.99
CA VAL C 129 -21.87 23.51 28.36
C VAL C 129 -21.02 22.28 28.02
N GLY C 130 -19.71 22.40 28.16
CA GLY C 130 -18.84 21.28 27.84
C GLY C 130 -18.67 20.33 29.01
N VAL C 131 -18.02 19.20 28.75
CA VAL C 131 -17.91 18.11 29.73
C VAL C 131 -17.29 18.52 31.06
N ASN C 132 -16.05 19.01 31.04
CA ASN C 132 -15.41 19.41 32.31
C ASN C 132 -16.22 20.46 33.07
N GLU C 133 -16.86 21.38 32.37
CA GLU C 133 -17.66 22.38 33.07
C GLU C 133 -18.86 21.75 33.73
N ALA C 134 -19.48 20.78 33.05
CA ALA C 134 -20.67 20.12 33.58
C ALA C 134 -20.39 19.13 34.71
N LEU C 135 -19.35 18.32 34.55
CA LEU C 135 -19.09 17.18 35.43
C LEU C 135 -17.82 17.28 36.27
N GLY C 136 -17.15 18.41 36.22
CA GLY C 136 -15.93 18.60 36.99
C GLY C 136 -16.13 18.44 38.50
N LYS C 137 -17.32 18.81 38.97
CA LYS C 137 -17.63 18.74 40.39
C LYS C 137 -17.91 17.31 40.82
N LEU C 138 -17.84 16.38 39.88
CA LEU C 138 -18.03 14.96 40.18
C LEU C 138 -16.71 14.20 40.07
N GLY C 139 -15.61 14.95 39.86
CA GLY C 139 -14.28 14.37 39.77
C GLY C 139 -13.86 14.08 38.34
N VAL C 140 -14.74 14.36 37.38
CA VAL C 140 -14.40 14.11 35.98
C VAL C 140 -13.41 15.13 35.46
N LYS C 141 -12.30 14.64 34.92
CA LYS C 141 -11.30 15.50 34.29
C LYS C 141 -11.03 14.94 32.91
N ALA C 142 -11.74 15.46 31.93
CA ALA C 142 -11.68 14.90 30.59
C ALA C 142 -10.51 15.45 29.77
N ILE C 143 -9.90 14.58 28.98
CA ILE C 143 -8.98 14.99 27.92
C ILE C 143 -9.82 15.61 26.79
N ASN C 144 -9.43 16.81 26.37
CA ASN C 144 -10.21 17.57 25.39
C ASN C 144 -9.63 17.46 23.98
N ILE C 145 -10.28 16.68 23.13
CA ILE C 145 -9.89 16.58 21.72
C ILE C 145 -10.73 17.57 20.91
N ALA C 146 -10.20 18.77 20.72
CA ALA C 146 -10.93 19.87 20.12
C ALA C 146 -10.89 19.83 18.60
N GLY C 147 -11.80 20.57 17.98
CA GLY C 147 -12.00 20.53 16.53
C GLY C 147 -13.44 20.25 16.20
N CYS C 148 -13.90 20.72 15.05
CA CYS C 148 -15.31 20.61 14.71
C CYS C 148 -15.52 20.06 13.30
N PRO C 149 -15.27 18.77 13.08
CA PRO C 149 -14.73 17.84 14.07
C PRO C 149 -13.20 17.80 14.13
N PRO C 150 -12.66 17.07 15.11
CA PRO C 150 -11.21 16.93 15.25
C PRO C 150 -10.62 16.05 14.15
N ASN C 151 -9.32 16.19 13.90
CA ASN C 151 -8.63 15.25 13.05
C ASN C 151 -8.71 13.90 13.70
N PRO C 152 -9.15 12.89 12.95
CA PRO C 152 -9.31 11.55 13.50
C PRO C 152 -8.04 11.03 14.19
N MET C 153 -6.89 11.34 13.63
CA MET C 153 -5.62 10.89 14.19
C MET C 153 -5.46 11.39 15.63
N ASN C 154 -6.04 12.55 15.93
CA ASN C 154 -5.90 13.16 17.25
C ASN C 154 -6.78 12.46 18.28
N PHE C 155 -7.89 11.87 17.81
CA PHE C 155 -8.73 11.11 18.72
C PHE C 155 -8.15 9.72 18.92
N VAL C 156 -7.90 9.02 17.83
CA VAL C 156 -7.44 7.64 17.88
C VAL C 156 -6.05 7.52 18.48
N GLY C 157 -5.17 8.47 18.16
CA GLY C 157 -3.83 8.53 18.75
C GLY C 157 -3.87 8.69 20.26
N THR C 158 -4.90 9.36 20.75
CA THR C 158 -5.05 9.57 22.18
C THR C 158 -5.58 8.31 22.88
N VAL C 159 -6.53 7.64 22.25
CA VAL C 159 -7.00 6.34 22.74
C VAL C 159 -5.81 5.38 22.87
N VAL C 160 -5.01 5.27 21.82
CA VAL C 160 -3.87 4.36 21.81
C VAL C 160 -2.82 4.75 22.85
N HIS C 161 -2.46 6.03 22.89
CA HIS C 161 -1.48 6.51 23.84
C HIS C 161 -1.96 6.20 25.25
N LEU C 162 -3.26 6.37 25.45
CA LEU C 162 -3.90 6.09 26.73
C LEU C 162 -3.74 4.62 27.10
N LEU C 163 -4.02 3.74 26.14
CA LEU C 163 -4.07 2.31 26.41
C LEU C 163 -2.70 1.73 26.71
N THR C 164 -1.65 2.29 26.12
CA THR C 164 -0.32 1.76 26.31
C THR C 164 0.56 2.61 27.23
N LYS C 165 0.46 3.94 27.11
CA LYS C 165 1.32 4.85 27.87
C LYS C 165 0.58 5.70 28.92
N GLY C 166 -0.73 5.52 29.06
CA GLY C 166 -1.51 6.29 30.03
C GLY C 166 -1.80 7.74 29.63
N MET C 167 -1.71 8.63 30.62
CA MET C 167 -2.12 10.02 30.44
C MET C 167 -1.09 10.86 29.69
N PRO C 168 -1.54 11.55 28.65
CA PRO C 168 -0.67 12.44 27.86
C PRO C 168 -0.61 13.86 28.43
N GLU C 169 0.46 14.59 28.15
CA GLU C 169 0.58 15.99 28.58
C GLU C 169 -0.50 16.86 27.94
N LEU C 170 -1.19 17.66 28.76
CA LEU C 170 -2.29 18.51 28.30
C LEU C 170 -1.97 20.00 28.44
N ASP C 171 -2.42 20.83 27.48
CA ASP C 171 -2.33 22.29 27.65
C ASP C 171 -3.41 22.78 28.63
N LYS C 172 -3.46 24.07 28.89
CA LYS C 172 -4.43 24.59 29.86
C LYS C 172 -5.88 24.50 29.37
N GLN C 173 -6.07 24.15 28.10
CA GLN C 173 -7.42 23.98 27.59
C GLN C 173 -7.77 22.48 27.53
N GLY C 174 -6.94 21.67 28.18
CA GLY C 174 -7.17 20.24 28.27
C GLY C 174 -6.86 19.46 27.01
N ARG C 175 -6.09 20.08 26.10
CA ARG C 175 -5.73 19.42 24.84
C ARG C 175 -4.34 18.77 24.89
N PRO C 176 -4.21 17.58 24.31
CA PRO C 176 -2.91 16.90 24.24
C PRO C 176 -1.89 17.73 23.48
N VAL C 177 -0.79 18.06 24.15
CA VAL C 177 0.26 18.90 23.58
C VAL C 177 0.89 18.29 22.33
N MET C 178 0.93 16.97 22.28
CA MET C 178 1.50 16.28 21.12
C MET C 178 0.73 16.53 19.81
N PHE C 179 -0.54 16.94 19.89
CA PHE C 179 -1.30 17.28 18.69
C PHE C 179 -1.62 18.79 18.53
N PHE C 180 -1.86 19.45 19.66
CA PHE C 180 -2.41 20.81 19.68
C PHE C 180 -1.39 21.87 20.15
N GLY C 181 -0.11 21.51 20.15
CA GLY C 181 0.90 22.38 20.73
C GLY C 181 1.40 23.52 19.86
N GLU C 182 1.08 23.50 18.57
CA GLU C 182 1.46 24.59 17.67
C GLU C 182 0.25 25.18 16.95
N THR C 183 0.34 26.45 16.54
CA THR C 183 -0.75 27.04 15.79
C THR C 183 -0.81 26.54 14.35
N VAL C 184 -1.98 26.62 13.77
CA VAL C 184 -2.16 26.30 12.37
C VAL C 184 -1.22 27.18 11.55
N HIS C 185 -1.18 28.45 11.93
CA HIS C 185 -0.43 29.49 11.24
C HIS C 185 1.08 29.21 11.18
N ASP C 186 1.65 28.77 12.30
CA ASP C 186 3.09 28.50 12.33
C ASP C 186 3.52 27.39 11.38
N ASN C 187 2.59 26.56 10.93
CA ASN C 187 2.93 25.51 9.97
C ASN C 187 2.27 25.71 8.61
N CYS C 188 1.71 26.89 8.36
CA CYS C 188 0.99 27.14 7.11
C CYS C 188 1.93 27.38 5.92
N PRO C 189 1.67 26.69 4.82
CA PRO C 189 2.42 26.90 3.58
C PRO C 189 2.35 28.34 3.04
N ARG C 190 1.32 29.10 3.40
CA ARG C 190 1.22 30.51 2.95
C ARG C 190 1.97 31.48 3.88
N LEU C 191 2.64 30.93 4.90
CA LEU C 191 3.36 31.77 5.86
C LEU C 191 4.35 32.72 5.16
N LYS C 192 5.05 32.24 4.15
CA LYS C 192 5.99 33.10 3.40
C LYS C 192 5.28 34.28 2.73
N HIS C 193 4.03 34.11 2.31
CA HIS C 193 3.27 35.26 1.84
C HIS C 193 2.96 36.21 3.00
N PHE C 194 2.52 35.67 4.14
CA PHE C 194 2.20 36.49 5.31
C PHE C 194 3.41 37.35 5.72
N GLU C 195 4.59 36.75 5.81
CA GLU C 195 5.82 37.49 6.14
C GLU C 195 6.22 38.51 5.08
N ALA C 196 5.93 38.21 3.81
CA ALA C 196 6.22 39.17 2.74
C ALA C 196 5.17 40.29 2.59
N GLY C 197 4.03 40.16 3.27
CA GLY C 197 2.99 41.19 3.20
C GLY C 197 2.10 41.02 1.98
N GLU C 198 1.93 39.77 1.54
CA GLU C 198 1.18 39.49 0.32
C GLU C 198 -0.15 38.83 0.68
N PHE C 199 -1.20 39.63 0.64
CA PHE C 199 -2.53 39.21 1.03
C PHE C 199 -3.52 39.32 -0.12
N ALA C 200 -4.49 38.41 -0.17
CA ALA C 200 -5.62 38.57 -1.07
C ALA C 200 -6.75 39.32 -0.34
N THR C 201 -7.38 40.30 -1.00
CA THR C 201 -8.49 41.04 -0.37
C THR C 201 -9.85 40.76 -1.00
N SER C 202 -9.90 39.83 -1.93
CA SER C 202 -11.17 39.29 -2.35
C SER C 202 -10.91 37.91 -2.91
N PHE C 203 -11.95 37.08 -2.97
CA PHE C 203 -11.79 35.69 -3.36
C PHE C 203 -11.59 35.50 -4.86
N GLY C 204 -11.88 36.51 -5.67
CA GLY C 204 -11.74 36.40 -7.13
C GLY C 204 -10.55 37.12 -7.75
N SER C 205 -9.71 37.72 -6.90
CA SER C 205 -8.57 38.48 -7.38
C SER C 205 -7.43 37.55 -7.82
N PRO C 206 -6.49 38.09 -8.59
CA PRO C 206 -5.26 37.39 -8.96
C PRO C 206 -4.49 36.93 -7.72
N GLU C 207 -4.44 37.78 -6.69
CA GLU C 207 -3.78 37.41 -5.44
C GLU C 207 -4.37 36.11 -4.85
N ALA C 208 -5.69 36.00 -4.85
CA ALA C 208 -6.36 34.76 -4.45
C ALA C 208 -5.97 33.56 -5.32
N LYS C 209 -5.96 33.73 -6.64
CA LYS C 209 -5.60 32.64 -7.55
C LYS C 209 -4.13 32.20 -7.36
N LYS C 210 -3.27 33.14 -6.99
CA LYS C 210 -1.88 32.85 -6.77
C LYS C 210 -1.67 32.27 -5.37
N GLY C 211 -2.73 32.20 -4.58
CA GLY C 211 -2.63 31.58 -3.27
C GLY C 211 -1.93 32.47 -2.25
N TYR C 212 -2.24 33.76 -2.25
CA TYR C 212 -1.71 34.66 -1.22
C TYR C 212 -2.35 34.38 0.16
N CYS C 213 -1.74 34.89 1.20
CA CYS C 213 -2.25 34.68 2.55
C CYS C 213 -3.67 35.19 2.65
N LEU C 214 -4.47 34.54 3.50
CA LEU C 214 -5.89 34.85 3.62
C LEU C 214 -6.25 35.64 4.91
N TYR C 215 -5.25 36.16 5.60
CA TYR C 215 -5.48 36.92 6.82
C TYR C 215 -6.54 38.00 6.66
N GLU C 216 -6.48 38.77 5.57
CA GLU C 216 -7.44 39.88 5.39
C GLU C 216 -8.83 39.36 5.06
N LEU C 217 -8.93 38.12 4.61
CA LEU C 217 -10.25 37.52 4.34
C LEU C 217 -10.73 36.74 5.56
N GLY C 218 -10.06 36.96 6.70
CA GLY C 218 -10.57 36.48 7.98
C GLY C 218 -9.91 35.26 8.61
N CYS C 219 -8.83 34.75 8.01
CA CYS C 219 -8.16 33.56 8.53
C CYS C 219 -7.76 33.72 10.00
N LYS C 220 -8.21 32.78 10.83
CA LYS C 220 -7.87 32.77 12.24
C LYS C 220 -6.71 31.81 12.61
N GLY C 221 -5.99 31.32 11.60
CA GLY C 221 -4.86 30.44 11.82
C GLY C 221 -3.84 30.90 12.87
N PRO C 222 -3.56 32.19 12.92
CA PRO C 222 -2.58 32.71 13.89
C PRO C 222 -2.98 32.46 15.36
N ASP C 223 -4.27 32.29 15.63
CA ASP C 223 -4.73 32.12 17.00
C ASP C 223 -5.27 30.72 17.27
N THR C 224 -5.08 29.80 16.33
CA THR C 224 -5.72 28.49 16.42
C THR C 224 -4.71 27.35 16.57
N TYR C 225 -4.85 26.60 17.67
CA TYR C 225 -4.00 25.44 17.92
C TYR C 225 -4.60 24.15 17.39
N ASN C 226 -3.94 23.57 16.38
CA ASN C 226 -4.38 22.35 15.71
C ASN C 226 -3.25 21.91 14.78
N ASN C 227 -3.36 20.73 14.20
CA ASN C 227 -2.28 20.22 13.32
C ASN C 227 -2.70 20.04 11.85
N CYS C 228 -3.61 20.89 11.40
CA CYS C 228 -4.26 20.71 10.09
C CYS C 228 -3.30 20.69 8.88
N PRO C 229 -2.42 21.68 8.78
CA PRO C 229 -1.52 21.79 7.61
C PRO C 229 -0.55 20.62 7.46
N LYS C 230 -0.07 20.06 8.57
CA LYS C 230 0.91 18.98 8.48
C LYS C 230 0.27 17.60 8.37
N GLN C 231 -0.92 17.42 8.97
CA GLN C 231 -1.55 16.11 8.94
C GLN C 231 -2.52 15.99 7.77
N LEU C 232 -3.18 17.09 7.44
CA LEU C 232 -4.25 17.10 6.42
C LEU C 232 -5.42 16.30 6.94
N PHE C 233 -6.52 16.34 6.19
CA PHE C 233 -7.74 15.60 6.51
C PHE C 233 -7.97 14.66 5.35
N ASN C 234 -8.46 13.46 5.64
CA ASN C 234 -8.70 12.48 4.58
C ASN C 234 -7.44 12.22 3.73
N GLN C 235 -6.27 12.53 4.32
CA GLN C 235 -4.97 12.31 3.69
C GLN C 235 -4.70 13.19 2.45
N VAL C 236 -5.53 14.20 2.22
CA VAL C 236 -5.43 14.94 0.95
C VAL C 236 -5.60 16.47 0.97
N ASN C 237 -6.18 17.06 2.00
CA ASN C 237 -6.50 18.49 1.92
C ASN C 237 -6.72 19.15 3.29
N TRP C 238 -6.77 20.48 3.29
CA TRP C 238 -7.22 21.27 4.46
C TRP C 238 -7.78 22.63 4.03
N PRO C 239 -8.55 23.27 4.90
CA PRO C 239 -9.25 24.51 4.53
C PRO C 239 -8.41 25.54 3.76
N VAL C 240 -7.24 25.91 4.27
CA VAL C 240 -6.44 26.92 3.63
C VAL C 240 -5.87 26.49 2.28
N GLN C 241 -5.53 25.21 2.14
CA GLN C 241 -5.04 24.73 0.83
C GLN C 241 -6.18 24.83 -0.17
N ALA C 242 -7.40 24.69 0.33
CA ALA C 242 -8.59 24.82 -0.51
C ALA C 242 -9.03 26.28 -0.65
N GLY C 243 -8.16 27.18 -0.20
CA GLY C 243 -8.34 28.61 -0.43
C GLY C 243 -9.37 29.28 0.46
N HIS C 244 -9.74 28.61 1.55
CA HIS C 244 -10.69 29.15 2.50
C HIS C 244 -10.02 29.41 3.86
N PRO C 245 -10.26 30.57 4.45
CA PRO C 245 -9.71 30.85 5.79
C PRO C 245 -10.09 29.82 6.87
N CYS C 246 -9.20 29.71 7.85
CA CYS C 246 -9.42 28.91 9.06
C CYS C 246 -10.49 29.66 9.88
N ILE C 247 -11.46 28.92 10.45
CA ILE C 247 -12.45 29.56 11.31
C ILE C 247 -12.21 29.30 12.80
N ALA C 248 -11.04 28.76 13.12
CA ALA C 248 -10.61 28.52 14.52
C ALA C 248 -11.46 27.45 15.21
N CYS C 249 -11.79 26.38 14.50
CA CYS C 249 -12.80 25.46 15.03
C CYS C 249 -12.35 24.62 16.22
N SER C 250 -11.08 24.74 16.62
CA SER C 250 -10.59 24.01 17.79
C SER C 250 -10.37 24.89 19.03
N GLU C 251 -10.88 26.12 18.99
CA GLU C 251 -10.70 27.07 20.10
C GLU C 251 -12.01 27.24 20.88
N PRO C 252 -11.93 27.36 22.20
CA PRO C 252 -13.12 27.58 23.02
C PRO C 252 -13.91 28.79 22.53
N ASN C 253 -15.23 28.65 22.44
CA ASN C 253 -16.08 29.79 22.09
C ASN C 253 -15.80 30.35 20.69
N PHE C 254 -15.20 29.56 19.80
CA PHE C 254 -14.90 30.07 18.46
C PHE C 254 -16.11 30.68 17.74
N TRP C 255 -17.29 30.10 17.95
CA TRP C 255 -18.51 30.60 17.30
C TRP C 255 -18.76 32.09 17.53
N ASP C 256 -18.41 32.60 18.70
CA ASP C 256 -18.61 34.02 19.02
C ASP C 256 -17.33 34.85 19.00
N LEU C 257 -16.25 34.28 19.50
CA LEU C 257 -14.96 34.97 19.57
C LEU C 257 -14.33 35.17 18.19
N TYR C 258 -14.49 34.21 17.29
CA TYR C 258 -13.77 34.27 16.02
C TYR C 258 -14.63 34.58 14.77
N SER C 259 -15.88 34.97 14.99
CA SER C 259 -16.71 35.53 13.91
C SER C 259 -16.87 37.01 14.21
N PRO C 260 -17.23 37.83 13.21
CA PRO C 260 -17.48 37.39 11.82
C PRO C 260 -16.31 36.62 11.21
N PHE C 261 -16.60 35.56 10.47
CA PHE C 261 -15.56 34.68 9.95
C PHE C 261 -14.73 35.28 8.82
N TYR C 262 -15.28 36.26 8.11
CA TYR C 262 -14.60 36.79 6.94
C TYR C 262 -13.90 38.10 7.16
N SER C 263 -13.71 38.47 8.43
CA SER C 263 -12.85 39.62 8.72
C SER C 263 -11.85 39.37 9.86
N ALA C 264 -10.75 40.11 9.83
CA ALA C 264 -9.73 39.97 10.86
C ALA C 264 -10.25 40.50 12.21
N ASN D 7 -51.49 -3.75 23.39
CA ASN D 7 -50.61 -2.98 24.31
C ASN D 7 -49.67 -2.06 23.55
N LYS D 8 -48.71 -1.48 24.28
CA LYS D 8 -47.84 -0.46 23.76
C LYS D 8 -46.39 -0.96 23.68
N ILE D 9 -45.73 -0.69 22.56
CA ILE D 9 -44.30 -0.97 22.40
C ILE D 9 -43.49 0.31 22.32
N VAL D 10 -42.38 0.36 23.04
CA VAL D 10 -41.47 1.50 22.96
C VAL D 10 -40.06 1.05 22.55
N VAL D 11 -39.49 1.75 21.59
CA VAL D 11 -38.08 1.57 21.25
C VAL D 11 -37.38 2.91 21.42
N ASP D 12 -36.58 3.02 22.46
CA ASP D 12 -35.86 4.26 22.76
C ASP D 12 -34.64 3.85 23.53
N PRO D 13 -33.45 4.07 22.97
CA PRO D 13 -33.28 4.78 21.71
C PRO D 13 -33.38 3.90 20.46
N ILE D 14 -33.76 4.51 19.35
CA ILE D 14 -33.59 3.87 18.05
C ILE D 14 -32.09 3.95 17.75
N THR D 15 -31.50 2.85 17.33
CA THR D 15 -30.08 2.86 16.96
C THR D 15 -29.89 2.80 15.44
N ARG D 16 -28.63 2.94 15.03
CA ARG D 16 -28.27 2.95 13.61
C ARG D 16 -29.11 3.98 12.83
N ILE D 17 -29.23 5.16 13.41
CA ILE D 17 -29.68 6.38 12.71
C ILE D 17 -28.78 7.50 13.17
N GLU D 18 -28.98 8.71 12.65
CA GLU D 18 -28.38 9.89 13.27
C GLU D 18 -29.32 10.53 14.30
N GLY D 19 -28.82 10.75 15.51
CA GLY D 19 -29.56 11.53 16.49
C GLY D 19 -30.48 10.80 17.44
N HIS D 20 -31.41 11.52 18.06
CA HIS D 20 -32.15 11.01 19.20
C HIS D 20 -33.65 10.82 18.95
N LEU D 21 -34.03 9.57 18.70
CA LEU D 21 -35.39 9.26 18.33
C LEU D 21 -35.99 8.21 19.24
N ARG D 22 -37.20 8.51 19.71
CA ARG D 22 -38.02 7.58 20.47
C ARG D 22 -39.25 7.19 19.63
N ILE D 23 -39.56 5.91 19.56
CA ILE D 23 -40.75 5.46 18.84
C ILE D 23 -41.72 4.77 19.78
N GLU D 24 -42.98 5.20 19.77
CA GLU D 24 -44.02 4.54 20.53
C GLU D 24 -45.06 4.02 19.55
N VAL D 25 -45.46 2.76 19.72
CA VAL D 25 -46.47 2.20 18.85
C VAL D 25 -47.45 1.38 19.65
N GLU D 26 -48.70 1.36 19.21
CA GLU D 26 -49.72 0.53 19.82
C GLU D 26 -49.99 -0.65 18.91
N VAL D 27 -50.11 -1.84 19.51
CA VAL D 27 -50.23 -3.07 18.75
C VAL D 27 -51.46 -3.86 19.15
N GLU D 28 -51.99 -4.61 18.19
CA GLU D 28 -53.20 -5.39 18.38
C GLU D 28 -53.20 -6.52 17.36
N GLY D 29 -53.48 -7.74 17.82
CA GLY D 29 -53.42 -8.89 16.94
C GLY D 29 -52.09 -9.00 16.23
N GLY D 30 -51.00 -8.65 16.93
CA GLY D 30 -49.66 -8.79 16.42
C GLY D 30 -49.30 -7.83 15.30
N LYS D 31 -50.06 -6.75 15.17
CA LYS D 31 -49.78 -5.71 14.16
C LYS D 31 -49.87 -4.29 14.72
N ILE D 32 -49.11 -3.38 14.14
CA ILE D 32 -49.13 -2.00 14.62
C ILE D 32 -50.43 -1.30 14.22
N LYS D 33 -51.08 -0.67 15.19
CA LYS D 33 -52.36 -0.01 14.98
C LYS D 33 -52.25 1.51 15.10
N ASN D 34 -51.23 1.99 15.80
CA ASN D 34 -50.96 3.43 15.86
C ASN D 34 -49.51 3.71 16.20
N ALA D 35 -49.06 4.93 15.91
CA ALA D 35 -47.64 5.26 16.09
C ALA D 35 -47.36 6.73 16.41
N TRP D 36 -46.29 6.98 17.16
CA TRP D 36 -45.83 8.32 17.52
C TRP D 36 -44.31 8.45 17.31
N SER D 37 -43.92 9.43 16.50
CA SER D 37 -42.52 9.65 16.20
C SER D 37 -42.00 10.78 17.08
N MET D 38 -41.15 10.43 18.04
CA MET D 38 -40.77 11.36 19.12
C MET D 38 -39.29 11.70 19.09
N SER D 39 -38.97 12.92 18.68
CA SER D 39 -37.59 13.40 18.61
C SER D 39 -37.20 14.15 19.88
N THR D 40 -36.08 13.79 20.50
CA THR D 40 -35.87 14.22 21.90
C THR D 40 -34.62 15.03 22.22
N LEU D 41 -34.05 15.68 21.20
CA LEU D 41 -33.00 16.68 21.41
C LEU D 41 -33.32 17.95 20.61
N PHE D 42 -33.21 19.10 21.26
CA PHE D 42 -33.34 20.39 20.58
C PHE D 42 -32.07 21.21 20.80
N ARG D 43 -31.66 21.95 19.78
CA ARG D 43 -30.44 22.75 19.84
C ARG D 43 -30.71 24.25 19.63
N GLY D 44 -31.48 24.56 18.58
CA GLY D 44 -31.97 25.92 18.37
C GLY D 44 -31.08 26.80 17.50
N LEU D 45 -30.50 26.18 16.48
CA LEU D 45 -29.66 26.89 15.52
C LEU D 45 -30.38 28.12 14.94
N GLU D 46 -31.68 28.01 14.70
CA GLU D 46 -32.40 29.13 14.13
C GLU D 46 -32.39 30.33 15.07
N MET D 47 -32.50 30.08 16.37
CA MET D 47 -32.44 31.15 17.36
C MET D 47 -31.04 31.76 17.43
N ILE D 48 -30.03 30.91 17.33
CA ILE D 48 -28.65 31.37 17.40
C ILE D 48 -28.26 32.30 16.23
N LEU D 49 -28.81 32.01 15.05
CA LEU D 49 -28.49 32.76 13.83
C LEU D 49 -28.98 34.21 13.85
N LYS D 50 -29.97 34.49 14.70
CA LYS D 50 -30.61 35.81 14.76
C LYS D 50 -29.60 36.96 14.87
N GLY D 51 -29.69 37.93 13.98
CA GLY D 51 -28.89 39.15 14.10
C GLY D 51 -27.47 38.99 13.63
N ARG D 52 -27.10 37.77 13.23
CA ARG D 52 -25.73 37.55 12.78
C ARG D 52 -25.51 37.97 11.32
N ASP D 53 -24.26 37.97 10.92
CA ASP D 53 -23.89 38.27 9.55
C ASP D 53 -24.24 37.08 8.66
N PRO D 54 -24.97 37.32 7.57
CA PRO D 54 -25.41 36.25 6.67
C PRO D 54 -24.25 35.45 6.09
N ARG D 55 -23.07 36.07 6.02
CA ARG D 55 -21.91 35.34 5.53
C ARG D 55 -21.49 34.26 6.53
N ASP D 56 -21.80 34.48 7.81
CA ASP D 56 -21.51 33.45 8.82
C ASP D 56 -22.49 32.27 8.79
N ALA D 57 -23.64 32.40 8.13
CA ALA D 57 -24.68 31.38 8.27
C ALA D 57 -24.26 29.97 7.85
N GLN D 58 -23.61 29.83 6.70
CA GLN D 58 -23.30 28.50 6.18
C GLN D 58 -22.48 27.70 7.18
N HIS D 59 -21.66 28.40 7.97
CA HIS D 59 -20.79 27.75 8.94
C HIS D 59 -21.52 27.18 10.14
N PHE D 60 -22.51 27.92 10.64
CA PHE D 60 -23.42 27.48 11.70
C PHE D 60 -24.34 26.35 11.20
N THR D 61 -24.98 26.56 10.06
CA THR D 61 -25.97 25.58 9.60
C THR D 61 -25.34 24.27 9.16
N GLN D 62 -24.08 24.28 8.72
CA GLN D 62 -23.48 23.02 8.33
C GLN D 62 -23.49 22.07 9.53
N ARG D 63 -23.38 22.65 10.72
CA ARG D 63 -23.38 21.88 11.96
C ARG D 63 -24.79 21.40 12.36
N ALA D 64 -25.79 21.69 11.55
CA ALA D 64 -27.08 21.03 11.76
C ALA D 64 -26.84 19.53 11.82
N CYS D 65 -25.87 19.05 11.04
CA CYS D 65 -25.60 17.60 10.95
C CYS D 65 -24.32 17.27 10.22
N GLY D 66 -23.56 16.33 10.76
CA GLY D 66 -22.30 15.89 10.17
C GLY D 66 -22.37 14.57 9.41
N VAL D 67 -23.54 13.95 9.37
CA VAL D 67 -23.73 12.76 8.53
C VAL D 67 -23.99 13.25 7.11
N CYS D 68 -25.06 14.05 6.94
CA CYS D 68 -25.23 14.80 5.70
C CYS D 68 -24.42 16.10 5.82
N THR D 69 -23.12 15.97 6.01
CA THR D 69 -22.24 17.14 6.04
C THR D 69 -22.31 17.78 4.63
N TYR D 70 -21.88 19.03 4.54
CA TYR D 70 -21.90 19.80 3.29
C TYR D 70 -23.29 20.34 2.91
N VAL D 71 -24.27 19.47 2.76
CA VAL D 71 -25.60 19.85 2.26
C VAL D 71 -26.24 21.12 2.88
N HIS D 72 -26.09 21.34 4.18
CA HIS D 72 -26.60 22.60 4.78
C HIS D 72 -25.78 23.82 4.37
N ALA D 73 -24.46 23.64 4.24
CA ALA D 73 -23.61 24.72 3.74
C ALA D 73 -24.06 25.15 2.34
N LEU D 74 -24.29 24.17 1.47
CA LEU D 74 -24.80 24.41 0.11
C LEU D 74 -26.11 25.18 0.15
N ALA D 75 -27.04 24.70 0.98
CA ALA D 75 -28.37 25.32 1.05
C ALA D 75 -28.26 26.76 1.53
N SER D 76 -27.37 27.01 2.49
CA SER D 76 -27.16 28.36 3.02
C SER D 76 -26.57 29.31 1.98
N VAL D 77 -25.44 28.94 1.38
CA VAL D 77 -24.88 29.83 0.36
C VAL D 77 -25.82 29.98 -0.85
N ARG D 78 -26.59 28.95 -1.19
CA ARG D 78 -27.63 29.10 -2.24
C ARG D 78 -28.69 30.13 -1.83
N ALA D 79 -29.10 30.09 -0.55
CA ALA D 79 -30.11 31.03 -0.07
C ALA D 79 -29.60 32.47 -0.04
N VAL D 80 -28.41 32.67 0.52
CA VAL D 80 -27.82 34.02 0.51
C VAL D 80 -27.41 34.43 -0.91
N ASP D 81 -26.91 33.48 -1.72
CA ASP D 81 -26.65 33.78 -3.12
C ASP D 81 -27.93 34.39 -3.72
N ASN D 82 -29.06 33.73 -3.47
CA ASN D 82 -30.34 34.13 -4.02
C ASN D 82 -30.85 35.45 -3.45
N CYS D 83 -30.64 35.68 -2.16
CA CYS D 83 -31.16 36.93 -1.60
C CYS D 83 -30.37 38.17 -2.06
N VAL D 84 -29.15 37.99 -2.55
CA VAL D 84 -28.39 39.12 -3.07
C VAL D 84 -28.32 39.12 -4.61
N GLY D 85 -28.94 38.11 -5.24
CA GLY D 85 -29.05 38.05 -6.70
C GLY D 85 -27.77 37.76 -7.48
N VAL D 86 -26.77 37.14 -6.86
CA VAL D 86 -25.50 36.91 -7.54
C VAL D 86 -25.52 35.67 -8.40
N LYS D 87 -24.84 35.72 -9.55
CA LYS D 87 -24.75 34.58 -10.45
C LYS D 87 -23.35 33.98 -10.41
N ILE D 88 -23.19 32.85 -9.72
CA ILE D 88 -21.86 32.29 -9.56
C ILE D 88 -21.38 31.74 -10.89
N PRO D 89 -20.06 31.63 -11.08
CA PRO D 89 -19.51 31.15 -12.34
C PRO D 89 -19.81 29.66 -12.52
N GLU D 90 -19.81 29.17 -13.76
CA GLU D 90 -20.09 27.76 -14.06
C GLU D 90 -19.17 26.77 -13.34
N ASN D 91 -17.87 27.07 -13.26
CA ASN D 91 -16.97 26.18 -12.52
C ASN D 91 -17.44 26.01 -11.09
N ALA D 92 -18.05 27.06 -10.53
CA ALA D 92 -18.51 27.00 -9.16
C ALA D 92 -19.71 26.05 -9.04
N THR D 93 -20.63 26.18 -10.00
CA THR D 93 -21.78 25.29 -10.09
C THR D 93 -21.29 23.85 -10.25
N LEU D 94 -20.34 23.65 -11.16
CA LEU D 94 -19.76 22.32 -11.38
C LEU D 94 -19.11 21.74 -10.12
N MET D 95 -18.31 22.55 -9.40
CA MET D 95 -17.61 22.06 -8.21
C MET D 95 -18.58 21.73 -7.07
N ARG D 96 -19.62 22.55 -6.91
CA ARG D 96 -20.67 22.31 -5.93
C ARG D 96 -21.51 21.05 -6.23
N ASN D 97 -21.78 20.79 -7.52
CA ASN D 97 -22.48 19.58 -7.97
C ASN D 97 -21.61 18.35 -7.77
N LEU D 98 -20.32 18.50 -8.03
CA LEU D 98 -19.43 17.36 -7.93
C LEU D 98 -19.29 16.91 -6.49
N THR D 99 -19.28 17.87 -5.57
CA THR D 99 -19.16 17.57 -4.15
C THR D 99 -20.44 16.88 -3.64
N MET D 100 -21.59 17.34 -4.14
CA MET D 100 -22.86 16.72 -3.77
C MET D 100 -22.93 15.28 -4.29
N GLY D 101 -22.43 15.08 -5.51
CA GLY D 101 -22.30 13.74 -6.09
C GLY D 101 -21.53 12.82 -5.16
N ALA D 102 -20.34 13.26 -4.74
CA ALA D 102 -19.52 12.46 -3.82
C ALA D 102 -20.26 12.17 -2.53
N GLN D 103 -21.03 13.14 -2.04
CA GLN D 103 -21.80 12.94 -0.82
C GLN D 103 -22.90 11.87 -0.98
N TYR D 104 -23.61 11.87 -2.12
CA TYR D 104 -24.63 10.83 -2.35
C TYR D 104 -23.95 9.49 -2.23
N MET D 105 -22.75 9.38 -2.81
CA MET D 105 -22.07 8.10 -2.93
C MET D 105 -21.61 7.58 -1.57
N HIS D 106 -21.00 8.44 -0.76
CA HIS D 106 -20.59 8.08 0.60
C HIS D 106 -21.78 7.72 1.51
N ASP D 107 -22.77 8.61 1.53
CA ASP D 107 -23.92 8.52 2.44
C ASP D 107 -24.78 7.26 2.21
N HIS D 108 -25.16 6.98 0.96
CA HIS D 108 -25.99 5.80 0.70
C HIS D 108 -25.27 4.44 0.88
N LEU D 109 -23.98 4.39 0.57
CA LEU D 109 -23.19 3.19 0.86
C LEU D 109 -23.20 2.91 2.35
N VAL D 110 -22.87 3.93 3.16
CA VAL D 110 -22.80 3.75 4.60
C VAL D 110 -24.16 3.35 5.18
N HIS D 111 -25.22 4.01 4.73
CA HIS D 111 -26.55 3.70 5.25
C HIS D 111 -26.92 2.23 5.06
N PHE D 112 -26.84 1.76 3.81
CA PHE D 112 -27.23 0.38 3.54
C PHE D 112 -26.42 -0.62 4.33
N TYR D 113 -25.11 -0.60 4.19
CA TYR D 113 -24.31 -1.59 4.88
C TYR D 113 -24.29 -1.38 6.41
N HIS D 114 -24.03 -0.16 6.84
CA HIS D 114 -23.73 0.05 8.26
C HIS D 114 -24.88 0.54 9.14
N LEU D 115 -25.91 1.10 8.53
CA LEU D 115 -27.07 1.54 9.29
C LEU D 115 -28.29 0.61 9.08
N HIS D 116 -28.45 0.09 7.87
CA HIS D 116 -29.66 -0.64 7.53
C HIS D 116 -29.53 -2.17 7.52
N ALA D 117 -28.40 -2.69 7.03
CA ALA D 117 -28.25 -4.12 6.75
C ALA D 117 -28.49 -5.02 7.96
N LEU D 118 -28.13 -4.54 9.13
CA LEU D 118 -28.18 -5.38 10.34
C LEU D 118 -29.62 -5.71 10.75
N ASP D 119 -30.59 -5.13 10.06
CA ASP D 119 -31.99 -5.45 10.31
C ASP D 119 -32.38 -6.69 9.54
N TRP D 120 -31.60 -7.03 8.52
CA TRP D 120 -31.96 -8.12 7.60
C TRP D 120 -30.96 -9.28 7.63
N VAL D 121 -29.76 -9.02 8.15
CA VAL D 121 -28.67 -9.98 8.10
C VAL D 121 -28.33 -10.53 9.48
N ASN D 122 -28.17 -11.86 9.57
CA ASN D 122 -27.74 -12.49 10.81
C ASN D 122 -26.24 -12.77 10.80
N VAL D 123 -25.47 -11.81 11.29
CA VAL D 123 -24.02 -11.90 11.28
C VAL D 123 -23.53 -13.24 11.86
N ALA D 124 -24.06 -13.63 13.00
CA ALA D 124 -23.66 -14.88 13.63
C ALA D 124 -23.94 -16.11 12.74
N ASN D 125 -24.99 -16.05 11.94
CA ASN D 125 -25.32 -17.17 11.07
C ASN D 125 -24.31 -17.38 9.94
N ALA D 126 -23.49 -16.38 9.64
CA ALA D 126 -22.51 -16.54 8.58
C ALA D 126 -21.53 -17.64 8.95
N LEU D 127 -21.59 -18.04 10.22
CA LEU D 127 -20.74 -19.11 10.73
C LEU D 127 -21.16 -20.48 10.20
N ASN D 128 -22.45 -20.65 9.91
CA ASN D 128 -22.94 -21.95 9.44
C ASN D 128 -22.91 -22.07 7.91
N ALA D 129 -22.21 -21.15 7.27
CA ALA D 129 -22.14 -21.13 5.81
C ALA D 129 -21.07 -22.08 5.26
N ASP D 130 -21.35 -22.71 4.13
CA ASP D 130 -20.32 -23.39 3.35
C ASP D 130 -19.68 -22.33 2.44
N PRO D 131 -18.41 -21.99 2.70
CA PRO D 131 -17.81 -20.81 2.08
C PRO D 131 -17.64 -21.01 0.57
N ALA D 132 -17.54 -22.26 0.13
CA ALA D 132 -17.45 -22.57 -1.30
C ALA D 132 -18.75 -22.21 -2.02
N LYS D 133 -19.87 -22.48 -1.32
CA LYS D 133 -21.21 -22.11 -1.80
C LYS D 133 -21.38 -20.61 -1.84
N ALA D 134 -21.11 -19.96 -0.70
CA ALA D 134 -21.19 -18.51 -0.61
C ALA D 134 -20.45 -17.84 -1.78
N ALA D 135 -19.20 -18.26 -1.99
CA ALA D 135 -18.37 -17.71 -3.04
C ALA D 135 -18.95 -17.97 -4.43
N ARG D 136 -19.42 -19.20 -4.65
CA ARG D 136 -20.06 -19.53 -5.91
C ARG D 136 -21.27 -18.64 -6.12
N LEU D 137 -22.03 -18.41 -5.06
CA LEU D 137 -23.21 -17.57 -5.17
C LEU D 137 -22.82 -16.10 -5.42
N ALA D 138 -21.81 -15.61 -4.70
CA ALA D 138 -21.30 -14.26 -4.95
C ALA D 138 -20.93 -14.07 -6.43
N ASN D 139 -20.29 -15.07 -7.02
CA ASN D 139 -19.81 -14.93 -8.39
C ASN D 139 -20.93 -14.87 -9.43
N ASP D 140 -22.07 -15.49 -9.12
CA ASP D 140 -23.25 -15.43 -9.97
C ASP D 140 -23.97 -14.07 -9.83
N LEU D 141 -23.83 -13.41 -8.69
CA LEU D 141 -24.51 -12.14 -8.45
C LEU D 141 -23.79 -10.95 -9.09
N SER D 142 -22.45 -10.99 -9.08
CA SER D 142 -21.61 -9.87 -9.49
C SER D 142 -20.51 -10.29 -10.47
N PRO D 143 -20.07 -9.38 -11.34
CA PRO D 143 -18.99 -9.67 -12.28
C PRO D 143 -17.66 -9.61 -11.55
N ARG D 144 -17.74 -9.18 -10.29
CA ARG D 144 -16.61 -9.18 -9.38
C ARG D 144 -16.41 -10.57 -8.81
N LYS D 145 -15.29 -11.20 -9.14
CA LYS D 145 -15.07 -12.59 -8.72
C LYS D 145 -14.62 -12.70 -7.25
N THR D 146 -15.18 -13.68 -6.56
CA THR D 146 -14.86 -13.94 -5.17
C THR D 146 -14.36 -15.35 -5.02
N THR D 147 -13.40 -15.55 -4.12
CA THR D 147 -12.87 -16.89 -3.89
C THR D 147 -13.32 -17.44 -2.55
N THR D 148 -13.32 -18.76 -2.45
CA THR D 148 -13.68 -19.43 -1.22
C THR D 148 -12.83 -18.90 -0.06
N GLU D 149 -11.55 -18.69 -0.34
CA GLU D 149 -10.57 -18.34 0.68
C GLU D 149 -10.79 -16.98 1.35
N SER D 150 -11.40 -16.04 0.65
CA SER D 150 -11.67 -14.73 1.25
C SER D 150 -12.92 -14.73 2.13
N LEU D 151 -13.92 -15.52 1.74
CA LEU D 151 -15.12 -15.66 2.55
C LEU D 151 -14.78 -16.48 3.78
N LYS D 152 -13.87 -17.43 3.61
CA LYS D 152 -13.36 -18.20 4.74
C LYS D 152 -12.72 -17.27 5.76
N ALA D 153 -11.77 -16.46 5.29
CA ALA D 153 -11.09 -15.47 6.13
C ALA D 153 -12.06 -14.57 6.89
N VAL D 154 -13.21 -14.28 6.29
CA VAL D 154 -14.23 -13.47 6.96
C VAL D 154 -14.83 -14.22 8.14
N GLN D 155 -15.19 -15.49 7.91
CA GLN D 155 -15.75 -16.36 8.94
C GLN D 155 -14.87 -16.37 10.18
N ALA D 156 -13.58 -16.57 9.99
CA ALA D 156 -12.63 -16.58 11.10
C ALA D 156 -12.68 -15.26 11.90
N LYS D 157 -12.78 -14.14 11.20
CA LYS D 157 -12.95 -12.84 11.87
C LYS D 157 -14.20 -12.81 12.76
N VAL D 158 -15.35 -13.17 12.18
CA VAL D 158 -16.58 -13.25 12.94
C VAL D 158 -16.40 -14.21 14.10
N LYS D 159 -15.81 -15.36 13.79
CA LYS D 159 -15.62 -16.40 14.80
C LYS D 159 -14.77 -15.92 15.95
N ALA D 160 -13.62 -15.32 15.63
CA ALA D 160 -12.75 -14.78 16.66
C ALA D 160 -13.55 -13.81 17.54
N LEU D 161 -14.27 -12.90 16.90
CA LEU D 161 -15.09 -11.93 17.62
C LEU D 161 -16.13 -12.61 18.48
N VAL D 162 -16.77 -13.63 17.93
CA VAL D 162 -17.89 -14.27 18.60
C VAL D 162 -17.44 -15.11 19.80
N GLU D 163 -16.30 -15.76 19.68
CA GLU D 163 -15.79 -16.64 20.74
C GLU D 163 -14.99 -15.90 21.81
N SER D 164 -14.81 -14.60 21.65
CA SER D 164 -14.06 -13.83 22.64
C SER D 164 -14.98 -13.36 23.75
N GLY D 165 -16.29 -13.46 23.49
CA GLY D 165 -17.30 -12.97 24.43
C GLY D 165 -17.32 -11.46 24.51
N GLN D 166 -16.76 -10.79 23.49
CA GLN D 166 -16.83 -9.33 23.43
C GLN D 166 -17.51 -8.90 22.12
N LEU D 167 -18.82 -9.11 22.04
CA LEU D 167 -19.57 -8.89 20.80
C LEU D 167 -19.71 -7.42 20.42
N GLY D 168 -19.31 -6.53 21.32
CA GLY D 168 -19.29 -5.09 21.04
C GLY D 168 -20.60 -4.58 20.48
N ILE D 169 -20.56 -4.06 19.27
CA ILE D 169 -21.76 -3.49 18.65
C ILE D 169 -22.85 -4.54 18.41
N PHE D 170 -22.46 -5.81 18.40
CA PHE D 170 -23.42 -6.90 18.20
C PHE D 170 -24.03 -7.44 19.50
N THR D 171 -23.72 -6.79 20.63
CA THR D 171 -24.23 -7.22 21.93
C THR D 171 -25.75 -7.12 21.99
N ASN D 172 -26.39 -8.23 22.34
CA ASN D 172 -27.85 -8.28 22.44
C ASN D 172 -28.55 -7.95 21.13
N ALA D 173 -27.87 -8.15 20.00
CA ALA D 173 -28.53 -7.97 18.70
C ALA D 173 -29.81 -8.82 18.62
N TYR D 174 -30.79 -8.36 17.85
CA TYR D 174 -32.07 -9.04 17.76
C TYR D 174 -31.95 -10.42 17.11
N PHE D 175 -30.94 -10.61 16.27
CA PHE D 175 -30.82 -11.88 15.55
C PHE D 175 -30.17 -13.01 16.37
N LEU D 176 -29.45 -12.64 17.41
CA LEU D 176 -28.71 -13.62 18.23
C LEU D 176 -29.60 -14.76 18.69
N GLY D 177 -29.16 -15.99 18.41
CA GLY D 177 -29.87 -17.18 18.83
C GLY D 177 -31.02 -17.55 17.91
N GLY D 178 -31.14 -16.83 16.80
CA GLY D 178 -32.25 -17.04 15.89
C GLY D 178 -33.38 -16.05 16.14
N HIS D 179 -34.06 -15.66 15.09
CA HIS D 179 -35.21 -14.77 15.16
C HIS D 179 -36.10 -15.12 13.98
N PRO D 180 -37.42 -15.23 14.20
CA PRO D 180 -38.36 -15.67 13.16
C PRO D 180 -38.46 -14.72 11.96
N ALA D 181 -37.99 -13.48 12.10
CA ALA D 181 -38.08 -12.50 11.01
C ALA D 181 -36.77 -12.34 10.22
N TYR D 182 -35.73 -13.06 10.63
CA TYR D 182 -34.48 -13.09 9.89
C TYR D 182 -34.45 -14.40 9.11
N VAL D 183 -34.51 -14.37 7.78
CA VAL D 183 -34.72 -15.61 7.02
C VAL D 183 -33.68 -15.96 5.95
N LEU D 184 -32.65 -15.12 5.81
CA LEU D 184 -31.61 -15.39 4.82
C LEU D 184 -30.89 -16.71 5.05
N PRO D 185 -30.57 -17.42 3.97
CA PRO D 185 -29.66 -18.56 4.05
C PRO D 185 -28.30 -18.13 4.60
N ALA D 186 -27.69 -18.97 5.44
CA ALA D 186 -26.41 -18.64 6.05
C ALA D 186 -25.39 -18.08 5.05
N GLU D 187 -25.38 -18.64 3.85
CA GLU D 187 -24.46 -18.23 2.79
C GLU D 187 -24.61 -16.75 2.46
N VAL D 188 -25.85 -16.28 2.41
CA VAL D 188 -26.16 -14.91 2.07
C VAL D 188 -25.79 -13.98 3.22
N ASP D 189 -25.89 -14.49 4.45
CA ASP D 189 -25.45 -13.73 5.62
C ASP D 189 -23.94 -13.53 5.57
N LEU D 190 -23.23 -14.55 5.09
CA LEU D 190 -21.78 -14.49 4.93
C LEU D 190 -21.35 -13.46 3.88
N ILE D 191 -21.97 -13.51 2.71
CA ILE D 191 -21.69 -12.56 1.62
C ILE D 191 -21.85 -11.13 2.14
N ALA D 192 -23.02 -10.86 2.72
CA ALA D 192 -23.33 -9.53 3.26
C ALA D 192 -22.30 -9.07 4.30
N THR D 193 -21.92 -9.95 5.22
CA THR D 193 -20.96 -9.60 6.25
C THR D 193 -19.61 -9.26 5.63
N ALA D 194 -19.20 -10.02 4.62
CA ALA D 194 -17.97 -9.72 3.90
C ALA D 194 -18.03 -8.31 3.33
N HIS D 195 -19.18 -7.96 2.77
CA HIS D 195 -19.36 -6.65 2.14
C HIS D 195 -19.50 -5.49 3.11
N TYR D 196 -20.17 -5.74 4.24
CA TYR D 196 -20.25 -4.77 5.33
C TYR D 196 -18.83 -4.31 5.66
N LEU D 197 -17.93 -5.26 5.83
CA LEU D 197 -16.57 -4.95 6.26
C LEU D 197 -15.80 -4.19 5.19
N GLU D 198 -15.86 -4.70 3.96
CA GLU D 198 -15.21 -4.03 2.85
C GLU D 198 -15.76 -2.61 2.68
N ALA D 199 -17.04 -2.44 2.94
CA ALA D 199 -17.65 -1.13 2.82
C ALA D 199 -17.06 -0.11 3.81
N LEU D 200 -16.57 -0.57 4.96
CA LEU D 200 -15.92 0.33 5.91
C LEU D 200 -14.66 0.98 5.34
N ARG D 201 -13.97 0.27 4.44
CA ARG D 201 -12.80 0.82 3.76
C ARG D 201 -13.20 1.66 2.55
N VAL D 202 -14.18 1.20 1.79
CA VAL D 202 -14.61 1.93 0.61
C VAL D 202 -15.07 3.35 0.98
N GLN D 203 -15.81 3.48 2.07
CA GLN D 203 -16.29 4.81 2.47
C GLN D 203 -15.17 5.78 2.83
N VAL D 204 -14.04 5.27 3.31
CA VAL D 204 -12.91 6.17 3.57
C VAL D 204 -12.49 6.82 2.24
N LYS D 205 -12.52 6.02 1.18
CA LYS D 205 -12.20 6.51 -0.17
C LYS D 205 -13.20 7.49 -0.76
N ALA D 206 -14.49 7.30 -0.46
CA ALA D 206 -15.51 8.19 -1.01
C ALA D 206 -15.46 9.55 -0.31
N ALA D 207 -15.17 9.53 0.99
CA ALA D 207 -14.99 10.76 1.75
C ALA D 207 -13.74 11.49 1.27
N ARG D 208 -12.68 10.74 0.98
CA ARG D 208 -11.46 11.31 0.45
C ARG D 208 -11.74 12.05 -0.87
N ALA D 209 -12.48 11.42 -1.78
CA ALA D 209 -12.82 12.08 -3.04
C ALA D 209 -13.51 13.42 -2.80
N MET D 210 -14.46 13.42 -1.87
CA MET D 210 -15.20 14.62 -1.51
C MET D 210 -14.26 15.73 -0.98
N ALA D 211 -13.23 15.32 -0.24
CA ALA D 211 -12.33 16.29 0.40
C ALA D 211 -11.42 16.99 -0.61
N ILE D 212 -11.23 16.39 -1.79
CA ILE D 212 -10.43 17.06 -2.82
C ILE D 212 -11.05 18.40 -3.23
N PHE D 213 -12.35 18.41 -3.48
CA PHE D 213 -13.04 19.67 -3.73
C PHE D 213 -13.44 20.37 -2.42
N GLY D 214 -13.81 19.59 -1.41
CA GLY D 214 -14.46 20.17 -0.22
C GLY D 214 -13.55 20.55 0.95
N ALA D 215 -12.25 20.37 0.78
CA ALA D 215 -11.24 20.68 1.81
C ALA D 215 -11.06 19.61 2.88
N LYS D 216 -12.18 19.11 3.40
CA LYS D 216 -12.18 18.05 4.41
C LYS D 216 -13.55 17.41 4.54
N ASN D 217 -13.60 16.25 5.19
CA ASN D 217 -14.86 15.56 5.47
C ASN D 217 -14.64 14.78 6.77
N PRO D 218 -15.52 14.95 7.76
CA PRO D 218 -16.71 15.83 7.68
C PRO D 218 -16.48 17.35 7.72
N HIS D 219 -17.49 18.08 7.25
CA HIS D 219 -17.59 19.54 7.32
C HIS D 219 -16.71 20.32 6.36
N THR D 220 -17.19 20.40 5.11
CA THR D 220 -16.44 21.00 4.02
C THR D 220 -16.19 22.49 4.28
N GLN D 221 -15.16 23.04 3.65
CA GLN D 221 -14.79 24.44 3.84
C GLN D 221 -14.23 25.01 2.51
N PHE D 222 -15.10 25.14 1.51
CA PHE D 222 -14.69 25.63 0.19
C PHE D 222 -15.76 26.52 -0.48
N THR D 223 -16.91 26.69 0.15
CA THR D 223 -17.97 27.50 -0.44
C THR D 223 -18.00 28.91 0.13
N VAL D 224 -18.45 29.86 -0.68
CA VAL D 224 -18.68 31.23 -0.22
C VAL D 224 -19.86 31.76 -1.00
N VAL D 225 -20.46 32.83 -0.49
CA VAL D 225 -21.49 33.53 -1.24
C VAL D 225 -20.81 34.04 -2.49
N GLY D 226 -21.30 33.62 -3.65
CA GLY D 226 -20.70 34.05 -4.89
C GLY D 226 -19.85 32.99 -5.57
N GLY D 227 -19.68 31.84 -4.93
CA GLY D 227 -18.98 30.73 -5.58
C GLY D 227 -18.17 29.82 -4.66
N CYS D 228 -16.94 29.52 -5.05
CA CYS D 228 -16.08 28.61 -4.30
C CYS D 228 -14.71 29.25 -4.18
N THR D 229 -13.82 28.65 -3.38
CA THR D 229 -12.49 29.21 -3.12
C THR D 229 -11.36 28.32 -3.63
N ASN D 230 -11.70 27.08 -3.96
CA ASN D 230 -10.69 26.04 -4.17
C ASN D 230 -10.02 26.05 -5.57
N TYR D 231 -9.19 27.06 -5.85
CA TYR D 231 -8.41 27.11 -7.10
C TYR D 231 -7.42 25.94 -7.18
N ASP D 232 -6.88 25.55 -6.02
CA ASP D 232 -5.94 24.45 -5.96
C ASP D 232 -6.45 23.16 -6.61
N SER D 233 -7.72 22.87 -6.44
CA SER D 233 -8.28 21.62 -6.94
C SER D 233 -8.60 21.75 -8.42
N LEU D 234 -8.32 22.91 -8.97
CA LEU D 234 -8.48 23.10 -10.40
C LEU D 234 -7.29 22.50 -11.15
N ARG D 235 -6.24 22.14 -10.41
CA ARG D 235 -5.03 21.54 -11.00
C ARG D 235 -5.38 20.20 -11.65
N PRO D 236 -4.94 20.00 -12.88
CA PRO D 236 -5.21 18.76 -13.62
C PRO D 236 -4.88 17.52 -12.79
N GLU D 237 -3.77 17.55 -12.06
CA GLU D 237 -3.38 16.46 -11.18
C GLU D 237 -4.41 16.19 -10.05
N ARG D 238 -5.08 17.23 -9.55
CA ARG D 238 -6.07 17.01 -8.48
C ARG D 238 -7.35 16.45 -9.03
N ILE D 239 -7.76 16.97 -10.18
CA ILE D 239 -8.92 16.40 -10.86
C ILE D 239 -8.69 14.92 -11.17
N ALA D 240 -7.49 14.57 -11.61
CA ALA D 240 -7.17 13.14 -11.86
C ALA D 240 -7.22 12.32 -10.57
N GLU D 241 -6.77 12.92 -9.47
CA GLU D 241 -6.79 12.28 -8.17
C GLU D 241 -8.23 12.01 -7.75
N PHE D 242 -9.12 12.97 -7.99
CA PHE D 242 -10.55 12.81 -7.70
C PHE D 242 -11.07 11.70 -8.58
N ARG D 243 -10.78 11.77 -9.87
CA ARG D 243 -11.29 10.79 -10.82
C ARG D 243 -10.98 9.36 -10.35
N LYS D 244 -9.75 9.13 -9.91
CA LYS D 244 -9.32 7.77 -9.57
C LYS D 244 -10.10 7.21 -8.38
N LEU D 245 -10.34 8.02 -7.35
CA LEU D 245 -11.15 7.59 -6.21
C LEU D 245 -12.61 7.38 -6.63
N TYR D 246 -13.12 8.32 -7.41
CA TYR D 246 -14.49 8.25 -7.91
C TYR D 246 -14.76 6.93 -8.67
N LYS D 247 -13.90 6.61 -9.63
CA LYS D 247 -14.05 5.37 -10.40
C LYS D 247 -14.09 4.12 -9.51
N GLU D 248 -13.25 4.08 -8.48
CA GLU D 248 -13.17 2.93 -7.56
C GLU D 248 -14.47 2.82 -6.77
N VAL D 249 -14.95 3.95 -6.25
CA VAL D 249 -16.19 3.97 -5.48
C VAL D 249 -17.38 3.60 -6.37
N ARG D 250 -17.46 4.19 -7.55
CA ARG D 250 -18.55 3.89 -8.46
C ARG D 250 -18.56 2.40 -8.79
N GLU D 251 -17.40 1.85 -9.13
CA GLU D 251 -17.24 0.43 -9.40
C GLU D 251 -17.84 -0.40 -8.29
N PHE D 252 -17.53 -0.03 -7.05
CA PHE D 252 -18.00 -0.79 -5.90
C PHE D 252 -19.51 -0.68 -5.73
N ILE D 253 -20.06 0.48 -6.07
CA ILE D 253 -21.50 0.68 -5.99
C ILE D 253 -22.24 -0.15 -7.04
N GLU D 254 -21.71 -0.23 -8.24
CA GLU D 254 -22.38 -0.98 -9.31
C GLU D 254 -22.22 -2.50 -9.19
N GLN D 255 -21.07 -2.93 -8.66
CA GLN D 255 -20.74 -4.35 -8.62
C GLN D 255 -21.03 -5.05 -7.30
N VAL D 256 -21.18 -4.30 -6.22
CA VAL D 256 -21.37 -4.88 -4.89
C VAL D 256 -22.63 -4.38 -4.17
N TYR D 257 -22.76 -3.07 -4.04
CA TYR D 257 -23.92 -2.47 -3.36
C TYR D 257 -25.27 -2.81 -4.02
N ILE D 258 -25.36 -2.59 -5.33
CA ILE D 258 -26.62 -2.81 -6.04
C ILE D 258 -26.98 -4.29 -6.12
N THR D 259 -25.99 -5.15 -6.30
CA THR D 259 -26.23 -6.60 -6.36
C THR D 259 -26.58 -7.20 -4.99
N ASP D 260 -25.87 -6.76 -3.95
CA ASP D 260 -26.16 -7.18 -2.59
C ASP D 260 -27.57 -6.76 -2.17
N LEU D 261 -27.94 -5.55 -2.53
CA LEU D 261 -29.26 -5.02 -2.21
C LEU D 261 -30.39 -5.80 -2.90
N LEU D 262 -30.25 -6.03 -4.20
CA LEU D 262 -31.29 -6.76 -4.93
C LEU D 262 -31.38 -8.19 -4.42
N ALA D 263 -30.23 -8.80 -4.16
CA ALA D 263 -30.18 -10.16 -3.64
C ALA D 263 -30.86 -10.26 -2.28
N VAL D 264 -30.49 -9.38 -1.36
CA VAL D 264 -31.11 -9.43 -0.04
C VAL D 264 -32.63 -9.25 -0.13
N ALA D 265 -33.06 -8.40 -1.05
CA ALA D 265 -34.48 -8.09 -1.18
C ALA D 265 -35.24 -9.30 -1.73
N GLY D 266 -34.54 -10.16 -2.45
CA GLY D 266 -35.16 -11.35 -3.01
C GLY D 266 -35.79 -12.22 -1.94
N PHE D 267 -35.24 -12.14 -0.73
CA PHE D 267 -35.67 -13.04 0.34
C PHE D 267 -36.69 -12.36 1.25
N TYR D 268 -37.10 -11.16 0.88
CA TYR D 268 -37.98 -10.37 1.72
C TYR D 268 -39.02 -9.70 0.86
N LYS D 269 -39.43 -10.37 -0.20
CA LYS D 269 -40.40 -9.83 -1.13
C LYS D 269 -41.71 -9.46 -0.43
N ASN D 270 -42.04 -10.19 0.62
CA ASN D 270 -43.21 -9.85 1.43
C ASN D 270 -43.20 -8.38 1.86
N TRP D 271 -42.01 -7.82 2.05
CA TRP D 271 -41.90 -6.44 2.53
C TRP D 271 -42.23 -5.42 1.46
N ALA D 272 -42.70 -5.90 0.32
CA ALA D 272 -43.21 -5.05 -0.75
C ALA D 272 -44.65 -4.61 -0.46
N GLY D 273 -45.27 -5.23 0.55
CA GLY D 273 -46.64 -4.89 0.93
C GLY D 273 -46.75 -4.22 2.30
N ILE D 274 -45.62 -3.73 2.81
CA ILE D 274 -45.58 -3.12 4.13
C ILE D 274 -44.97 -1.72 4.02
N GLY D 275 -45.48 -0.79 4.81
CA GLY D 275 -44.94 0.57 4.85
C GLY D 275 -45.38 1.47 3.71
N LYS D 276 -46.57 1.22 3.18
CA LYS D 276 -47.11 2.01 2.07
C LYS D 276 -47.41 3.45 2.46
N THR D 277 -47.04 4.39 1.59
CA THR D 277 -47.40 5.79 1.78
C THR D 277 -47.89 6.38 0.45
N SER D 278 -48.37 7.62 0.49
CA SER D 278 -48.77 8.37 -0.69
C SER D 278 -48.21 9.80 -0.54
N ASN D 279 -48.30 10.60 -1.58
CA ASN D 279 -47.72 11.96 -1.57
C ASN D 279 -46.19 11.97 -1.46
N PHE D 280 -45.55 12.34 -2.56
CA PHE D 280 -44.10 12.39 -2.67
C PHE D 280 -43.70 13.67 -3.38
N LEU D 281 -42.61 14.31 -2.96
CA LEU D 281 -42.13 15.49 -3.67
C LEU D 281 -40.63 15.67 -3.59
N THR D 282 -40.09 16.42 -4.55
CA THR D 282 -38.67 16.71 -4.58
C THR D 282 -38.44 18.02 -5.31
N CYS D 283 -37.35 18.72 -4.96
CA CYS D 283 -36.98 19.93 -5.67
C CYS D 283 -35.99 19.67 -6.80
N GLY D 284 -35.51 18.43 -6.91
CA GLY D 284 -34.48 18.09 -7.90
C GLY D 284 -33.11 18.52 -7.41
N GLU D 285 -32.06 18.06 -8.10
CA GLU D 285 -30.71 18.47 -7.73
C GLU D 285 -29.77 18.60 -8.95
N PHE D 286 -28.60 19.19 -8.73
CA PHE D 286 -27.57 19.41 -9.76
C PHE D 286 -28.01 20.31 -10.92
N PRO D 287 -28.15 21.60 -10.65
CA PRO D 287 -28.57 22.59 -11.67
C PRO D 287 -27.48 22.99 -12.67
N THR D 288 -27.87 23.37 -13.89
CA THR D 288 -26.97 24.17 -14.73
C THR D 288 -27.33 25.65 -14.59
N ASP D 289 -28.53 25.93 -14.08
CA ASP D 289 -28.98 27.29 -13.86
C ASP D 289 -29.44 27.38 -12.42
N GLU D 290 -28.65 28.10 -11.62
CA GLU D 290 -28.90 28.22 -10.18
C GLU D 290 -30.25 28.86 -9.89
N TYR D 291 -30.84 29.50 -10.89
CA TYR D 291 -32.12 30.16 -10.71
C TYR D 291 -33.31 29.41 -11.35
N ASP D 292 -33.08 28.16 -11.76
CA ASP D 292 -34.11 27.42 -12.51
C ASP D 292 -34.11 25.96 -12.12
N LEU D 293 -35.12 25.56 -11.33
CA LEU D 293 -35.21 24.18 -10.87
C LEU D 293 -35.33 23.21 -12.04
N ASN D 294 -35.89 23.66 -13.16
CA ASN D 294 -36.06 22.79 -14.30
C ASN D 294 -34.75 22.52 -15.03
N SER D 295 -33.71 23.25 -14.64
CA SER D 295 -32.37 23.03 -15.19
C SER D 295 -31.64 21.91 -14.44
N ARG D 296 -32.27 21.32 -13.42
CA ARG D 296 -31.57 20.33 -12.60
C ARG D 296 -31.56 18.94 -13.24
N TYR D 297 -30.49 18.18 -13.01
CA TYR D 297 -30.31 16.87 -13.68
C TYR D 297 -31.37 15.87 -13.24
N THR D 298 -31.61 15.80 -11.92
CA THR D 298 -32.78 15.07 -11.41
C THR D 298 -33.90 16.07 -11.19
N PRO D 299 -35.05 15.79 -11.82
CA PRO D 299 -36.15 16.76 -11.94
C PRO D 299 -36.90 17.09 -10.65
N GLN D 300 -37.50 18.27 -10.61
CA GLN D 300 -38.42 18.63 -9.54
C GLN D 300 -39.79 18.10 -9.90
N GLY D 301 -40.63 17.83 -8.89
CA GLY D 301 -42.00 17.44 -9.15
C GLY D 301 -42.76 17.00 -7.91
N VAL D 302 -44.08 16.85 -8.05
CA VAL D 302 -44.95 16.49 -6.95
C VAL D 302 -45.94 15.41 -7.38
N ILE D 303 -45.95 14.29 -6.66
CA ILE D 303 -46.86 13.20 -6.96
C ILE D 303 -47.93 13.05 -5.89
N TRP D 304 -49.19 13.19 -6.31
CA TRP D 304 -50.33 13.10 -5.41
C TRP D 304 -50.88 11.67 -5.34
N GLY D 305 -51.29 11.26 -4.15
CA GLY D 305 -51.68 9.87 -3.92
C GLY D 305 -50.51 8.95 -4.27
N ASN D 306 -50.81 7.92 -5.06
CA ASN D 306 -49.79 7.04 -5.62
C ASN D 306 -49.95 7.02 -7.14
N ASP D 307 -50.23 8.19 -7.71
CA ASP D 307 -50.60 8.31 -9.11
C ASP D 307 -49.46 8.87 -9.95
N LEU D 308 -48.86 8.01 -10.78
CA LEU D 308 -47.69 8.37 -11.58
C LEU D 308 -47.99 8.94 -12.97
N SER D 309 -49.26 9.01 -13.35
CA SER D 309 -49.62 9.56 -14.66
C SER D 309 -49.62 11.09 -14.69
N LYS D 310 -49.54 11.71 -13.51
CA LYS D 310 -49.49 13.18 -13.41
C LYS D 310 -48.46 13.66 -12.37
N VAL D 311 -47.51 14.48 -12.80
CA VAL D 311 -46.55 15.11 -11.90
C VAL D 311 -46.75 16.61 -11.95
N ASP D 312 -47.15 17.20 -10.83
CA ASP D 312 -47.32 18.65 -10.79
C ASP D 312 -46.00 19.33 -10.43
N ASP D 313 -45.90 20.61 -10.76
CA ASP D 313 -44.70 21.37 -10.42
C ASP D 313 -44.60 21.62 -8.92
N PHE D 314 -43.36 21.65 -8.42
CA PHE D 314 -43.11 22.00 -7.03
C PHE D 314 -43.39 23.48 -6.80
N ASN D 315 -44.29 23.79 -5.87
CA ASN D 315 -44.59 25.17 -5.54
C ASN D 315 -44.30 25.48 -4.07
N PRO D 316 -43.16 26.10 -3.79
CA PRO D 316 -42.70 26.30 -2.41
C PRO D 316 -43.62 27.23 -1.63
N ASP D 317 -44.46 27.99 -2.34
CA ASP D 317 -45.44 28.84 -1.66
C ASP D 317 -46.41 28.00 -0.83
N LEU D 318 -46.46 26.70 -1.09
CA LEU D 318 -47.48 25.83 -0.50
C LEU D 318 -47.00 25.15 0.77
N ILE D 319 -45.82 25.53 1.25
CA ILE D 319 -45.21 24.89 2.42
C ILE D 319 -45.53 25.64 3.70
N GLU D 320 -46.08 24.93 4.68
CA GLU D 320 -46.29 25.48 6.03
C GLU D 320 -45.84 24.50 7.10
N GLU D 321 -45.17 25.01 8.13
CA GLU D 321 -44.74 24.18 9.25
C GLU D 321 -45.71 24.30 10.41
N HIS D 322 -46.16 23.16 10.95
CA HIS D 322 -47.06 23.14 12.12
C HIS D 322 -46.32 22.89 13.44
N VAL D 323 -46.97 23.22 14.55
CA VAL D 323 -46.39 23.00 15.89
C VAL D 323 -47.42 22.54 16.94
N LYS D 324 -48.66 22.25 16.52
CA LYS D 324 -49.68 21.85 17.48
C LYS D 324 -49.28 20.64 18.31
N TYR D 325 -48.51 19.73 17.71
CA TYR D 325 -48.06 18.54 18.44
C TYR D 325 -46.55 18.54 18.70
N SER D 326 -45.96 19.74 18.65
CA SER D 326 -44.54 19.93 18.87
C SER D 326 -44.33 20.80 20.10
N TRP D 327 -43.10 20.78 20.64
CA TRP D 327 -42.81 21.56 21.84
C TRP D 327 -42.44 23.01 21.53
N TYR D 328 -43.40 23.73 20.94
CA TYR D 328 -43.24 25.17 20.67
C TYR D 328 -44.52 25.90 21.08
N GLU D 329 -44.45 27.24 21.10
CA GLU D 329 -45.58 28.05 21.55
C GLU D 329 -46.78 28.00 20.61
N GLY D 330 -47.95 27.68 21.15
CA GLY D 330 -49.18 27.80 20.40
C GLY D 330 -49.44 26.69 19.42
N ALA D 331 -50.08 27.02 18.30
CA ALA D 331 -50.63 26.01 17.42
C ALA D 331 -50.67 26.50 15.97
N ASP D 332 -50.04 27.65 15.73
CA ASP D 332 -50.06 28.27 14.42
C ASP D 332 -49.09 27.58 13.47
N ALA D 333 -49.43 27.58 12.19
CA ALA D 333 -48.51 27.10 11.18
C ALA D 333 -47.99 28.28 10.31
N HIS D 334 -46.76 28.18 9.82
CA HIS D 334 -46.16 29.29 9.11
C HIS D 334 -45.37 28.85 7.86
N HIS D 335 -45.52 29.62 6.78
CA HIS D 335 -44.59 29.55 5.66
C HIS D 335 -43.22 30.00 6.19
N PRO D 336 -42.15 29.35 5.74
CA PRO D 336 -40.81 29.57 6.33
C PRO D 336 -40.28 30.99 6.25
N TYR D 337 -40.72 31.80 5.29
CA TYR D 337 -40.28 33.21 5.29
C TYR D 337 -40.81 33.91 6.55
N LYS D 338 -41.91 33.38 7.11
CA LYS D 338 -42.50 33.92 8.33
C LYS D 338 -42.33 32.96 9.49
N GLY D 339 -41.33 32.09 9.40
CA GLY D 339 -41.07 31.10 10.43
C GLY D 339 -40.80 31.70 11.79
N VAL D 340 -41.30 31.06 12.85
CA VAL D 340 -40.93 31.43 14.20
C VAL D 340 -40.50 30.19 14.97
N THR D 341 -39.54 30.37 15.86
CA THR D 341 -39.01 29.25 16.61
C THR D 341 -38.94 29.63 18.09
N LYS D 342 -40.04 29.36 18.80
CA LYS D 342 -40.17 29.62 20.22
C LYS D 342 -40.49 28.32 20.94
N PRO D 343 -39.46 27.63 21.42
CA PRO D 343 -39.63 26.32 22.06
C PRO D 343 -40.40 26.46 23.38
N LYS D 344 -41.23 25.47 23.67
CA LYS D 344 -41.93 25.40 24.94
C LYS D 344 -42.21 23.94 25.29
N TRP D 345 -41.47 23.45 26.28
CA TRP D 345 -41.50 22.05 26.70
C TRP D 345 -42.71 21.76 27.60
N THR D 346 -43.45 20.70 27.30
CA THR D 346 -44.59 20.28 28.12
C THR D 346 -44.51 18.81 28.57
N GLU D 347 -43.34 18.19 28.41
CA GLU D 347 -43.15 16.78 28.70
C GLU D 347 -43.80 15.86 27.65
N PHE D 348 -43.60 14.55 27.77
CA PHE D 348 -44.14 13.61 26.80
C PHE D 348 -45.69 13.59 26.81
N HIS D 349 -46.27 13.97 25.69
CA HIS D 349 -47.72 13.97 25.48
C HIS D 349 -48.44 15.04 26.30
N GLY D 350 -47.67 15.92 26.93
CA GLY D 350 -48.24 17.09 27.59
C GLY D 350 -48.96 17.90 26.52
N GLU D 351 -50.23 18.20 26.77
CA GLU D 351 -51.09 18.79 25.76
C GLU D 351 -50.99 17.99 24.45
N ASP D 352 -50.72 16.69 24.58
CA ASP D 352 -50.55 15.79 23.44
C ASP D 352 -49.37 16.12 22.52
N ARG D 353 -48.47 16.98 22.99
CA ARG D 353 -47.29 17.33 22.20
C ARG D 353 -46.23 16.27 22.45
N TYR D 354 -45.49 15.88 21.40
CA TYR D 354 -44.62 14.73 21.57
C TYR D 354 -43.32 14.73 20.78
N SER D 355 -42.93 15.90 20.28
CA SER D 355 -41.71 16.00 19.48
C SER D 355 -41.13 17.40 19.46
N TRP D 356 -39.81 17.50 19.29
CA TRP D 356 -39.11 18.77 19.08
C TRP D 356 -39.06 19.16 17.60
N MET D 357 -39.46 18.25 16.72
CA MET D 357 -39.58 18.55 15.30
C MET D 357 -40.85 19.33 15.03
N LYS D 358 -40.78 20.28 14.11
CA LYS D 358 -42.00 20.88 13.58
C LYS D 358 -42.62 19.92 12.59
N ALA D 359 -43.75 20.29 12.01
CA ALA D 359 -44.47 19.41 11.11
C ALA D 359 -44.79 20.08 9.76
N PRO D 360 -43.89 19.92 8.79
CA PRO D 360 -44.09 20.47 7.45
C PRO D 360 -45.25 19.79 6.72
N ARG D 361 -46.16 20.61 6.19
CA ARG D 361 -47.27 20.13 5.37
C ARG D 361 -47.32 20.92 4.07
N TYR D 362 -47.72 20.27 3.00
CA TYR D 362 -47.71 20.87 1.67
C TYR D 362 -49.13 20.93 1.14
N LYS D 363 -49.63 22.14 0.95
CA LYS D 363 -51.05 22.32 0.66
C LYS D 363 -51.90 21.56 1.68
N GLY D 364 -51.47 21.62 2.94
CA GLY D 364 -52.21 21.02 4.05
C GLY D 364 -52.09 19.52 4.19
N GLU D 365 -51.28 18.88 3.34
CA GLU D 365 -51.19 17.43 3.34
C GLU D 365 -49.81 16.93 3.76
N ALA D 366 -49.77 15.68 4.26
CA ALA D 366 -48.51 15.03 4.64
C ALA D 366 -47.80 14.43 3.43
N PHE D 367 -46.51 14.72 3.29
CA PHE D 367 -45.75 14.20 2.17
C PHE D 367 -44.53 13.42 2.60
N GLU D 368 -44.08 12.54 1.72
CA GLU D 368 -42.83 11.82 1.90
C GLU D 368 -41.81 12.45 0.98
N VAL D 369 -40.58 12.59 1.47
CA VAL D 369 -39.47 13.07 0.66
C VAL D 369 -38.28 12.10 0.79
N GLY D 370 -37.31 12.20 -0.12
CA GLY D 370 -36.16 11.31 -0.08
C GLY D 370 -36.00 10.49 -1.36
N PRO D 371 -35.12 9.51 -1.32
CA PRO D 371 -34.82 8.70 -2.51
C PRO D 371 -36.05 8.19 -3.25
N LEU D 372 -36.98 7.58 -2.53
CA LEU D 372 -38.15 6.97 -3.16
C LEU D 372 -38.99 8.04 -3.83
N ALA D 373 -39.17 9.17 -3.15
CA ALA D 373 -39.91 10.29 -3.69
C ALA D 373 -39.25 10.80 -4.96
N SER D 374 -37.92 10.97 -4.92
CA SER D 374 -37.20 11.55 -6.05
C SER D 374 -37.14 10.61 -7.24
N VAL D 375 -36.91 9.32 -6.97
CA VAL D 375 -36.91 8.32 -8.02
C VAL D 375 -38.28 8.12 -8.68
N LEU D 376 -39.33 8.26 -7.90
CA LEU D 376 -40.68 8.11 -8.42
C LEU D 376 -40.99 9.25 -9.37
N VAL D 377 -40.63 10.46 -8.94
CA VAL D 377 -40.88 11.63 -9.74
C VAL D 377 -40.06 11.58 -11.03
N ALA D 378 -38.76 11.31 -10.92
CA ALA D 378 -37.94 11.19 -12.11
C ALA D 378 -38.45 10.07 -13.01
N TYR D 379 -38.99 9.04 -12.39
CA TYR D 379 -39.51 7.89 -13.13
C TYR D 379 -40.74 8.28 -13.92
N ALA D 380 -41.70 8.93 -13.28
CA ALA D 380 -42.92 9.34 -13.93
C ALA D 380 -42.67 10.32 -15.07
N LYS D 381 -41.58 11.08 -14.97
CA LYS D 381 -41.22 12.06 -15.99
C LYS D 381 -40.20 11.48 -16.99
N LYS D 382 -39.92 10.19 -16.84
CA LYS D 382 -39.15 9.46 -17.86
C LYS D 382 -37.67 9.83 -17.94
N HIS D 383 -37.11 10.28 -16.83
CA HIS D 383 -35.67 10.45 -16.70
C HIS D 383 -35.02 9.11 -17.06
N GLU D 384 -34.22 9.09 -18.12
CA GLU D 384 -33.81 7.82 -18.72
C GLU D 384 -32.97 6.92 -17.82
N PRO D 385 -31.89 7.44 -17.28
CA PRO D 385 -31.05 6.67 -16.37
C PRO D 385 -31.89 6.02 -15.26
N THR D 386 -32.88 6.76 -14.75
CA THR D 386 -33.79 6.26 -13.72
C THR D 386 -34.69 5.13 -14.22
N VAL D 387 -35.34 5.32 -15.38
CA VAL D 387 -36.23 4.30 -15.92
C VAL D 387 -35.51 2.94 -16.01
N LYS D 388 -34.35 2.92 -16.67
CA LYS D 388 -33.52 1.72 -16.73
C LYS D 388 -33.28 1.08 -15.35
N ALA D 389 -32.77 1.88 -14.41
CA ALA D 389 -32.44 1.38 -13.07
C ALA D 389 -33.65 0.77 -12.39
N VAL D 390 -34.75 1.52 -12.38
CA VAL D 390 -36.02 1.03 -11.86
C VAL D 390 -36.42 -0.30 -12.49
N ASP D 391 -36.35 -0.37 -13.82
CA ASP D 391 -36.80 -1.57 -14.51
C ASP D 391 -35.88 -2.75 -14.21
N LEU D 392 -34.60 -2.46 -14.02
CA LEU D 392 -33.66 -3.46 -13.59
C LEU D 392 -34.11 -4.04 -12.25
N VAL D 393 -34.57 -3.17 -11.35
CA VAL D 393 -35.02 -3.57 -10.02
C VAL D 393 -36.33 -4.36 -10.07
N LEU D 394 -37.33 -3.80 -10.74
CA LEU D 394 -38.60 -4.49 -10.91
C LEU D 394 -38.41 -5.88 -11.50
N LYS D 395 -37.55 -6.00 -12.50
CA LYS D 395 -37.36 -7.27 -13.21
C LYS D 395 -36.61 -8.29 -12.39
N THR D 396 -35.52 -7.88 -11.76
CA THR D 396 -34.74 -8.75 -10.91
C THR D 396 -35.62 -9.38 -9.83
N LEU D 397 -36.55 -8.60 -9.29
CA LEU D 397 -37.40 -9.07 -8.20
C LEU D 397 -38.68 -9.66 -8.75
N GLY D 398 -38.98 -9.35 -10.01
CA GLY D 398 -40.20 -9.79 -10.66
C GLY D 398 -41.45 -9.29 -9.98
N VAL D 399 -41.57 -7.97 -9.82
CA VAL D 399 -42.69 -7.43 -9.04
C VAL D 399 -43.63 -6.48 -9.78
N GLY D 400 -43.09 -5.43 -10.38
CA GLY D 400 -43.95 -4.44 -11.01
C GLY D 400 -44.12 -3.17 -10.20
N PRO D 401 -44.54 -2.10 -10.86
CA PRO D 401 -44.38 -0.74 -10.34
C PRO D 401 -44.99 -0.48 -8.97
N GLU D 402 -46.07 -1.18 -8.61
CA GLU D 402 -46.73 -0.96 -7.32
C GLU D 402 -45.85 -1.37 -6.13
N ALA D 403 -44.97 -2.33 -6.35
CA ALA D 403 -44.07 -2.79 -5.30
C ALA D 403 -43.17 -1.68 -4.74
N LEU D 404 -43.12 -0.53 -5.43
CA LEU D 404 -42.25 0.56 -5.02
C LEU D 404 -42.84 1.37 -3.86
N PHE D 405 -44.16 1.33 -3.69
CA PHE D 405 -44.80 2.05 -2.58
C PHE D 405 -44.74 1.21 -1.30
N SER D 406 -43.57 1.14 -0.68
CA SER D 406 -43.36 0.20 0.39
C SER D 406 -41.99 0.39 1.03
N THR D 407 -41.80 -0.27 2.17
CA THR D 407 -40.52 -0.20 2.86
C THR D 407 -39.43 -0.82 1.98
N LEU D 408 -39.79 -1.89 1.27
CA LEU D 408 -38.86 -2.52 0.35
C LEU D 408 -38.43 -1.55 -0.76
N GLY D 409 -39.40 -0.87 -1.37
CA GLY D 409 -39.11 0.05 -2.47
C GLY D 409 -38.31 1.26 -2.02
N ARG D 410 -38.64 1.74 -0.83
CA ARG D 410 -37.92 2.85 -0.20
C ARG D 410 -36.44 2.50 -0.09
N THR D 411 -36.17 1.23 0.19
CA THR D 411 -34.80 0.75 0.34
C THR D 411 -34.15 0.55 -1.03
N ALA D 412 -34.93 0.11 -2.01
CA ALA D 412 -34.42 -0.07 -3.37
C ALA D 412 -34.14 1.27 -4.04
N ALA D 413 -35.05 2.21 -3.86
CA ALA D 413 -34.88 3.55 -4.41
C ALA D 413 -33.56 4.20 -3.97
N ARG D 414 -33.16 3.95 -2.73
CA ARG D 414 -31.93 4.53 -2.21
C ARG D 414 -30.75 4.06 -3.07
N GLY D 415 -30.69 2.76 -3.34
CA GLY D 415 -29.71 2.24 -4.28
C GLY D 415 -29.78 2.93 -5.64
N ILE D 416 -30.99 3.07 -6.17
CA ILE D 416 -31.17 3.76 -7.44
C ILE D 416 -30.70 5.22 -7.46
N GLN D 417 -31.02 5.97 -6.42
CA GLN D 417 -30.58 7.37 -6.35
C GLN D 417 -29.05 7.45 -6.31
N CYS D 418 -28.42 6.53 -5.59
CA CYS D 418 -26.96 6.46 -5.53
C CYS D 418 -26.37 6.22 -6.93
N LEU D 419 -26.97 5.28 -7.65
CA LEU D 419 -26.54 4.93 -8.99
C LEU D 419 -26.57 6.09 -9.98
N THR D 420 -27.70 6.77 -10.09
CA THR D 420 -27.85 7.82 -11.10
C THR D 420 -26.97 9.05 -10.85
N ALA D 421 -26.80 9.44 -9.60
CA ALA D 421 -25.82 10.49 -9.28
C ALA D 421 -24.40 10.06 -9.65
N ALA D 422 -24.05 8.84 -9.24
CA ALA D 422 -22.72 8.32 -9.51
C ALA D 422 -22.41 8.30 -11.02
N GLN D 423 -23.40 7.99 -11.84
CA GLN D 423 -23.17 7.95 -13.28
C GLN D 423 -22.95 9.33 -13.90
N GLU D 424 -23.66 10.35 -13.41
CA GLU D 424 -23.55 11.69 -14.00
C GLU D 424 -22.28 12.47 -13.58
N VAL D 425 -21.69 12.11 -12.44
CA VAL D 425 -20.48 12.78 -11.95
C VAL D 425 -19.41 12.91 -13.01
N GLU D 426 -19.29 11.89 -13.85
CA GLU D 426 -18.31 11.87 -14.93
C GLU D 426 -18.51 13.06 -15.87
N VAL D 427 -19.77 13.41 -16.11
CA VAL D 427 -20.08 14.50 -17.03
C VAL D 427 -19.62 15.85 -16.45
N TRP D 428 -19.91 16.11 -15.18
CA TRP D 428 -19.54 17.39 -14.60
C TRP D 428 -18.03 17.49 -14.49
N LEU D 429 -17.40 16.38 -14.12
CA LEU D 429 -15.94 16.33 -14.04
C LEU D 429 -15.31 16.62 -15.41
N ASP D 430 -15.84 16.00 -16.47
CA ASP D 430 -15.25 16.22 -17.78
C ASP D 430 -15.39 17.67 -18.27
N LYS D 431 -16.49 18.32 -17.92
CA LYS D 431 -16.68 19.73 -18.25
C LYS D 431 -15.74 20.65 -17.44
N LEU D 432 -15.69 20.48 -16.13
CA LEU D 432 -14.75 21.24 -15.30
C LEU D 432 -13.33 21.15 -15.89
N GLU D 433 -12.86 19.93 -16.08
CA GLU D 433 -11.53 19.70 -16.66
C GLU D 433 -11.32 20.44 -17.98
N ALA D 434 -12.27 20.28 -18.92
CA ALA D 434 -12.23 21.04 -20.16
C ALA D 434 -12.15 22.56 -19.91
N ASN D 435 -12.99 23.09 -19.05
CA ASN D 435 -12.95 24.53 -18.75
C ASN D 435 -11.54 24.97 -18.36
N VAL D 436 -10.95 24.25 -17.43
CA VAL D 436 -9.66 24.63 -16.91
C VAL D 436 -8.56 24.53 -17.96
N LYS D 437 -8.75 23.65 -18.94
CA LYS D 437 -7.75 23.45 -19.95
C LYS D 437 -7.74 24.62 -20.93
N ALA D 438 -8.92 25.23 -21.12
CA ALA D 438 -9.06 26.41 -21.97
C ALA D 438 -8.79 27.72 -21.23
N GLY D 439 -8.06 27.64 -20.12
CA GLY D 439 -7.72 28.83 -19.32
C GLY D 439 -8.86 29.46 -18.54
N LYS D 440 -10.01 28.78 -18.47
CA LYS D 440 -11.18 29.33 -17.76
C LYS D 440 -11.26 28.83 -16.33
N ASP D 441 -10.74 29.62 -15.40
CA ASP D 441 -10.59 29.18 -14.03
C ASP D 441 -11.29 30.02 -12.98
N ASP D 442 -12.33 30.76 -13.38
CA ASP D 442 -13.10 31.55 -12.42
C ASP D 442 -13.94 30.70 -11.49
N LEU D 443 -13.99 31.07 -10.21
CA LEU D 443 -14.81 30.35 -9.24
C LEU D 443 -15.70 31.28 -8.43
N TYR D 444 -15.53 32.59 -8.61
CA TYR D 444 -16.12 33.57 -7.71
C TYR D 444 -16.74 34.78 -8.40
N THR D 445 -17.89 35.24 -7.94
CA THR D 445 -18.50 36.45 -8.48
C THR D 445 -18.74 37.46 -7.36
N ASP D 446 -18.28 38.69 -7.57
CA ASP D 446 -18.43 39.77 -6.61
C ASP D 446 -19.92 40.11 -6.43
N TRP D 447 -20.31 40.57 -5.24
CA TRP D 447 -21.71 40.86 -4.96
C TRP D 447 -21.82 41.92 -3.87
N GLN D 448 -23.04 42.37 -3.62
CA GLN D 448 -23.28 43.29 -2.52
C GLN D 448 -24.71 43.11 -2.01
N TYR D 449 -24.93 43.46 -0.74
CA TYR D 449 -26.26 43.34 -0.14
C TYR D 449 -27.20 44.41 -0.66
N PRO D 450 -28.42 44.02 -1.01
CA PRO D 450 -29.51 44.99 -1.13
C PRO D 450 -29.86 45.53 0.25
N THR D 451 -30.47 46.70 0.30
CA THR D 451 -30.85 47.32 1.57
C THR D 451 -31.59 46.32 2.45
N GLU D 452 -32.49 45.57 1.82
CA GLU D 452 -33.28 44.56 2.50
C GLU D 452 -33.80 43.57 1.47
N SER D 453 -33.78 42.29 1.81
CA SER D 453 -34.25 41.29 0.88
C SER D 453 -34.43 39.93 1.54
N GLN D 454 -34.94 39.00 0.75
CA GLN D 454 -35.14 37.66 1.22
C GLN D 454 -34.73 36.68 0.12
N GLY D 455 -34.28 35.51 0.54
CA GLY D 455 -33.86 34.48 -0.41
C GLY D 455 -34.04 33.07 0.11
N VAL D 456 -34.20 32.13 -0.82
CA VAL D 456 -34.32 30.73 -0.47
C VAL D 456 -33.32 29.87 -1.25
N GLY D 457 -32.87 28.77 -0.65
CA GLY D 457 -31.98 27.84 -1.31
C GLY D 457 -32.57 26.44 -1.26
N PHE D 458 -32.61 25.76 -2.40
CA PHE D 458 -33.17 24.40 -2.48
C PHE D 458 -32.11 23.37 -2.76
N VAL D 459 -32.14 22.27 -2.02
CA VAL D 459 -31.18 21.20 -2.19
C VAL D 459 -31.95 19.88 -2.03
N ASN D 460 -31.82 18.98 -2.99
CA ASN D 460 -32.29 17.63 -2.73
C ASN D 460 -31.16 16.82 -2.14
N ALA D 461 -31.13 16.73 -0.81
CA ALA D 461 -30.09 16.01 -0.08
C ALA D 461 -30.38 14.51 -0.16
N PRO D 462 -29.43 13.69 0.29
CA PRO D 462 -29.62 12.24 0.22
C PRO D 462 -30.89 11.80 0.92
N ARG D 463 -31.35 12.57 1.91
CA ARG D 463 -32.56 12.20 2.64
C ARG D 463 -33.81 12.90 2.10
N GLY D 464 -33.62 13.87 1.22
CA GLY D 464 -34.75 14.51 0.55
C GLY D 464 -34.72 16.03 0.50
N MET D 465 -35.89 16.62 0.26
CA MET D 465 -35.98 18.06 0.00
C MET D 465 -35.58 19.00 1.17
N LEU D 466 -34.53 19.77 0.95
CA LEU D 466 -33.99 20.68 1.96
C LEU D 466 -34.17 22.11 1.48
N SER D 467 -34.72 22.97 2.34
CA SER D 467 -34.79 24.39 2.02
C SER D 467 -34.32 25.29 3.18
N HIS D 468 -33.53 26.32 2.84
CA HIS D 468 -33.07 27.32 3.81
C HIS D 468 -33.67 28.66 3.36
N TRP D 469 -34.23 29.41 4.31
CA TRP D 469 -34.91 30.68 4.00
C TRP D 469 -34.34 31.82 4.83
N ILE D 470 -33.89 32.88 4.17
CA ILE D 470 -33.36 34.03 4.88
C ILE D 470 -34.11 35.34 4.62
N VAL D 471 -34.37 36.10 5.69
CA VAL D 471 -34.79 37.49 5.57
C VAL D 471 -33.66 38.36 6.15
N GLN D 472 -33.16 39.30 5.35
CA GLN D 472 -32.04 40.16 5.81
C GLN D 472 -32.30 41.64 5.61
N ARG D 473 -31.81 42.45 6.55
CA ARG D 473 -31.84 43.89 6.41
C ARG D 473 -30.49 44.49 6.84
N GLY D 474 -29.99 45.44 6.07
CA GLY D 474 -28.72 46.09 6.39
C GLY D 474 -27.56 45.13 6.57
N GLY D 475 -27.57 44.03 5.82
CA GLY D 475 -26.53 43.04 5.90
C GLY D 475 -26.53 42.26 7.21
N LYS D 476 -27.72 42.09 7.79
CA LYS D 476 -27.92 41.33 9.03
C LYS D 476 -29.11 40.38 8.92
N ILE D 477 -29.00 39.21 9.56
CA ILE D 477 -30.10 38.24 9.60
C ILE D 477 -31.28 38.64 10.49
N GLU D 478 -32.45 38.78 9.88
CA GLU D 478 -33.68 39.05 10.62
C GLU D 478 -34.36 37.74 10.95
N ASN D 479 -34.46 36.88 9.95
CA ASN D 479 -35.02 35.55 10.10
C ASN D 479 -34.22 34.55 9.25
N PHE D 480 -33.97 33.37 9.82
CA PHE D 480 -33.31 32.29 9.09
C PHE D 480 -33.94 30.99 9.53
N GLN D 481 -34.65 30.34 8.62
CA GLN D 481 -35.36 29.11 8.94
C GLN D 481 -34.86 27.94 8.11
N LEU D 482 -34.69 26.78 8.74
CA LEU D 482 -34.40 25.59 7.95
C LEU D 482 -35.60 24.66 8.00
N VAL D 483 -35.95 24.11 6.85
CA VAL D 483 -36.95 23.05 6.76
C VAL D 483 -36.27 21.87 6.09
N VAL D 484 -36.00 20.81 6.85
CA VAL D 484 -35.13 19.75 6.34
C VAL D 484 -35.87 18.43 6.14
N PRO D 485 -35.35 17.55 5.29
CA PRO D 485 -36.12 16.37 4.84
C PRO D 485 -36.61 15.47 5.97
N SER D 486 -35.80 15.24 7.00
CA SER D 486 -36.26 14.44 8.12
C SER D 486 -37.38 15.17 8.90
N THR D 487 -37.43 16.49 8.80
CA THR D 487 -38.57 17.21 9.41
C THR D 487 -39.87 16.75 8.75
N TRP D 488 -39.85 16.64 7.42
CA TRP D 488 -41.01 16.14 6.68
C TRP D 488 -41.36 14.71 7.07
N ASN D 489 -40.38 13.82 6.95
CA ASN D 489 -40.60 12.38 7.09
C ASN D 489 -40.84 11.93 8.52
N LEU D 490 -40.18 12.59 9.48
CA LEU D 490 -40.25 12.10 10.85
C LEU D 490 -40.87 13.04 11.86
N GLY D 491 -41.32 14.21 11.43
CA GLY D 491 -42.01 15.15 12.30
C GLY D 491 -43.31 14.56 12.80
N PRO D 492 -43.92 15.20 13.80
CA PRO D 492 -45.18 14.70 14.36
C PRO D 492 -46.42 15.02 13.51
N ARG D 493 -47.59 14.78 14.08
CA ARG D 493 -48.85 15.17 13.44
C ARG D 493 -48.94 16.69 13.28
N CYS D 494 -49.69 17.12 12.28
CA CYS D 494 -50.01 18.53 12.10
C CYS D 494 -51.29 18.89 12.88
N ALA D 495 -51.80 20.11 12.68
CA ALA D 495 -52.98 20.57 13.42
C ALA D 495 -54.27 19.89 12.96
N GLU D 496 -54.24 19.25 11.79
CA GLU D 496 -55.39 18.50 11.32
C GLU D 496 -55.30 17.04 11.80
N GLY D 497 -54.26 16.73 12.57
CA GLY D 497 -54.08 15.39 13.09
C GLY D 497 -53.62 14.36 12.08
N LYS D 498 -53.14 14.81 10.93
CA LYS D 498 -52.61 13.90 9.91
C LYS D 498 -51.25 13.33 10.32
N LEU D 499 -51.12 12.02 10.18
CA LEU D 499 -49.89 11.30 10.50
C LEU D 499 -48.74 11.66 9.54
N SER D 500 -47.53 11.81 10.08
CA SER D 500 -46.37 12.03 9.23
C SER D 500 -46.10 10.77 8.43
N ALA D 501 -45.25 10.87 7.40
CA ALA D 501 -44.91 9.71 6.58
C ALA D 501 -44.50 8.48 7.39
N VAL D 502 -43.57 8.64 8.33
CA VAL D 502 -43.07 7.52 9.14
C VAL D 502 -44.17 6.92 10.02
N GLU D 503 -45.05 7.77 10.54
CA GLU D 503 -46.16 7.29 11.37
C GLU D 503 -47.16 6.48 10.54
N GLN D 504 -47.51 6.97 9.36
CA GLN D 504 -48.41 6.23 8.49
C GLN D 504 -47.79 4.89 8.07
N ALA D 505 -46.52 4.94 7.64
CA ALA D 505 -45.81 3.74 7.19
C ALA D 505 -45.80 2.61 8.21
N LEU D 506 -45.72 2.96 9.49
CA LEU D 506 -45.70 1.97 10.57
C LEU D 506 -47.00 1.19 10.74
N ILE D 507 -48.14 1.81 10.40
CA ILE D 507 -49.42 1.14 10.52
C ILE D 507 -49.47 -0.12 9.66
N GLY D 508 -49.89 -1.24 10.26
CA GLY D 508 -49.93 -2.50 9.53
C GLY D 508 -48.70 -3.36 9.77
N THR D 509 -47.63 -2.79 10.32
CA THR D 509 -46.43 -3.58 10.56
C THR D 509 -46.73 -4.73 11.53
N PRO D 510 -46.44 -5.94 11.07
CA PRO D 510 -46.52 -7.14 11.90
C PRO D 510 -45.33 -7.25 12.85
N ILE D 511 -45.57 -7.69 14.08
CA ILE D 511 -44.48 -7.89 15.03
C ILE D 511 -44.41 -9.35 15.49
N ALA D 512 -43.46 -10.09 14.92
CA ALA D 512 -43.28 -11.48 15.28
C ALA D 512 -43.02 -11.65 16.78
N ASP D 513 -42.15 -10.81 17.33
CA ASP D 513 -41.80 -10.90 18.75
C ASP D 513 -41.63 -9.51 19.39
N PRO D 514 -42.58 -9.15 20.25
CA PRO D 514 -42.63 -7.81 20.84
C PRO D 514 -41.41 -7.45 21.69
N LYS D 515 -40.62 -8.44 22.11
CA LYS D 515 -39.42 -8.15 22.89
C LYS D 515 -38.22 -7.81 22.00
N ARG D 516 -38.33 -8.15 20.72
CA ARG D 516 -37.31 -7.83 19.73
C ARG D 516 -38.00 -7.38 18.44
N PRO D 517 -38.51 -6.15 18.44
CA PRO D 517 -39.38 -5.66 17.37
C PRO D 517 -38.60 -5.17 16.15
N VAL D 518 -37.97 -6.08 15.43
CA VAL D 518 -37.06 -5.68 14.36
C VAL D 518 -37.83 -5.07 13.19
N GLU D 519 -39.09 -5.46 13.03
CA GLU D 519 -39.90 -4.93 11.94
C GLU D 519 -40.06 -3.42 12.06
N ILE D 520 -40.09 -2.91 13.29
CA ILE D 520 -40.18 -1.47 13.50
C ILE D 520 -38.96 -0.77 12.92
N LEU D 521 -37.79 -1.32 13.20
CA LEU D 521 -36.53 -0.78 12.72
C LEU D 521 -36.41 -0.83 11.20
N ARG D 522 -36.86 -1.93 10.59
CA ARG D 522 -36.81 -2.06 9.14
C ARG D 522 -37.44 -0.86 8.45
N THR D 523 -38.61 -0.45 8.94
CA THR D 523 -39.36 0.63 8.32
C THR D 523 -38.81 2.01 8.66
N VAL D 524 -38.45 2.21 9.93
CA VAL D 524 -37.88 3.48 10.35
C VAL D 524 -36.56 3.74 9.62
N HIS D 525 -35.69 2.73 9.61
CA HIS D 525 -34.39 2.84 8.93
C HIS D 525 -34.52 3.15 7.43
N SER D 526 -35.59 2.67 6.83
CA SER D 526 -35.75 2.82 5.38
C SER D 526 -35.94 4.29 5.05
N TYR D 527 -36.22 5.09 6.08
CA TYR D 527 -36.37 6.53 5.92
C TYR D 527 -35.04 7.24 6.13
N ASP D 528 -34.04 6.50 6.57
CA ASP D 528 -32.72 7.08 6.79
C ASP D 528 -32.81 8.29 7.73
N PRO D 529 -33.44 8.13 8.89
CA PRO D 529 -33.74 9.25 9.78
C PRO D 529 -32.50 10.01 10.27
N CYS D 530 -32.61 11.32 10.33
CA CYS D 530 -31.56 12.17 10.91
C CYS D 530 -32.22 13.21 11.80
N ILE D 531 -32.15 12.99 13.11
CA ILE D 531 -32.86 13.85 14.06
C ILE D 531 -32.18 15.20 14.33
N ALA D 532 -30.85 15.27 14.20
CA ALA D 532 -30.19 16.56 14.36
C ALA D 532 -30.57 17.45 13.18
N CYS D 533 -30.70 16.84 12.00
CA CYS D 533 -31.26 17.54 10.83
C CYS D 533 -32.69 18.02 11.06
N GLY D 534 -33.58 17.12 11.47
CA GLY D 534 -35.00 17.43 11.52
C GLY D 534 -35.38 18.49 12.55
N VAL D 535 -34.60 18.56 13.63
CA VAL D 535 -34.88 19.50 14.70
C VAL D 535 -34.00 20.77 14.58
N HIS D 536 -32.74 20.58 14.23
CA HIS D 536 -31.76 21.66 14.25
C HIS D 536 -31.95 22.61 15.46
FE1 SF4 E . 6.10 8.25 -5.41
FE2 SF4 E . 3.80 8.81 -4.02
FE3 SF4 E . 5.40 10.81 -4.76
FE4 SF4 E . 6.21 9.11 -2.82
S1 SF4 E . 4.44 10.55 -2.69
S2 SF4 E . 7.50 9.87 -4.54
S3 SF4 E . 5.29 7.12 -3.59
S4 SF4 E . 4.27 9.37 -6.19
FE1 F3S F . 9.81 -2.30 -5.57
FE3 F3S F . 8.70 0.08 -5.49
FE4 F3S F . 9.47 -1.07 -3.19
S1 F3S F . 10.15 -0.64 -6.98
S2 F3S F . 11.22 -2.28 -3.83
S3 F3S F . 7.89 -1.77 -4.60
S4 F3S F . 9.73 1.03 -3.80
FE1 SF4 G . 15.19 -12.21 -9.53
FE2 SF4 G . 12.70 -12.93 -10.11
FE3 SF4 G . 13.22 -10.51 -9.23
FE4 SF4 G . 13.48 -12.58 -7.50
S1 SF4 G . 11.52 -11.84 -8.44
S2 SF4 G . 14.92 -10.81 -7.73
S3 SF4 G . 14.20 -14.19 -8.96
S4 SF4 G . 13.97 -11.37 -11.23
S H2S H . 4.92 -10.53 -13.51
C1 GOL I . 19.74 -38.48 -11.26
O1 GOL I . 20.34 -38.51 -9.97
C2 GOL I . 18.92 -37.20 -11.37
O2 GOL I . 19.14 -36.57 -12.61
C3 GOL I . 17.44 -37.52 -11.25
O3 GOL I . 16.73 -36.30 -11.11
C1 GOL J . 13.04 -37.45 -6.51
O1 GOL J . 12.13 -36.72 -5.72
C2 GOL J . 13.86 -36.49 -7.36
O2 GOL J . 14.60 -35.66 -6.51
C3 GOL J . 14.81 -37.27 -8.26
O3 GOL J . 15.13 -38.50 -7.64
C1 GOL K . 6.48 -40.70 -3.86
O1 GOL K . 6.62 -40.10 -5.15
C2 GOL K . 5.15 -40.32 -3.23
O2 GOL K . 4.08 -40.66 -4.11
C3 GOL K . 4.97 -40.97 -1.86
O3 GOL K . 4.88 -39.95 -0.87
C1 GOL L . 17.96 15.10 1.70
O1 GOL L . 19.20 15.46 1.14
C2 GOL L . 17.07 14.49 0.62
O2 GOL L . 15.93 13.92 1.23
C3 GOL L . 16.62 15.57 -0.35
O3 GOL L . 16.99 15.24 -1.67
NI NI M . 25.55 -13.09 -11.86
MG MG N . 23.94 -12.22 -25.06
FE FCO O . 27.63 -11.66 -13.43
C1 FCO O . 28.59 -12.97 -14.42
N1 FCO O . 29.18 -13.80 -14.99
C2 FCO O . 29.20 -11.13 -12.47
N2 FCO O . 30.13 -10.80 -11.88
C3 FCO O . 27.97 -10.43 -14.59
O3 FCO O . 28.21 -9.58 -15.35
O1 PER P . 27.41 -12.83 -11.97
O2 PER P . 27.10 -13.36 -10.66
S H2S Q . 16.96 7.18 -17.20
C1 GOL R . 17.31 -36.08 -22.30
O1 GOL R . 16.00 -36.62 -22.32
C2 GOL R . 17.19 -34.67 -21.73
O2 GOL R . 17.67 -34.62 -20.40
C3 GOL R . 17.94 -33.70 -22.63
O3 GOL R . 17.66 -34.08 -23.95
C1 GOL S . 22.89 15.04 -25.51
O1 GOL S . 23.11 13.88 -24.77
C2 GOL S . 23.98 16.04 -25.12
O2 GOL S . 24.88 16.13 -26.20
C3 GOL S . 24.70 15.49 -23.88
O3 GOL S . 24.22 16.07 -22.68
FE1 SF4 T . -3.99 31.95 7.55
FE2 SF4 T . -1.46 32.31 8.64
FE3 SF4 T . -2.06 33.35 6.22
FE4 SF4 T . -1.85 30.67 6.48
S1 SF4 T . -0.17 32.17 6.74
S2 SF4 T . -3.47 31.77 5.31
S3 SF4 T . -2.69 30.38 8.61
S4 SF4 T . -3.04 33.90 8.26
FE1 F3S U . -10.63 23.89 11.91
FE3 F3S U . -8.97 25.88 11.10
FE4 F3S U . -8.20 23.28 11.00
S1 F3S U . -11.19 25.71 10.83
S2 F3S U . -10.11 22.18 10.62
S3 F3S U . -8.66 24.50 12.80
S4 F3S U . -7.84 24.84 9.49
FE1 SF4 V . -20.67 18.31 15.28
FE2 SF4 V . -20.00 19.41 17.67
FE3 SF4 V . -18.61 19.99 15.56
FE4 SF4 V . -18.40 17.45 16.49
S1 SF4 V . -17.70 19.37 17.56
S2 SF4 V . -18.62 18.07 14.30
S3 SF4 V . -20.56 17.22 17.28
S4 SF4 V . -20.88 20.49 15.85
S H2S W . -17.30 26.44 22.36
C1 GOL X . -2.28 26.22 -6.05
O1 GOL X . -2.72 26.19 -7.39
C2 GOL X . -2.49 27.62 -5.50
O2 GOL X . -1.95 27.72 -4.19
C3 GOL X . -4.00 27.89 -5.46
O3 GOL X . -4.25 29.26 -5.60
NI NI Y . -28.20 14.71 8.73
MG MG Z . -36.72 24.71 11.04
FE FCO AA . -29.80 15.70 6.52
C1 FCO AA . -31.64 15.26 6.74
N1 FCO AA . -32.75 14.97 6.84
C2 FCO AA . -29.72 14.74 4.88
N2 FCO AA . -29.71 14.18 3.85
C3 FCO AA . -30.28 17.07 5.61
O3 FCO AA . -30.65 17.97 4.97
O1 PER BA . -29.39 14.08 7.41
O2 PER BA . -28.63 12.87 7.58
S H2S CA . -19.01 34.41 1.98
#